data_8WB6
# 
_entry.id   8WB6 
# 
_audit_conform.dict_name       mmcif_pdbx.dic 
_audit_conform.dict_version    5.392 
_audit_conform.dict_location   http://mmcif.pdb.org/dictionaries/ascii/mmcif_pdbx.dic 
# 
loop_
_database_2.database_id 
_database_2.database_code 
_database_2.pdbx_database_accession 
_database_2.pdbx_DOI 
PDB   8WB6         pdb_00008wb6 10.2210/pdb8wb6/pdb 
WWPDB D_1300040901 ?            ?                   
EMDB  EMD-37416    ?            ?                   
# 
loop_
_pdbx_audit_revision_history.ordinal 
_pdbx_audit_revision_history.data_content_type 
_pdbx_audit_revision_history.major_revision 
_pdbx_audit_revision_history.minor_revision 
_pdbx_audit_revision_history.revision_date 
1 'Structure model' 1 0 2024-05-29 
2 'Structure model' 1 1 2024-06-05 
# 
_pdbx_audit_revision_details.ordinal             1 
_pdbx_audit_revision_details.revision_ordinal    1 
_pdbx_audit_revision_details.data_content_type   'Structure model' 
_pdbx_audit_revision_details.provider            repository 
_pdbx_audit_revision_details.type                'Initial release' 
_pdbx_audit_revision_details.description         ? 
_pdbx_audit_revision_details.details             ? 
# 
_pdbx_audit_revision_group.ordinal             1 
_pdbx_audit_revision_group.revision_ordinal    2 
_pdbx_audit_revision_group.data_content_type   'Structure model' 
_pdbx_audit_revision_group.group               'Database references' 
# 
loop_
_pdbx_audit_revision_category.ordinal 
_pdbx_audit_revision_category.revision_ordinal 
_pdbx_audit_revision_category.data_content_type 
_pdbx_audit_revision_category.category 
1 2 'Structure model' citation        
2 2 'Structure model' citation_author 
# 
loop_
_pdbx_audit_revision_item.ordinal 
_pdbx_audit_revision_item.revision_ordinal 
_pdbx_audit_revision_item.data_content_type 
_pdbx_audit_revision_item.item 
1  2 'Structure model' '_citation.country'                 
2  2 'Structure model' '_citation.journal_abbrev'          
3  2 'Structure model' '_citation.journal_id_ASTM'         
4  2 'Structure model' '_citation.journal_id_CSD'          
5  2 'Structure model' '_citation.journal_id_ISSN'         
6  2 'Structure model' '_citation.journal_volume'          
7  2 'Structure model' '_citation.page_first'              
8  2 'Structure model' '_citation.page_last'               
9  2 'Structure model' '_citation.pdbx_database_id_DOI'    
10 2 'Structure model' '_citation.pdbx_database_id_PubMed' 
11 2 'Structure model' '_citation.title'                   
12 2 'Structure model' '_citation.year'                    
# 
_pdbx_database_status.status_code                     REL 
_pdbx_database_status.status_code_sf                  ? 
_pdbx_database_status.status_code_mr                  ? 
_pdbx_database_status.entry_id                        8WB6 
_pdbx_database_status.recvd_initial_deposition_date   2023-09-08 
_pdbx_database_status.SG_entry                        N 
_pdbx_database_status.deposit_site                    PDBJ 
_pdbx_database_status.process_site                    PDBC 
_pdbx_database_status.status_code_cs                  ? 
_pdbx_database_status.status_code_nmr_data            ? 
_pdbx_database_status.methods_development_category    ? 
_pdbx_database_status.pdb_format_compatible           Y 
# 
_pdbx_database_related.db_name        EMDB 
_pdbx_database_related.details        'Cryo-EM structure of Snf7 N-terminal domain in outer coils of spiral polymers' 
_pdbx_database_related.db_id          EMD-37416 
_pdbx_database_related.content_type   'associated EM volume' 
# 
_pdbx_contact_author.id                 3 
_pdbx_contact_author.email              shenqt@sustech.edu.cn 
_pdbx_contact_author.name_first         Qingtao 
_pdbx_contact_author.name_last          Shen 
_pdbx_contact_author.name_mi            ? 
_pdbx_contact_author.role               'principal investigator/group leader' 
_pdbx_contact_author.identifier_ORCID   0000-0003-1672-6300 
# 
loop_
_audit_author.name 
_audit_author.pdbx_ordinal 
_audit_author.identifier_ORCID 
'Liu, M.D.'  1 ? 
'Shen, Q.T.' 2 ? 
# 
_citation.abstract                  ? 
_citation.abstract_id_CAS           ? 
_citation.book_id_ISBN              ? 
_citation.book_publisher            ? 
_citation.book_publisher_city       ? 
_citation.book_title                ? 
_citation.coordinate_linkage        ? 
_citation.country                   US 
_citation.database_id_Medline       ? 
_citation.details                   ? 
_citation.id                        primary 
_citation.journal_abbrev            Proc.Natl.Acad.Sci.USA 
_citation.journal_id_ASTM           PNASA6 
_citation.journal_id_CSD            0040 
_citation.journal_id_ISSN           1091-6490 
_citation.journal_full              ? 
_citation.journal_issue             ? 
_citation.journal_volume            121 
_citation.language                  ? 
_citation.page_first                e2319115121 
_citation.page_last                 e2319115121 
_citation.title                     'Three-dimensional architecture of ESCRT-III flat spirals on the membrane.' 
_citation.year                      2024 
_citation.database_id_CSD           ? 
_citation.pdbx_database_id_DOI      10.1073/pnas.2319115121 
_citation.pdbx_database_id_PubMed   38709931 
_citation.pdbx_database_id_patent   ? 
_citation.unpublished_flag          ? 
# 
loop_
_citation_author.citation_id 
_citation_author.name 
_citation_author.ordinal 
_citation_author.identifier_ORCID 
primary 'Liu, M.'     1 ?                   
primary 'Liu, Y.'     2 ?                   
primary 'Song, T.'    3 0000-0001-9830-7868 
primary 'Yang, L.'    4 ?                   
primary 'Qi, L.'      5 ?                   
primary 'Zhang, Y.Z.' 6 0000-0002-2017-1005 
primary 'Wang, Y.'    7 ?                   
primary 'Shen, Q.T.'  8 0000-0003-1672-6300 
# 
_entity.id                         1 
_entity.type                       polymer 
_entity.src_method                 man 
_entity.pdbx_description           'SNF7 isoform 1' 
_entity.formula_weight             27020.119 
_entity.pdbx_number_of_molecules   1 
_entity.pdbx_ec                    ? 
_entity.pdbx_mutation              ? 
_entity.pdbx_fragment              ? 
_entity.details                    ? 
# 
_entity_poly.entity_id                      1 
_entity_poly.type                           'polypeptide(L)' 
_entity_poly.nstd_linkage                   no 
_entity_poly.nstd_monomer                   no 
_entity_poly.pdbx_seq_one_letter_code       
;MWSSLFGWTSSNAKNKESPTKAIVRLREHINLLSKKQSHLRTQITNQENEARIFLTKGNKVMAKNALKKKKTIEQLLSKV
EGTMESMEQQLFSIESANLNLETMRAMQEGAKAMKTIHSGLDIDKVDETMDEIREQVELGDEISDAISRPLITGANEVDE
DELDEELDMLAQENANQETSKIVNNNVNAAPISENKVSLPSVPSNKIKQSENSVKDGEEEEDEEDEDEKALRELQAEMGL
;
_entity_poly.pdbx_seq_one_letter_code_can   
;MWSSLFGWTSSNAKNKESPTKAIVRLREHINLLSKKQSHLRTQITNQENEARIFLTKGNKVMAKNALKKKKTIEQLLSKV
EGTMESMEQQLFSIESANLNLETMRAMQEGAKAMKTIHSGLDIDKVDETMDEIREQVELGDEISDAISRPLITGANEVDE
DELDEELDMLAQENANQETSKIVNNNVNAAPISENKVSLPSVPSNKIKQSENSVKDGEEEEDEEDEDEKALRELQAEMGL
;
_entity_poly.pdbx_strand_id                 A 
_entity_poly.pdbx_target_identifier         ? 
# 
loop_
_entity_poly_seq.entity_id 
_entity_poly_seq.num 
_entity_poly_seq.mon_id 
_entity_poly_seq.hetero 
1 1   MET n 
1 2   TRP n 
1 3   SER n 
1 4   SER n 
1 5   LEU n 
1 6   PHE n 
1 7   GLY n 
1 8   TRP n 
1 9   THR n 
1 10  SER n 
1 11  SER n 
1 12  ASN n 
1 13  ALA n 
1 14  LYS n 
1 15  ASN n 
1 16  LYS n 
1 17  GLU n 
1 18  SER n 
1 19  PRO n 
1 20  THR n 
1 21  LYS n 
1 22  ALA n 
1 23  ILE n 
1 24  VAL n 
1 25  ARG n 
1 26  LEU n 
1 27  ARG n 
1 28  GLU n 
1 29  HIS n 
1 30  ILE n 
1 31  ASN n 
1 32  LEU n 
1 33  LEU n 
1 34  SER n 
1 35  LYS n 
1 36  LYS n 
1 37  GLN n 
1 38  SER n 
1 39  HIS n 
1 40  LEU n 
1 41  ARG n 
1 42  THR n 
1 43  GLN n 
1 44  ILE n 
1 45  THR n 
1 46  ASN n 
1 47  GLN n 
1 48  GLU n 
1 49  ASN n 
1 50  GLU n 
1 51  ALA n 
1 52  ARG n 
1 53  ILE n 
1 54  PHE n 
1 55  LEU n 
1 56  THR n 
1 57  LYS n 
1 58  GLY n 
1 59  ASN n 
1 60  LYS n 
1 61  VAL n 
1 62  MET n 
1 63  ALA n 
1 64  LYS n 
1 65  ASN n 
1 66  ALA n 
1 67  LEU n 
1 68  LYS n 
1 69  LYS n 
1 70  LYS n 
1 71  LYS n 
1 72  THR n 
1 73  ILE n 
1 74  GLU n 
1 75  GLN n 
1 76  LEU n 
1 77  LEU n 
1 78  SER n 
1 79  LYS n 
1 80  VAL n 
1 81  GLU n 
1 82  GLY n 
1 83  THR n 
1 84  MET n 
1 85  GLU n 
1 86  SER n 
1 87  MET n 
1 88  GLU n 
1 89  GLN n 
1 90  GLN n 
1 91  LEU n 
1 92  PHE n 
1 93  SER n 
1 94  ILE n 
1 95  GLU n 
1 96  SER n 
1 97  ALA n 
1 98  ASN n 
1 99  LEU n 
1 100 ASN n 
1 101 LEU n 
1 102 GLU n 
1 103 THR n 
1 104 MET n 
1 105 ARG n 
1 106 ALA n 
1 107 MET n 
1 108 GLN n 
1 109 GLU n 
1 110 GLY n 
1 111 ALA n 
1 112 LYS n 
1 113 ALA n 
1 114 MET n 
1 115 LYS n 
1 116 THR n 
1 117 ILE n 
1 118 HIS n 
1 119 SER n 
1 120 GLY n 
1 121 LEU n 
1 122 ASP n 
1 123 ILE n 
1 124 ASP n 
1 125 LYS n 
1 126 VAL n 
1 127 ASP n 
1 128 GLU n 
1 129 THR n 
1 130 MET n 
1 131 ASP n 
1 132 GLU n 
1 133 ILE n 
1 134 ARG n 
1 135 GLU n 
1 136 GLN n 
1 137 VAL n 
1 138 GLU n 
1 139 LEU n 
1 140 GLY n 
1 141 ASP n 
1 142 GLU n 
1 143 ILE n 
1 144 SER n 
1 145 ASP n 
1 146 ALA n 
1 147 ILE n 
1 148 SER n 
1 149 ARG n 
1 150 PRO n 
1 151 LEU n 
1 152 ILE n 
1 153 THR n 
1 154 GLY n 
1 155 ALA n 
1 156 ASN n 
1 157 GLU n 
1 158 VAL n 
1 159 ASP n 
1 160 GLU n 
1 161 ASP n 
1 162 GLU n 
1 163 LEU n 
1 164 ASP n 
1 165 GLU n 
1 166 GLU n 
1 167 LEU n 
1 168 ASP n 
1 169 MET n 
1 170 LEU n 
1 171 ALA n 
1 172 GLN n 
1 173 GLU n 
1 174 ASN n 
1 175 ALA n 
1 176 ASN n 
1 177 GLN n 
1 178 GLU n 
1 179 THR n 
1 180 SER n 
1 181 LYS n 
1 182 ILE n 
1 183 VAL n 
1 184 ASN n 
1 185 ASN n 
1 186 ASN n 
1 187 VAL n 
1 188 ASN n 
1 189 ALA n 
1 190 ALA n 
1 191 PRO n 
1 192 ILE n 
1 193 SER n 
1 194 GLU n 
1 195 ASN n 
1 196 LYS n 
1 197 VAL n 
1 198 SER n 
1 199 LEU n 
1 200 PRO n 
1 201 SER n 
1 202 VAL n 
1 203 PRO n 
1 204 SER n 
1 205 ASN n 
1 206 LYS n 
1 207 ILE n 
1 208 LYS n 
1 209 GLN n 
1 210 SER n 
1 211 GLU n 
1 212 ASN n 
1 213 SER n 
1 214 VAL n 
1 215 LYS n 
1 216 ASP n 
1 217 GLY n 
1 218 GLU n 
1 219 GLU n 
1 220 GLU n 
1 221 GLU n 
1 222 ASP n 
1 223 GLU n 
1 224 GLU n 
1 225 ASP n 
1 226 GLU n 
1 227 ASP n 
1 228 GLU n 
1 229 LYS n 
1 230 ALA n 
1 231 LEU n 
1 232 ARG n 
1 233 GLU n 
1 234 LEU n 
1 235 GLN n 
1 236 ALA n 
1 237 GLU n 
1 238 MET n 
1 239 GLY n 
1 240 LEU n 
# 
_entity_src_gen.entity_id                          1 
_entity_src_gen.pdbx_src_id                        1 
_entity_src_gen.pdbx_alt_source_flag               sample 
_entity_src_gen.pdbx_seq_type                      'Biological sequence' 
_entity_src_gen.pdbx_beg_seq_num                   1 
_entity_src_gen.pdbx_end_seq_num                   240 
_entity_src_gen.gene_src_common_name               
;brewer's yeast
;
_entity_src_gen.gene_src_genus                     ? 
_entity_src_gen.pdbx_gene_src_gene                 'SNF7, GI527_G0003841' 
_entity_src_gen.gene_src_species                   ? 
_entity_src_gen.gene_src_strain                    ? 
_entity_src_gen.gene_src_tissue                    ? 
_entity_src_gen.gene_src_tissue_fraction           ? 
_entity_src_gen.gene_src_details                   ? 
_entity_src_gen.pdbx_gene_src_fragment             ? 
_entity_src_gen.pdbx_gene_src_scientific_name      'Saccharomyces cerevisiae' 
_entity_src_gen.pdbx_gene_src_ncbi_taxonomy_id     4932 
_entity_src_gen.pdbx_gene_src_variant              ? 
_entity_src_gen.pdbx_gene_src_cell_line            ? 
_entity_src_gen.pdbx_gene_src_atcc                 ? 
_entity_src_gen.pdbx_gene_src_organ                ? 
_entity_src_gen.pdbx_gene_src_organelle            ? 
_entity_src_gen.pdbx_gene_src_cell                 ? 
_entity_src_gen.pdbx_gene_src_cellular_location    ? 
_entity_src_gen.host_org_common_name               ? 
_entity_src_gen.pdbx_host_org_scientific_name      'Escherichia coli' 
_entity_src_gen.pdbx_host_org_ncbi_taxonomy_id     562 
_entity_src_gen.host_org_genus                     ? 
_entity_src_gen.pdbx_host_org_gene                 ? 
_entity_src_gen.pdbx_host_org_organ                ? 
_entity_src_gen.host_org_species                   ? 
_entity_src_gen.pdbx_host_org_tissue               ? 
_entity_src_gen.pdbx_host_org_tissue_fraction      ? 
_entity_src_gen.pdbx_host_org_strain               ? 
_entity_src_gen.pdbx_host_org_variant              ? 
_entity_src_gen.pdbx_host_org_cell_line            ? 
_entity_src_gen.pdbx_host_org_atcc                 ? 
_entity_src_gen.pdbx_host_org_culture_collection   ? 
_entity_src_gen.pdbx_host_org_cell                 ? 
_entity_src_gen.pdbx_host_org_organelle            ? 
_entity_src_gen.pdbx_host_org_cellular_location    ? 
_entity_src_gen.pdbx_host_org_vector_type          ? 
_entity_src_gen.pdbx_host_org_vector               ? 
_entity_src_gen.host_org_details                   ? 
_entity_src_gen.expression_system_id               ? 
_entity_src_gen.plasmid_name                       ? 
_entity_src_gen.plasmid_details                    ? 
_entity_src_gen.pdbx_description                   ? 
# 
loop_
_chem_comp.id 
_chem_comp.type 
_chem_comp.mon_nstd_flag 
_chem_comp.name 
_chem_comp.pdbx_synonyms 
_chem_comp.formula 
_chem_comp.formula_weight 
ALA 'L-peptide linking' y ALANINE         ? 'C3 H7 N O2'     89.093  
ARG 'L-peptide linking' y ARGININE        ? 'C6 H15 N4 O2 1' 175.209 
ASN 'L-peptide linking' y ASPARAGINE      ? 'C4 H8 N2 O3'    132.118 
ASP 'L-peptide linking' y 'ASPARTIC ACID' ? 'C4 H7 N O4'     133.103 
GLN 'L-peptide linking' y GLUTAMINE       ? 'C5 H10 N2 O3'   146.144 
GLU 'L-peptide linking' y 'GLUTAMIC ACID' ? 'C5 H9 N O4'     147.129 
GLY 'peptide linking'   y GLYCINE         ? 'C2 H5 N O2'     75.067  
HIS 'L-peptide linking' y HISTIDINE       ? 'C6 H10 N3 O2 1' 156.162 
ILE 'L-peptide linking' y ISOLEUCINE      ? 'C6 H13 N O2'    131.173 
LEU 'L-peptide linking' y LEUCINE         ? 'C6 H13 N O2'    131.173 
LYS 'L-peptide linking' y LYSINE          ? 'C6 H15 N2 O2 1' 147.195 
MET 'L-peptide linking' y METHIONINE      ? 'C5 H11 N O2 S'  149.211 
PHE 'L-peptide linking' y PHENYLALANINE   ? 'C9 H11 N O2'    165.189 
PRO 'L-peptide linking' y PROLINE         ? 'C5 H9 N O2'     115.130 
SER 'L-peptide linking' y SERINE          ? 'C3 H7 N O3'     105.093 
THR 'L-peptide linking' y THREONINE       ? 'C4 H9 N O3'     119.119 
TRP 'L-peptide linking' y TRYPTOPHAN      ? 'C11 H12 N2 O2'  204.225 
VAL 'L-peptide linking' y VALINE          ? 'C5 H11 N O2'    117.146 
# 
loop_
_pdbx_poly_seq_scheme.asym_id 
_pdbx_poly_seq_scheme.entity_id 
_pdbx_poly_seq_scheme.seq_id 
_pdbx_poly_seq_scheme.mon_id 
_pdbx_poly_seq_scheme.ndb_seq_num 
_pdbx_poly_seq_scheme.pdb_seq_num 
_pdbx_poly_seq_scheme.auth_seq_num 
_pdbx_poly_seq_scheme.pdb_mon_id 
_pdbx_poly_seq_scheme.auth_mon_id 
_pdbx_poly_seq_scheme.pdb_strand_id 
_pdbx_poly_seq_scheme.pdb_ins_code 
_pdbx_poly_seq_scheme.hetero 
A 1 1   MET 1   1   ?   ?   ?   A . n 
A 1 2   TRP 2   2   ?   ?   ?   A . n 
A 1 3   SER 3   3   ?   ?   ?   A . n 
A 1 4   SER 4   4   ?   ?   ?   A . n 
A 1 5   LEU 5   5   ?   ?   ?   A . n 
A 1 6   PHE 6   6   ?   ?   ?   A . n 
A 1 7   GLY 7   7   ?   ?   ?   A . n 
A 1 8   TRP 8   8   ?   ?   ?   A . n 
A 1 9   THR 9   9   ?   ?   ?   A . n 
A 1 10  SER 10  10  ?   ?   ?   A . n 
A 1 11  SER 11  11  ?   ?   ?   A . n 
A 1 12  ASN 12  12  ?   ?   ?   A . n 
A 1 13  ALA 13  13  ?   ?   ?   A . n 
A 1 14  LYS 14  14  ?   ?   ?   A . n 
A 1 15  ASN 15  15  ?   ?   ?   A . n 
A 1 16  LYS 16  16  ?   ?   ?   A . n 
A 1 17  GLU 17  17  ?   ?   ?   A . n 
A 1 18  SER 18  18  18  SER SER A . n 
A 1 19  PRO 19  19  19  PRO PRO A . n 
A 1 20  THR 20  20  20  THR THR A . n 
A 1 21  LYS 21  21  21  LYS LYS A . n 
A 1 22  ALA 22  22  22  ALA ALA A . n 
A 1 23  ILE 23  23  23  ILE ILE A . n 
A 1 24  VAL 24  24  24  VAL VAL A . n 
A 1 25  ARG 25  25  25  ARG ARG A . n 
A 1 26  LEU 26  26  26  LEU LEU A . n 
A 1 27  ARG 27  27  27  ARG ARG A . n 
A 1 28  GLU 28  28  28  GLU GLU A . n 
A 1 29  HIS 29  29  29  HIS HIS A . n 
A 1 30  ILE 30  30  30  ILE ILE A . n 
A 1 31  ASN 31  31  31  ASN ASN A . n 
A 1 32  LEU 32  32  32  LEU LEU A . n 
A 1 33  LEU 33  33  33  LEU LEU A . n 
A 1 34  SER 34  34  34  SER SER A . n 
A 1 35  LYS 35  35  35  LYS LYS A . n 
A 1 36  LYS 36  36  36  LYS LYS A . n 
A 1 37  GLN 37  37  37  GLN GLN A . n 
A 1 38  SER 38  38  38  SER SER A . n 
A 1 39  HIS 39  39  39  HIS HIS A . n 
A 1 40  LEU 40  40  40  LEU LEU A . n 
A 1 41  ARG 41  41  41  ARG ARG A . n 
A 1 42  THR 42  42  42  THR THR A . n 
A 1 43  GLN 43  43  43  GLN GLN A . n 
A 1 44  ILE 44  44  44  ILE ILE A . n 
A 1 45  THR 45  45  45  THR THR A . n 
A 1 46  ASN 46  46  46  ASN ASN A . n 
A 1 47  GLN 47  47  47  GLN GLN A . n 
A 1 48  GLU 48  48  48  GLU GLU A . n 
A 1 49  ASN 49  49  49  ASN ASN A . n 
A 1 50  GLU 50  50  50  GLU GLU A . n 
A 1 51  ALA 51  51  51  ALA ALA A . n 
A 1 52  ARG 52  52  52  ARG ARG A . n 
A 1 53  ILE 53  53  53  ILE ILE A . n 
A 1 54  PHE 54  54  54  PHE PHE A . n 
A 1 55  LEU 55  55  55  LEU LEU A . n 
A 1 56  THR 56  56  56  THR THR A . n 
A 1 57  LYS 57  57  57  LYS LYS A . n 
A 1 58  GLY 58  58  58  GLY GLY A . n 
A 1 59  ASN 59  59  59  ASN ASN A . n 
A 1 60  LYS 60  60  60  LYS LYS A . n 
A 1 61  VAL 61  61  61  VAL VAL A . n 
A 1 62  MET 62  62  62  MET MET A . n 
A 1 63  ALA 63  63  63  ALA ALA A . n 
A 1 64  LYS 64  64  64  LYS LYS A . n 
A 1 65  ASN 65  65  65  ASN ASN A . n 
A 1 66  ALA 66  66  66  ALA ALA A . n 
A 1 67  LEU 67  67  67  LEU LEU A . n 
A 1 68  LYS 68  68  68  LYS LYS A . n 
A 1 69  LYS 69  69  69  LYS LYS A . n 
A 1 70  LYS 70  70  70  LYS LYS A . n 
A 1 71  LYS 71  71  71  LYS LYS A . n 
A 1 72  THR 72  72  72  THR THR A . n 
A 1 73  ILE 73  73  73  ILE ILE A . n 
A 1 74  GLU 74  74  74  GLU GLU A . n 
A 1 75  GLN 75  75  75  GLN GLN A . n 
A 1 76  LEU 76  76  76  LEU LEU A . n 
A 1 77  LEU 77  77  77  LEU LEU A . n 
A 1 78  SER 78  78  78  SER SER A . n 
A 1 79  LYS 79  79  79  LYS LYS A . n 
A 1 80  VAL 80  80  80  VAL VAL A . n 
A 1 81  GLU 81  81  81  GLU GLU A . n 
A 1 82  GLY 82  82  82  GLY GLY A . n 
A 1 83  THR 83  83  83  THR THR A . n 
A 1 84  MET 84  84  84  MET MET A . n 
A 1 85  GLU 85  85  85  GLU GLU A . n 
A 1 86  SER 86  86  86  SER SER A . n 
A 1 87  MET 87  87  87  MET MET A . n 
A 1 88  GLU 88  88  88  GLU GLU A . n 
A 1 89  GLN 89  89  89  GLN GLN A . n 
A 1 90  GLN 90  90  90  GLN GLN A . n 
A 1 91  LEU 91  91  91  LEU LEU A . n 
A 1 92  PHE 92  92  92  PHE PHE A . n 
A 1 93  SER 93  93  93  SER SER A . n 
A 1 94  ILE 94  94  94  ILE ILE A . n 
A 1 95  GLU 95  95  95  GLU GLU A . n 
A 1 96  SER 96  96  96  SER SER A . n 
A 1 97  ALA 97  97  97  ALA ALA A . n 
A 1 98  ASN 98  98  98  ASN ASN A . n 
A 1 99  LEU 99  99  99  LEU LEU A . n 
A 1 100 ASN 100 100 100 ASN ASN A . n 
A 1 101 LEU 101 101 101 LEU LEU A . n 
A 1 102 GLU 102 102 102 GLU GLU A . n 
A 1 103 THR 103 103 103 THR THR A . n 
A 1 104 MET 104 104 104 MET MET A . n 
A 1 105 ARG 105 105 105 ARG ARG A . n 
A 1 106 ALA 106 106 106 ALA ALA A . n 
A 1 107 MET 107 107 107 MET MET A . n 
A 1 108 GLN 108 108 108 GLN GLN A . n 
A 1 109 GLU 109 109 109 GLU GLU A . n 
A 1 110 GLY 110 110 110 GLY GLY A . n 
A 1 111 ALA 111 111 111 ALA ALA A . n 
A 1 112 LYS 112 112 112 LYS LYS A . n 
A 1 113 ALA 113 113 113 ALA ALA A . n 
A 1 114 MET 114 114 114 MET MET A . n 
A 1 115 LYS 115 115 115 LYS LYS A . n 
A 1 116 THR 116 116 116 THR THR A . n 
A 1 117 ILE 117 117 117 ILE ILE A . n 
A 1 118 HIS 118 118 118 HIS HIS A . n 
A 1 119 SER 119 119 119 SER SER A . n 
A 1 120 GLY 120 120 ?   ?   ?   A . n 
A 1 121 LEU 121 121 ?   ?   ?   A . n 
A 1 122 ASP 122 122 ?   ?   ?   A . n 
A 1 123 ILE 123 123 ?   ?   ?   A . n 
A 1 124 ASP 124 124 ?   ?   ?   A . n 
A 1 125 LYS 125 125 ?   ?   ?   A . n 
A 1 126 VAL 126 126 ?   ?   ?   A . n 
A 1 127 ASP 127 127 ?   ?   ?   A . n 
A 1 128 GLU 128 128 ?   ?   ?   A . n 
A 1 129 THR 129 129 ?   ?   ?   A . n 
A 1 130 MET 130 130 ?   ?   ?   A . n 
A 1 131 ASP 131 131 ?   ?   ?   A . n 
A 1 132 GLU 132 132 ?   ?   ?   A . n 
A 1 133 ILE 133 133 ?   ?   ?   A . n 
A 1 134 ARG 134 134 ?   ?   ?   A . n 
A 1 135 GLU 135 135 ?   ?   ?   A . n 
A 1 136 GLN 136 136 ?   ?   ?   A . n 
A 1 137 VAL 137 137 ?   ?   ?   A . n 
A 1 138 GLU 138 138 ?   ?   ?   A . n 
A 1 139 LEU 139 139 ?   ?   ?   A . n 
A 1 140 GLY 140 140 ?   ?   ?   A . n 
A 1 141 ASP 141 141 ?   ?   ?   A . n 
A 1 142 GLU 142 142 ?   ?   ?   A . n 
A 1 143 ILE 143 143 ?   ?   ?   A . n 
A 1 144 SER 144 144 ?   ?   ?   A . n 
A 1 145 ASP 145 145 ?   ?   ?   A . n 
A 1 146 ALA 146 146 ?   ?   ?   A . n 
A 1 147 ILE 147 147 ?   ?   ?   A . n 
A 1 148 SER 148 148 ?   ?   ?   A . n 
A 1 149 ARG 149 149 ?   ?   ?   A . n 
A 1 150 PRO 150 150 ?   ?   ?   A . n 
A 1 151 LEU 151 151 ?   ?   ?   A . n 
A 1 152 ILE 152 152 ?   ?   ?   A . n 
A 1 153 THR 153 153 ?   ?   ?   A . n 
A 1 154 GLY 154 154 ?   ?   ?   A . n 
A 1 155 ALA 155 155 ?   ?   ?   A . n 
A 1 156 ASN 156 156 ?   ?   ?   A . n 
A 1 157 GLU 157 157 ?   ?   ?   A . n 
A 1 158 VAL 158 158 ?   ?   ?   A . n 
A 1 159 ASP 159 159 ?   ?   ?   A . n 
A 1 160 GLU 160 160 ?   ?   ?   A . n 
A 1 161 ASP 161 161 ?   ?   ?   A . n 
A 1 162 GLU 162 162 ?   ?   ?   A . n 
A 1 163 LEU 163 163 ?   ?   ?   A . n 
A 1 164 ASP 164 164 ?   ?   ?   A . n 
A 1 165 GLU 165 165 ?   ?   ?   A . n 
A 1 166 GLU 166 166 ?   ?   ?   A . n 
A 1 167 LEU 167 167 ?   ?   ?   A . n 
A 1 168 ASP 168 168 ?   ?   ?   A . n 
A 1 169 MET 169 169 ?   ?   ?   A . n 
A 1 170 LEU 170 170 ?   ?   ?   A . n 
A 1 171 ALA 171 171 ?   ?   ?   A . n 
A 1 172 GLN 172 172 ?   ?   ?   A . n 
A 1 173 GLU 173 173 ?   ?   ?   A . n 
A 1 174 ASN 174 174 ?   ?   ?   A . n 
A 1 175 ALA 175 175 ?   ?   ?   A . n 
A 1 176 ASN 176 176 ?   ?   ?   A . n 
A 1 177 GLN 177 177 ?   ?   ?   A . n 
A 1 178 GLU 178 178 ?   ?   ?   A . n 
A 1 179 THR 179 179 ?   ?   ?   A . n 
A 1 180 SER 180 180 ?   ?   ?   A . n 
A 1 181 LYS 181 181 ?   ?   ?   A . n 
A 1 182 ILE 182 182 ?   ?   ?   A . n 
A 1 183 VAL 183 183 ?   ?   ?   A . n 
A 1 184 ASN 184 184 ?   ?   ?   A . n 
A 1 185 ASN 185 185 ?   ?   ?   A . n 
A 1 186 ASN 186 186 ?   ?   ?   A . n 
A 1 187 VAL 187 187 ?   ?   ?   A . n 
A 1 188 ASN 188 188 ?   ?   ?   A . n 
A 1 189 ALA 189 189 ?   ?   ?   A . n 
A 1 190 ALA 190 190 ?   ?   ?   A . n 
A 1 191 PRO 191 191 ?   ?   ?   A . n 
A 1 192 ILE 192 192 ?   ?   ?   A . n 
A 1 193 SER 193 193 ?   ?   ?   A . n 
A 1 194 GLU 194 194 ?   ?   ?   A . n 
A 1 195 ASN 195 195 ?   ?   ?   A . n 
A 1 196 LYS 196 196 ?   ?   ?   A . n 
A 1 197 VAL 197 197 ?   ?   ?   A . n 
A 1 198 SER 198 198 ?   ?   ?   A . n 
A 1 199 LEU 199 199 ?   ?   ?   A . n 
A 1 200 PRO 200 200 ?   ?   ?   A . n 
A 1 201 SER 201 201 ?   ?   ?   A . n 
A 1 202 VAL 202 202 ?   ?   ?   A . n 
A 1 203 PRO 203 203 ?   ?   ?   A . n 
A 1 204 SER 204 204 ?   ?   ?   A . n 
A 1 205 ASN 205 205 ?   ?   ?   A . n 
A 1 206 LYS 206 206 ?   ?   ?   A . n 
A 1 207 ILE 207 207 ?   ?   ?   A . n 
A 1 208 LYS 208 208 ?   ?   ?   A . n 
A 1 209 GLN 209 209 ?   ?   ?   A . n 
A 1 210 SER 210 210 ?   ?   ?   A . n 
A 1 211 GLU 211 211 ?   ?   ?   A . n 
A 1 212 ASN 212 212 ?   ?   ?   A . n 
A 1 213 SER 213 213 ?   ?   ?   A . n 
A 1 214 VAL 214 214 ?   ?   ?   A . n 
A 1 215 LYS 215 215 ?   ?   ?   A . n 
A 1 216 ASP 216 216 ?   ?   ?   A . n 
A 1 217 GLY 217 217 ?   ?   ?   A . n 
A 1 218 GLU 218 218 ?   ?   ?   A . n 
A 1 219 GLU 219 219 ?   ?   ?   A . n 
A 1 220 GLU 220 220 ?   ?   ?   A . n 
A 1 221 GLU 221 221 ?   ?   ?   A . n 
A 1 222 ASP 222 222 ?   ?   ?   A . n 
A 1 223 GLU 223 223 ?   ?   ?   A . n 
A 1 224 GLU 224 224 ?   ?   ?   A . n 
A 1 225 ASP 225 225 ?   ?   ?   A . n 
A 1 226 GLU 226 226 ?   ?   ?   A . n 
A 1 227 ASP 227 227 ?   ?   ?   A . n 
A 1 228 GLU 228 228 ?   ?   ?   A . n 
A 1 229 LYS 229 229 ?   ?   ?   A . n 
A 1 230 ALA 230 230 ?   ?   ?   A . n 
A 1 231 LEU 231 231 ?   ?   ?   A . n 
A 1 232 ARG 232 232 ?   ?   ?   A . n 
A 1 233 GLU 233 233 ?   ?   ?   A . n 
A 1 234 LEU 234 234 ?   ?   ?   A . n 
A 1 235 GLN 235 235 ?   ?   ?   A . n 
A 1 236 ALA 236 236 ?   ?   ?   A . n 
A 1 237 GLU 237 237 ?   ?   ?   A . n 
A 1 238 MET 238 238 ?   ?   ?   A . n 
A 1 239 GLY 239 239 ?   ?   ?   A . n 
A 1 240 LEU 240 240 ?   ?   ?   A . n 
# 
_exptl.absorpt_coefficient_mu     ? 
_exptl.absorpt_correction_T_max   ? 
_exptl.absorpt_correction_T_min   ? 
_exptl.absorpt_correction_type    ? 
_exptl.absorpt_process_details    ? 
_exptl.entry_id                   8WB6 
_exptl.crystals_number            ? 
_exptl.details                    ? 
_exptl.method                     'ELECTRON MICROSCOPY' 
_exptl.method_details             ? 
# 
_struct.entry_id                     8WB6 
_struct.title                        'Cryo-EM structure of Snf7 N-terminal domain in outer coils of spiral polymers' 
_struct.pdbx_model_details           ? 
_struct.pdbx_formula_weight          ? 
_struct.pdbx_formula_weight_method   ? 
_struct.pdbx_model_type_details      ? 
_struct.pdbx_CASP_flag               N 
# 
_struct_keywords.entry_id        8WB6 
_struct_keywords.text            
;membrane fission, spiral polymers, N-terminal domain, "open" status, PROTEIN TRANSPORT
;
_struct_keywords.pdbx_keywords   'PROTEIN TRANSPORT' 
# 
_struct_asym.id                            A 
_struct_asym.pdbx_blank_PDB_chainid_flag   N 
_struct_asym.pdbx_modified                 N 
_struct_asym.entity_id                     1 
_struct_asym.details                       ? 
# 
_struct_ref.id                         1 
_struct_ref.db_name                    UNP 
_struct_ref.db_code                    A0A6A5PQK0_YEASX 
_struct_ref.pdbx_db_accession          A0A6A5PQK0 
_struct_ref.pdbx_db_isoform            ? 
_struct_ref.entity_id                  1 
_struct_ref.pdbx_seq_one_letter_code   
;MWSSLFGWTSSNAKNKESPTKAIVRLREHINLLSKKQSHLRTQITNQENEARIFLTKGNKVMAKNALKKKKTIEQLLSKV
EGTMESMEQQLFSIESANLNLETMRAMQEGAKAMKTIHSGLDIDKVDETMDEIREQVELGDEISDAISRPLITGANEVDE
DELDEELDMLAQENANQETSKIVNNNVNAAPISENKVSLPSVPSNKIKQSENSVKDGEEEEDEEDEDEKALRELQAEMGL

;
_struct_ref.pdbx_align_begin           1 
# 
_struct_ref_seq.align_id                      1 
_struct_ref_seq.ref_id                        1 
_struct_ref_seq.pdbx_PDB_id_code              8WB6 
_struct_ref_seq.pdbx_strand_id                A 
_struct_ref_seq.seq_align_beg                 1 
_struct_ref_seq.pdbx_seq_align_beg_ins_code   ? 
_struct_ref_seq.seq_align_end                 240 
_struct_ref_seq.pdbx_seq_align_end_ins_code   ? 
_struct_ref_seq.pdbx_db_accession             A0A6A5PQK0 
_struct_ref_seq.db_align_beg                  1 
_struct_ref_seq.pdbx_db_align_beg_ins_code    ? 
_struct_ref_seq.db_align_end                  240 
_struct_ref_seq.pdbx_db_align_end_ins_code    ? 
_struct_ref_seq.pdbx_auth_seq_align_beg       1 
_struct_ref_seq.pdbx_auth_seq_align_end       240 
# 
_pdbx_struct_assembly.id                   1 
_pdbx_struct_assembly.details              author_defined_assembly 
_pdbx_struct_assembly.method_details       ? 
_pdbx_struct_assembly.oligomeric_details   monomeric 
_pdbx_struct_assembly.oligomeric_count     1 
# 
_pdbx_struct_assembly_gen.assembly_id       1 
_pdbx_struct_assembly_gen.oper_expression   1 
_pdbx_struct_assembly_gen.asym_id_list      A 
# 
_pdbx_struct_assembly_auth_evidence.id                     1 
_pdbx_struct_assembly_auth_evidence.assembly_id            1 
_pdbx_struct_assembly_auth_evidence.experimental_support   'electron microscopy' 
_pdbx_struct_assembly_auth_evidence.details                'not applicable' 
# 
_pdbx_struct_oper_list.id                   1 
_pdbx_struct_oper_list.type                 'identity operation' 
_pdbx_struct_oper_list.name                 1_555 
_pdbx_struct_oper_list.symmetry_operation   ? 
_pdbx_struct_oper_list.matrix[1][1]         1.0000000000 
_pdbx_struct_oper_list.matrix[1][2]         0.0000000000 
_pdbx_struct_oper_list.matrix[1][3]         0.0000000000 
_pdbx_struct_oper_list.vector[1]            0.0000000000 
_pdbx_struct_oper_list.matrix[2][1]         0.0000000000 
_pdbx_struct_oper_list.matrix[2][2]         1.0000000000 
_pdbx_struct_oper_list.matrix[2][3]         0.0000000000 
_pdbx_struct_oper_list.vector[2]            0.0000000000 
_pdbx_struct_oper_list.matrix[3][1]         0.0000000000 
_pdbx_struct_oper_list.matrix[3][2]         0.0000000000 
_pdbx_struct_oper_list.matrix[3][3]         1.0000000000 
_pdbx_struct_oper_list.vector[3]            0.0000000000 
# 
loop_
_struct_conf.conf_type_id 
_struct_conf.id 
_struct_conf.pdbx_PDB_helix_id 
_struct_conf.beg_label_comp_id 
_struct_conf.beg_label_asym_id 
_struct_conf.beg_label_seq_id 
_struct_conf.pdbx_beg_PDB_ins_code 
_struct_conf.end_label_comp_id 
_struct_conf.end_label_asym_id 
_struct_conf.end_label_seq_id 
_struct_conf.pdbx_end_PDB_ins_code 
_struct_conf.beg_auth_comp_id 
_struct_conf.beg_auth_asym_id 
_struct_conf.beg_auth_seq_id 
_struct_conf.end_auth_comp_id 
_struct_conf.end_auth_asym_id 
_struct_conf.end_auth_seq_id 
_struct_conf.pdbx_PDB_helix_class 
_struct_conf.details 
_struct_conf.pdbx_PDB_helix_length 
HELX_P HELX_P1 AA1 SER A 18 ? GLY A 58  ? SER A 18 GLY A 58  1 ? 41 
HELX_P HELX_P2 AA2 ASN A 59 ? SER A 119 ? ASN A 59 SER A 119 1 ? 61 
# 
_struct_conf_type.id          HELX_P 
_struct_conf_type.criteria    ? 
_struct_conf_type.reference   ? 
# 
_em_3d_fitting.id                1 
_em_3d_fitting.entry_id          8WB6 
_em_3d_fitting.method            ? 
_em_3d_fitting.target_criteria   ? 
_em_3d_fitting.details           ? 
_em_3d_fitting.overall_b_value   ? 
_em_3d_fitting.ref_space         ? 
_em_3d_fitting.ref_protocol      ? 
# 
_em_3d_reconstruction.entry_id                    8WB6 
_em_3d_reconstruction.id                          1 
_em_3d_reconstruction.method                      ? 
_em_3d_reconstruction.algorithm                   ? 
_em_3d_reconstruction.citation_id                 ? 
_em_3d_reconstruction.details                     ? 
_em_3d_reconstruction.resolution                  7.1 
_em_3d_reconstruction.resolution_method           'FSC 0.143 CUT-OFF' 
_em_3d_reconstruction.magnification_calibration   ? 
_em_3d_reconstruction.nominal_pixel_size          ? 
_em_3d_reconstruction.actual_pixel_size           ? 
_em_3d_reconstruction.num_particles               175049 
_em_3d_reconstruction.euler_angles_details        ? 
_em_3d_reconstruction.num_class_averages          ? 
_em_3d_reconstruction.refinement_type             ? 
_em_3d_reconstruction.image_processing_id         1 
_em_3d_reconstruction.symmetry_type               POINT 
# 
_em_buffer.id            1 
_em_buffer.specimen_id   1 
_em_buffer.name          ? 
_em_buffer.details       ? 
_em_buffer.pH            7.6 
# 
_em_entity_assembly.id                   1 
_em_entity_assembly.parent_id            0 
_em_entity_assembly.source               RECOMBINANT 
_em_entity_assembly.type                 COMPLEX 
_em_entity_assembly.name                 'Snf7 spiral polymers' 
_em_entity_assembly.details              ? 
_em_entity_assembly.synonym              ? 
_em_entity_assembly.oligomeric_details   ? 
_em_entity_assembly.entity_id_list       1 
# 
_em_imaging.entry_id                        8WB6 
_em_imaging.id                              1 
_em_imaging.astigmatism                     ? 
_em_imaging.electron_beam_tilt_params       ? 
_em_imaging.residual_tilt                   ? 
_em_imaging.microscope_model                'FEI TITAN KRIOS' 
_em_imaging.specimen_holder_type            ? 
_em_imaging.specimen_holder_model           ? 
_em_imaging.details                         ? 
_em_imaging.date                            ? 
_em_imaging.accelerating_voltage            300 
_em_imaging.illumination_mode               'SPOT SCAN' 
_em_imaging.mode                            'BRIGHT FIELD' 
_em_imaging.nominal_cs                      ? 
_em_imaging.nominal_defocus_min             1200 
_em_imaging.nominal_defocus_max             2400 
_em_imaging.calibrated_defocus_min          ? 
_em_imaging.calibrated_defocus_max          ? 
_em_imaging.tilt_angle_min                  ? 
_em_imaging.tilt_angle_max                  ? 
_em_imaging.nominal_magnification           ? 
_em_imaging.calibrated_magnification        ? 
_em_imaging.electron_source                 'FIELD EMISSION GUN' 
_em_imaging.citation_id                     ? 
_em_imaging.temperature                     ? 
_em_imaging.detector_distance               ? 
_em_imaging.recording_temperature_minimum   ? 
_em_imaging.recording_temperature_maximum   ? 
_em_imaging.alignment_procedure             ? 
_em_imaging.c2_aperture_diameter            ? 
_em_imaging.specimen_id                     1 
_em_imaging.cryogen                         ? 
# 
_em_vitrification.entry_id              8WB6 
_em_vitrification.id                    1 
_em_vitrification.specimen_id           1 
_em_vitrification.cryogen_name          ETHANE 
_em_vitrification.humidity              ? 
_em_vitrification.temp                  ? 
_em_vitrification.chamber_temperature   ? 
_em_vitrification.instrument            ? 
_em_vitrification.method                ? 
_em_vitrification.time_resolved_state   ? 
_em_vitrification.citation_id           ? 
_em_vitrification.details               ? 
# 
_em_experiment.entry_id                8WB6 
_em_experiment.id                      1 
_em_experiment.reconstruction_method   'SINGLE PARTICLE' 
_em_experiment.aggregation_state       PARTICLE 
_em_experiment.entity_assembly_id      1 
# 
loop_
_pdbx_unobs_or_zero_occ_residues.id 
_pdbx_unobs_or_zero_occ_residues.PDB_model_num 
_pdbx_unobs_or_zero_occ_residues.polymer_flag 
_pdbx_unobs_or_zero_occ_residues.occupancy_flag 
_pdbx_unobs_or_zero_occ_residues.auth_asym_id 
_pdbx_unobs_or_zero_occ_residues.auth_comp_id 
_pdbx_unobs_or_zero_occ_residues.auth_seq_id 
_pdbx_unobs_or_zero_occ_residues.PDB_ins_code 
_pdbx_unobs_or_zero_occ_residues.label_asym_id 
_pdbx_unobs_or_zero_occ_residues.label_comp_id 
_pdbx_unobs_or_zero_occ_residues.label_seq_id 
1   1 Y 1 A MET 1   ? A MET 1   
2   1 Y 1 A TRP 2   ? A TRP 2   
3   1 Y 1 A SER 3   ? A SER 3   
4   1 Y 1 A SER 4   ? A SER 4   
5   1 Y 1 A LEU 5   ? A LEU 5   
6   1 Y 1 A PHE 6   ? A PHE 6   
7   1 Y 1 A GLY 7   ? A GLY 7   
8   1 Y 1 A TRP 8   ? A TRP 8   
9   1 Y 1 A THR 9   ? A THR 9   
10  1 Y 1 A SER 10  ? A SER 10  
11  1 Y 1 A SER 11  ? A SER 11  
12  1 Y 1 A ASN 12  ? A ASN 12  
13  1 Y 1 A ALA 13  ? A ALA 13  
14  1 Y 1 A LYS 14  ? A LYS 14  
15  1 Y 1 A ASN 15  ? A ASN 15  
16  1 Y 1 A LYS 16  ? A LYS 16  
17  1 Y 1 A GLU 17  ? A GLU 17  
18  1 Y 1 A GLY 120 ? A GLY 120 
19  1 Y 1 A LEU 121 ? A LEU 121 
20  1 Y 1 A ASP 122 ? A ASP 122 
21  1 Y 1 A ILE 123 ? A ILE 123 
22  1 Y 1 A ASP 124 ? A ASP 124 
23  1 Y 1 A LYS 125 ? A LYS 125 
24  1 Y 1 A VAL 126 ? A VAL 126 
25  1 Y 1 A ASP 127 ? A ASP 127 
26  1 Y 1 A GLU 128 ? A GLU 128 
27  1 Y 1 A THR 129 ? A THR 129 
28  1 Y 1 A MET 130 ? A MET 130 
29  1 Y 1 A ASP 131 ? A ASP 131 
30  1 Y 1 A GLU 132 ? A GLU 132 
31  1 Y 1 A ILE 133 ? A ILE 133 
32  1 Y 1 A ARG 134 ? A ARG 134 
33  1 Y 1 A GLU 135 ? A GLU 135 
34  1 Y 1 A GLN 136 ? A GLN 136 
35  1 Y 1 A VAL 137 ? A VAL 137 
36  1 Y 1 A GLU 138 ? A GLU 138 
37  1 Y 1 A LEU 139 ? A LEU 139 
38  1 Y 1 A GLY 140 ? A GLY 140 
39  1 Y 1 A ASP 141 ? A ASP 141 
40  1 Y 1 A GLU 142 ? A GLU 142 
41  1 Y 1 A ILE 143 ? A ILE 143 
42  1 Y 1 A SER 144 ? A SER 144 
43  1 Y 1 A ASP 145 ? A ASP 145 
44  1 Y 1 A ALA 146 ? A ALA 146 
45  1 Y 1 A ILE 147 ? A ILE 147 
46  1 Y 1 A SER 148 ? A SER 148 
47  1 Y 1 A ARG 149 ? A ARG 149 
48  1 Y 1 A PRO 150 ? A PRO 150 
49  1 Y 1 A LEU 151 ? A LEU 151 
50  1 Y 1 A ILE 152 ? A ILE 152 
51  1 Y 1 A THR 153 ? A THR 153 
52  1 Y 1 A GLY 154 ? A GLY 154 
53  1 Y 1 A ALA 155 ? A ALA 155 
54  1 Y 1 A ASN 156 ? A ASN 156 
55  1 Y 1 A GLU 157 ? A GLU 157 
56  1 Y 1 A VAL 158 ? A VAL 158 
57  1 Y 1 A ASP 159 ? A ASP 159 
58  1 Y 1 A GLU 160 ? A GLU 160 
59  1 Y 1 A ASP 161 ? A ASP 161 
60  1 Y 1 A GLU 162 ? A GLU 162 
61  1 Y 1 A LEU 163 ? A LEU 163 
62  1 Y 1 A ASP 164 ? A ASP 164 
63  1 Y 1 A GLU 165 ? A GLU 165 
64  1 Y 1 A GLU 166 ? A GLU 166 
65  1 Y 1 A LEU 167 ? A LEU 167 
66  1 Y 1 A ASP 168 ? A ASP 168 
67  1 Y 1 A MET 169 ? A MET 169 
68  1 Y 1 A LEU 170 ? A LEU 170 
69  1 Y 1 A ALA 171 ? A ALA 171 
70  1 Y 1 A GLN 172 ? A GLN 172 
71  1 Y 1 A GLU 173 ? A GLU 173 
72  1 Y 1 A ASN 174 ? A ASN 174 
73  1 Y 1 A ALA 175 ? A ALA 175 
74  1 Y 1 A ASN 176 ? A ASN 176 
75  1 Y 1 A GLN 177 ? A GLN 177 
76  1 Y 1 A GLU 178 ? A GLU 178 
77  1 Y 1 A THR 179 ? A THR 179 
78  1 Y 1 A SER 180 ? A SER 180 
79  1 Y 1 A LYS 181 ? A LYS 181 
80  1 Y 1 A ILE 182 ? A ILE 182 
81  1 Y 1 A VAL 183 ? A VAL 183 
82  1 Y 1 A ASN 184 ? A ASN 184 
83  1 Y 1 A ASN 185 ? A ASN 185 
84  1 Y 1 A ASN 186 ? A ASN 186 
85  1 Y 1 A VAL 187 ? A VAL 187 
86  1 Y 1 A ASN 188 ? A ASN 188 
87  1 Y 1 A ALA 189 ? A ALA 189 
88  1 Y 1 A ALA 190 ? A ALA 190 
89  1 Y 1 A PRO 191 ? A PRO 191 
90  1 Y 1 A ILE 192 ? A ILE 192 
91  1 Y 1 A SER 193 ? A SER 193 
92  1 Y 1 A GLU 194 ? A GLU 194 
93  1 Y 1 A ASN 195 ? A ASN 195 
94  1 Y 1 A LYS 196 ? A LYS 196 
95  1 Y 1 A VAL 197 ? A VAL 197 
96  1 Y 1 A SER 198 ? A SER 198 
97  1 Y 1 A LEU 199 ? A LEU 199 
98  1 Y 1 A PRO 200 ? A PRO 200 
99  1 Y 1 A SER 201 ? A SER 201 
100 1 Y 1 A VAL 202 ? A VAL 202 
101 1 Y 1 A PRO 203 ? A PRO 203 
102 1 Y 1 A SER 204 ? A SER 204 
103 1 Y 1 A ASN 205 ? A ASN 205 
104 1 Y 1 A LYS 206 ? A LYS 206 
105 1 Y 1 A ILE 207 ? A ILE 207 
106 1 Y 1 A LYS 208 ? A LYS 208 
107 1 Y 1 A GLN 209 ? A GLN 209 
108 1 Y 1 A SER 210 ? A SER 210 
109 1 Y 1 A GLU 211 ? A GLU 211 
110 1 Y 1 A ASN 212 ? A ASN 212 
111 1 Y 1 A SER 213 ? A SER 213 
112 1 Y 1 A VAL 214 ? A VAL 214 
113 1 Y 1 A LYS 215 ? A LYS 215 
114 1 Y 1 A ASP 216 ? A ASP 216 
115 1 Y 1 A GLY 217 ? A GLY 217 
116 1 Y 1 A GLU 218 ? A GLU 218 
117 1 Y 1 A GLU 219 ? A GLU 219 
118 1 Y 1 A GLU 220 ? A GLU 220 
119 1 Y 1 A GLU 221 ? A GLU 221 
120 1 Y 1 A ASP 222 ? A ASP 222 
121 1 Y 1 A GLU 223 ? A GLU 223 
122 1 Y 1 A GLU 224 ? A GLU 224 
123 1 Y 1 A ASP 225 ? A ASP 225 
124 1 Y 1 A GLU 226 ? A GLU 226 
125 1 Y 1 A ASP 227 ? A ASP 227 
126 1 Y 1 A GLU 228 ? A GLU 228 
127 1 Y 1 A LYS 229 ? A LYS 229 
128 1 Y 1 A ALA 230 ? A ALA 230 
129 1 Y 1 A LEU 231 ? A LEU 231 
130 1 Y 1 A ARG 232 ? A ARG 232 
131 1 Y 1 A GLU 233 ? A GLU 233 
132 1 Y 1 A LEU 234 ? A LEU 234 
133 1 Y 1 A GLN 235 ? A GLN 235 
134 1 Y 1 A ALA 236 ? A ALA 236 
135 1 Y 1 A GLU 237 ? A GLU 237 
136 1 Y 1 A MET 238 ? A MET 238 
137 1 Y 1 A GLY 239 ? A GLY 239 
138 1 Y 1 A LEU 240 ? A LEU 240 
# 
loop_
_chem_comp_atom.comp_id 
_chem_comp_atom.atom_id 
_chem_comp_atom.type_symbol 
_chem_comp_atom.pdbx_aromatic_flag 
_chem_comp_atom.pdbx_stereo_config 
_chem_comp_atom.pdbx_ordinal 
ALA N    N N N 1   
ALA CA   C N S 2   
ALA C    C N N 3   
ALA O    O N N 4   
ALA CB   C N N 5   
ALA OXT  O N N 6   
ALA H    H N N 7   
ALA H2   H N N 8   
ALA HA   H N N 9   
ALA HB1  H N N 10  
ALA HB2  H N N 11  
ALA HB3  H N N 12  
ALA HXT  H N N 13  
ARG N    N N N 14  
ARG CA   C N S 15  
ARG C    C N N 16  
ARG O    O N N 17  
ARG CB   C N N 18  
ARG CG   C N N 19  
ARG CD   C N N 20  
ARG NE   N N N 21  
ARG CZ   C N N 22  
ARG NH1  N N N 23  
ARG NH2  N N N 24  
ARG OXT  O N N 25  
ARG H    H N N 26  
ARG H2   H N N 27  
ARG HA   H N N 28  
ARG HB2  H N N 29  
ARG HB3  H N N 30  
ARG HG2  H N N 31  
ARG HG3  H N N 32  
ARG HD2  H N N 33  
ARG HD3  H N N 34  
ARG HE   H N N 35  
ARG HH11 H N N 36  
ARG HH12 H N N 37  
ARG HH21 H N N 38  
ARG HH22 H N N 39  
ARG HXT  H N N 40  
ASN N    N N N 41  
ASN CA   C N S 42  
ASN C    C N N 43  
ASN O    O N N 44  
ASN CB   C N N 45  
ASN CG   C N N 46  
ASN OD1  O N N 47  
ASN ND2  N N N 48  
ASN OXT  O N N 49  
ASN H    H N N 50  
ASN H2   H N N 51  
ASN HA   H N N 52  
ASN HB2  H N N 53  
ASN HB3  H N N 54  
ASN HD21 H N N 55  
ASN HD22 H N N 56  
ASN HXT  H N N 57  
ASP N    N N N 58  
ASP CA   C N S 59  
ASP C    C N N 60  
ASP O    O N N 61  
ASP CB   C N N 62  
ASP CG   C N N 63  
ASP OD1  O N N 64  
ASP OD2  O N N 65  
ASP OXT  O N N 66  
ASP H    H N N 67  
ASP H2   H N N 68  
ASP HA   H N N 69  
ASP HB2  H N N 70  
ASP HB3  H N N 71  
ASP HD2  H N N 72  
ASP HXT  H N N 73  
GLN N    N N N 74  
GLN CA   C N S 75  
GLN C    C N N 76  
GLN O    O N N 77  
GLN CB   C N N 78  
GLN CG   C N N 79  
GLN CD   C N N 80  
GLN OE1  O N N 81  
GLN NE2  N N N 82  
GLN OXT  O N N 83  
GLN H    H N N 84  
GLN H2   H N N 85  
GLN HA   H N N 86  
GLN HB2  H N N 87  
GLN HB3  H N N 88  
GLN HG2  H N N 89  
GLN HG3  H N N 90  
GLN HE21 H N N 91  
GLN HE22 H N N 92  
GLN HXT  H N N 93  
GLU N    N N N 94  
GLU CA   C N S 95  
GLU C    C N N 96  
GLU O    O N N 97  
GLU CB   C N N 98  
GLU CG   C N N 99  
GLU CD   C N N 100 
GLU OE1  O N N 101 
GLU OE2  O N N 102 
GLU OXT  O N N 103 
GLU H    H N N 104 
GLU H2   H N N 105 
GLU HA   H N N 106 
GLU HB2  H N N 107 
GLU HB3  H N N 108 
GLU HG2  H N N 109 
GLU HG3  H N N 110 
GLU HE2  H N N 111 
GLU HXT  H N N 112 
GLY N    N N N 113 
GLY CA   C N N 114 
GLY C    C N N 115 
GLY O    O N N 116 
GLY OXT  O N N 117 
GLY H    H N N 118 
GLY H2   H N N 119 
GLY HA2  H N N 120 
GLY HA3  H N N 121 
GLY HXT  H N N 122 
HIS N    N N N 123 
HIS CA   C N S 124 
HIS C    C N N 125 
HIS O    O N N 126 
HIS CB   C N N 127 
HIS CG   C Y N 128 
HIS ND1  N Y N 129 
HIS CD2  C Y N 130 
HIS CE1  C Y N 131 
HIS NE2  N Y N 132 
HIS OXT  O N N 133 
HIS H    H N N 134 
HIS H2   H N N 135 
HIS HA   H N N 136 
HIS HB2  H N N 137 
HIS HB3  H N N 138 
HIS HD1  H N N 139 
HIS HD2  H N N 140 
HIS HE1  H N N 141 
HIS HE2  H N N 142 
HIS HXT  H N N 143 
ILE N    N N N 144 
ILE CA   C N S 145 
ILE C    C N N 146 
ILE O    O N N 147 
ILE CB   C N S 148 
ILE CG1  C N N 149 
ILE CG2  C N N 150 
ILE CD1  C N N 151 
ILE OXT  O N N 152 
ILE H    H N N 153 
ILE H2   H N N 154 
ILE HA   H N N 155 
ILE HB   H N N 156 
ILE HG12 H N N 157 
ILE HG13 H N N 158 
ILE HG21 H N N 159 
ILE HG22 H N N 160 
ILE HG23 H N N 161 
ILE HD11 H N N 162 
ILE HD12 H N N 163 
ILE HD13 H N N 164 
ILE HXT  H N N 165 
LEU N    N N N 166 
LEU CA   C N S 167 
LEU C    C N N 168 
LEU O    O N N 169 
LEU CB   C N N 170 
LEU CG   C N N 171 
LEU CD1  C N N 172 
LEU CD2  C N N 173 
LEU OXT  O N N 174 
LEU H    H N N 175 
LEU H2   H N N 176 
LEU HA   H N N 177 
LEU HB2  H N N 178 
LEU HB3  H N N 179 
LEU HG   H N N 180 
LEU HD11 H N N 181 
LEU HD12 H N N 182 
LEU HD13 H N N 183 
LEU HD21 H N N 184 
LEU HD22 H N N 185 
LEU HD23 H N N 186 
LEU HXT  H N N 187 
LYS N    N N N 188 
LYS CA   C N S 189 
LYS C    C N N 190 
LYS O    O N N 191 
LYS CB   C N N 192 
LYS CG   C N N 193 
LYS CD   C N N 194 
LYS CE   C N N 195 
LYS NZ   N N N 196 
LYS OXT  O N N 197 
LYS H    H N N 198 
LYS H2   H N N 199 
LYS HA   H N N 200 
LYS HB2  H N N 201 
LYS HB3  H N N 202 
LYS HG2  H N N 203 
LYS HG3  H N N 204 
LYS HD2  H N N 205 
LYS HD3  H N N 206 
LYS HE2  H N N 207 
LYS HE3  H N N 208 
LYS HZ1  H N N 209 
LYS HZ2  H N N 210 
LYS HZ3  H N N 211 
LYS HXT  H N N 212 
MET N    N N N 213 
MET CA   C N S 214 
MET C    C N N 215 
MET O    O N N 216 
MET CB   C N N 217 
MET CG   C N N 218 
MET SD   S N N 219 
MET CE   C N N 220 
MET OXT  O N N 221 
MET H    H N N 222 
MET H2   H N N 223 
MET HA   H N N 224 
MET HB2  H N N 225 
MET HB3  H N N 226 
MET HG2  H N N 227 
MET HG3  H N N 228 
MET HE1  H N N 229 
MET HE2  H N N 230 
MET HE3  H N N 231 
MET HXT  H N N 232 
PHE N    N N N 233 
PHE CA   C N S 234 
PHE C    C N N 235 
PHE O    O N N 236 
PHE CB   C N N 237 
PHE CG   C Y N 238 
PHE CD1  C Y N 239 
PHE CD2  C Y N 240 
PHE CE1  C Y N 241 
PHE CE2  C Y N 242 
PHE CZ   C Y N 243 
PHE OXT  O N N 244 
PHE H    H N N 245 
PHE H2   H N N 246 
PHE HA   H N N 247 
PHE HB2  H N N 248 
PHE HB3  H N N 249 
PHE HD1  H N N 250 
PHE HD2  H N N 251 
PHE HE1  H N N 252 
PHE HE2  H N N 253 
PHE HZ   H N N 254 
PHE HXT  H N N 255 
PRO N    N N N 256 
PRO CA   C N S 257 
PRO C    C N N 258 
PRO O    O N N 259 
PRO CB   C N N 260 
PRO CG   C N N 261 
PRO CD   C N N 262 
PRO OXT  O N N 263 
PRO H    H N N 264 
PRO HA   H N N 265 
PRO HB2  H N N 266 
PRO HB3  H N N 267 
PRO HG2  H N N 268 
PRO HG3  H N N 269 
PRO HD2  H N N 270 
PRO HD3  H N N 271 
PRO HXT  H N N 272 
SER N    N N N 273 
SER CA   C N S 274 
SER C    C N N 275 
SER O    O N N 276 
SER CB   C N N 277 
SER OG   O N N 278 
SER OXT  O N N 279 
SER H    H N N 280 
SER H2   H N N 281 
SER HA   H N N 282 
SER HB2  H N N 283 
SER HB3  H N N 284 
SER HG   H N N 285 
SER HXT  H N N 286 
THR N    N N N 287 
THR CA   C N S 288 
THR C    C N N 289 
THR O    O N N 290 
THR CB   C N R 291 
THR OG1  O N N 292 
THR CG2  C N N 293 
THR OXT  O N N 294 
THR H    H N N 295 
THR H2   H N N 296 
THR HA   H N N 297 
THR HB   H N N 298 
THR HG1  H N N 299 
THR HG21 H N N 300 
THR HG22 H N N 301 
THR HG23 H N N 302 
THR HXT  H N N 303 
TRP N    N N N 304 
TRP CA   C N S 305 
TRP C    C N N 306 
TRP O    O N N 307 
TRP CB   C N N 308 
TRP CG   C Y N 309 
TRP CD1  C Y N 310 
TRP CD2  C Y N 311 
TRP NE1  N Y N 312 
TRP CE2  C Y N 313 
TRP CE3  C Y N 314 
TRP CZ2  C Y N 315 
TRP CZ3  C Y N 316 
TRP CH2  C Y N 317 
TRP OXT  O N N 318 
TRP H    H N N 319 
TRP H2   H N N 320 
TRP HA   H N N 321 
TRP HB2  H N N 322 
TRP HB3  H N N 323 
TRP HD1  H N N 324 
TRP HE1  H N N 325 
TRP HE3  H N N 326 
TRP HZ2  H N N 327 
TRP HZ3  H N N 328 
TRP HH2  H N N 329 
TRP HXT  H N N 330 
VAL N    N N N 331 
VAL CA   C N S 332 
VAL C    C N N 333 
VAL O    O N N 334 
VAL CB   C N N 335 
VAL CG1  C N N 336 
VAL CG2  C N N 337 
VAL OXT  O N N 338 
VAL H    H N N 339 
VAL H2   H N N 340 
VAL HA   H N N 341 
VAL HB   H N N 342 
VAL HG11 H N N 343 
VAL HG12 H N N 344 
VAL HG13 H N N 345 
VAL HG21 H N N 346 
VAL HG22 H N N 347 
VAL HG23 H N N 348 
VAL HXT  H N N 349 
# 
loop_
_chem_comp_bond.comp_id 
_chem_comp_bond.atom_id_1 
_chem_comp_bond.atom_id_2 
_chem_comp_bond.value_order 
_chem_comp_bond.pdbx_aromatic_flag 
_chem_comp_bond.pdbx_stereo_config 
_chem_comp_bond.pdbx_ordinal 
ALA N   CA   sing N N 1   
ALA N   H    sing N N 2   
ALA N   H2   sing N N 3   
ALA CA  C    sing N N 4   
ALA CA  CB   sing N N 5   
ALA CA  HA   sing N N 6   
ALA C   O    doub N N 7   
ALA C   OXT  sing N N 8   
ALA CB  HB1  sing N N 9   
ALA CB  HB2  sing N N 10  
ALA CB  HB3  sing N N 11  
ALA OXT HXT  sing N N 12  
ARG N   CA   sing N N 13  
ARG N   H    sing N N 14  
ARG N   H2   sing N N 15  
ARG CA  C    sing N N 16  
ARG CA  CB   sing N N 17  
ARG CA  HA   sing N N 18  
ARG C   O    doub N N 19  
ARG C   OXT  sing N N 20  
ARG CB  CG   sing N N 21  
ARG CB  HB2  sing N N 22  
ARG CB  HB3  sing N N 23  
ARG CG  CD   sing N N 24  
ARG CG  HG2  sing N N 25  
ARG CG  HG3  sing N N 26  
ARG CD  NE   sing N N 27  
ARG CD  HD2  sing N N 28  
ARG CD  HD3  sing N N 29  
ARG NE  CZ   sing N N 30  
ARG NE  HE   sing N N 31  
ARG CZ  NH1  sing N N 32  
ARG CZ  NH2  doub N N 33  
ARG NH1 HH11 sing N N 34  
ARG NH1 HH12 sing N N 35  
ARG NH2 HH21 sing N N 36  
ARG NH2 HH22 sing N N 37  
ARG OXT HXT  sing N N 38  
ASN N   CA   sing N N 39  
ASN N   H    sing N N 40  
ASN N   H2   sing N N 41  
ASN CA  C    sing N N 42  
ASN CA  CB   sing N N 43  
ASN CA  HA   sing N N 44  
ASN C   O    doub N N 45  
ASN C   OXT  sing N N 46  
ASN CB  CG   sing N N 47  
ASN CB  HB2  sing N N 48  
ASN CB  HB3  sing N N 49  
ASN CG  OD1  doub N N 50  
ASN CG  ND2  sing N N 51  
ASN ND2 HD21 sing N N 52  
ASN ND2 HD22 sing N N 53  
ASN OXT HXT  sing N N 54  
ASP N   CA   sing N N 55  
ASP N   H    sing N N 56  
ASP N   H2   sing N N 57  
ASP CA  C    sing N N 58  
ASP CA  CB   sing N N 59  
ASP CA  HA   sing N N 60  
ASP C   O    doub N N 61  
ASP C   OXT  sing N N 62  
ASP CB  CG   sing N N 63  
ASP CB  HB2  sing N N 64  
ASP CB  HB3  sing N N 65  
ASP CG  OD1  doub N N 66  
ASP CG  OD2  sing N N 67  
ASP OD2 HD2  sing N N 68  
ASP OXT HXT  sing N N 69  
GLN N   CA   sing N N 70  
GLN N   H    sing N N 71  
GLN N   H2   sing N N 72  
GLN CA  C    sing N N 73  
GLN CA  CB   sing N N 74  
GLN CA  HA   sing N N 75  
GLN C   O    doub N N 76  
GLN C   OXT  sing N N 77  
GLN CB  CG   sing N N 78  
GLN CB  HB2  sing N N 79  
GLN CB  HB3  sing N N 80  
GLN CG  CD   sing N N 81  
GLN CG  HG2  sing N N 82  
GLN CG  HG3  sing N N 83  
GLN CD  OE1  doub N N 84  
GLN CD  NE2  sing N N 85  
GLN NE2 HE21 sing N N 86  
GLN NE2 HE22 sing N N 87  
GLN OXT HXT  sing N N 88  
GLU N   CA   sing N N 89  
GLU N   H    sing N N 90  
GLU N   H2   sing N N 91  
GLU CA  C    sing N N 92  
GLU CA  CB   sing N N 93  
GLU CA  HA   sing N N 94  
GLU C   O    doub N N 95  
GLU C   OXT  sing N N 96  
GLU CB  CG   sing N N 97  
GLU CB  HB2  sing N N 98  
GLU CB  HB3  sing N N 99  
GLU CG  CD   sing N N 100 
GLU CG  HG2  sing N N 101 
GLU CG  HG3  sing N N 102 
GLU CD  OE1  doub N N 103 
GLU CD  OE2  sing N N 104 
GLU OE2 HE2  sing N N 105 
GLU OXT HXT  sing N N 106 
GLY N   CA   sing N N 107 
GLY N   H    sing N N 108 
GLY N   H2   sing N N 109 
GLY CA  C    sing N N 110 
GLY CA  HA2  sing N N 111 
GLY CA  HA3  sing N N 112 
GLY C   O    doub N N 113 
GLY C   OXT  sing N N 114 
GLY OXT HXT  sing N N 115 
HIS N   CA   sing N N 116 
HIS N   H    sing N N 117 
HIS N   H2   sing N N 118 
HIS CA  C    sing N N 119 
HIS CA  CB   sing N N 120 
HIS CA  HA   sing N N 121 
HIS C   O    doub N N 122 
HIS C   OXT  sing N N 123 
HIS CB  CG   sing N N 124 
HIS CB  HB2  sing N N 125 
HIS CB  HB3  sing N N 126 
HIS CG  ND1  sing Y N 127 
HIS CG  CD2  doub Y N 128 
HIS ND1 CE1  doub Y N 129 
HIS ND1 HD1  sing N N 130 
HIS CD2 NE2  sing Y N 131 
HIS CD2 HD2  sing N N 132 
HIS CE1 NE2  sing Y N 133 
HIS CE1 HE1  sing N N 134 
HIS NE2 HE2  sing N N 135 
HIS OXT HXT  sing N N 136 
ILE N   CA   sing N N 137 
ILE N   H    sing N N 138 
ILE N   H2   sing N N 139 
ILE CA  C    sing N N 140 
ILE CA  CB   sing N N 141 
ILE CA  HA   sing N N 142 
ILE C   O    doub N N 143 
ILE C   OXT  sing N N 144 
ILE CB  CG1  sing N N 145 
ILE CB  CG2  sing N N 146 
ILE CB  HB   sing N N 147 
ILE CG1 CD1  sing N N 148 
ILE CG1 HG12 sing N N 149 
ILE CG1 HG13 sing N N 150 
ILE CG2 HG21 sing N N 151 
ILE CG2 HG22 sing N N 152 
ILE CG2 HG23 sing N N 153 
ILE CD1 HD11 sing N N 154 
ILE CD1 HD12 sing N N 155 
ILE CD1 HD13 sing N N 156 
ILE OXT HXT  sing N N 157 
LEU N   CA   sing N N 158 
LEU N   H    sing N N 159 
LEU N   H2   sing N N 160 
LEU CA  C    sing N N 161 
LEU CA  CB   sing N N 162 
LEU CA  HA   sing N N 163 
LEU C   O    doub N N 164 
LEU C   OXT  sing N N 165 
LEU CB  CG   sing N N 166 
LEU CB  HB2  sing N N 167 
LEU CB  HB3  sing N N 168 
LEU CG  CD1  sing N N 169 
LEU CG  CD2  sing N N 170 
LEU CG  HG   sing N N 171 
LEU CD1 HD11 sing N N 172 
LEU CD1 HD12 sing N N 173 
LEU CD1 HD13 sing N N 174 
LEU CD2 HD21 sing N N 175 
LEU CD2 HD22 sing N N 176 
LEU CD2 HD23 sing N N 177 
LEU OXT HXT  sing N N 178 
LYS N   CA   sing N N 179 
LYS N   H    sing N N 180 
LYS N   H2   sing N N 181 
LYS CA  C    sing N N 182 
LYS CA  CB   sing N N 183 
LYS CA  HA   sing N N 184 
LYS C   O    doub N N 185 
LYS C   OXT  sing N N 186 
LYS CB  CG   sing N N 187 
LYS CB  HB2  sing N N 188 
LYS CB  HB3  sing N N 189 
LYS CG  CD   sing N N 190 
LYS CG  HG2  sing N N 191 
LYS CG  HG3  sing N N 192 
LYS CD  CE   sing N N 193 
LYS CD  HD2  sing N N 194 
LYS CD  HD3  sing N N 195 
LYS CE  NZ   sing N N 196 
LYS CE  HE2  sing N N 197 
LYS CE  HE3  sing N N 198 
LYS NZ  HZ1  sing N N 199 
LYS NZ  HZ2  sing N N 200 
LYS NZ  HZ3  sing N N 201 
LYS OXT HXT  sing N N 202 
MET N   CA   sing N N 203 
MET N   H    sing N N 204 
MET N   H2   sing N N 205 
MET CA  C    sing N N 206 
MET CA  CB   sing N N 207 
MET CA  HA   sing N N 208 
MET C   O    doub N N 209 
MET C   OXT  sing N N 210 
MET CB  CG   sing N N 211 
MET CB  HB2  sing N N 212 
MET CB  HB3  sing N N 213 
MET CG  SD   sing N N 214 
MET CG  HG2  sing N N 215 
MET CG  HG3  sing N N 216 
MET SD  CE   sing N N 217 
MET CE  HE1  sing N N 218 
MET CE  HE2  sing N N 219 
MET CE  HE3  sing N N 220 
MET OXT HXT  sing N N 221 
PHE N   CA   sing N N 222 
PHE N   H    sing N N 223 
PHE N   H2   sing N N 224 
PHE CA  C    sing N N 225 
PHE CA  CB   sing N N 226 
PHE CA  HA   sing N N 227 
PHE C   O    doub N N 228 
PHE C   OXT  sing N N 229 
PHE CB  CG   sing N N 230 
PHE CB  HB2  sing N N 231 
PHE CB  HB3  sing N N 232 
PHE CG  CD1  doub Y N 233 
PHE CG  CD2  sing Y N 234 
PHE CD1 CE1  sing Y N 235 
PHE CD1 HD1  sing N N 236 
PHE CD2 CE2  doub Y N 237 
PHE CD2 HD2  sing N N 238 
PHE CE1 CZ   doub Y N 239 
PHE CE1 HE1  sing N N 240 
PHE CE2 CZ   sing Y N 241 
PHE CE2 HE2  sing N N 242 
PHE CZ  HZ   sing N N 243 
PHE OXT HXT  sing N N 244 
PRO N   CA   sing N N 245 
PRO N   CD   sing N N 246 
PRO N   H    sing N N 247 
PRO CA  C    sing N N 248 
PRO CA  CB   sing N N 249 
PRO CA  HA   sing N N 250 
PRO C   O    doub N N 251 
PRO C   OXT  sing N N 252 
PRO CB  CG   sing N N 253 
PRO CB  HB2  sing N N 254 
PRO CB  HB3  sing N N 255 
PRO CG  CD   sing N N 256 
PRO CG  HG2  sing N N 257 
PRO CG  HG3  sing N N 258 
PRO CD  HD2  sing N N 259 
PRO CD  HD3  sing N N 260 
PRO OXT HXT  sing N N 261 
SER N   CA   sing N N 262 
SER N   H    sing N N 263 
SER N   H2   sing N N 264 
SER CA  C    sing N N 265 
SER CA  CB   sing N N 266 
SER CA  HA   sing N N 267 
SER C   O    doub N N 268 
SER C   OXT  sing N N 269 
SER CB  OG   sing N N 270 
SER CB  HB2  sing N N 271 
SER CB  HB3  sing N N 272 
SER OG  HG   sing N N 273 
SER OXT HXT  sing N N 274 
THR N   CA   sing N N 275 
THR N   H    sing N N 276 
THR N   H2   sing N N 277 
THR CA  C    sing N N 278 
THR CA  CB   sing N N 279 
THR CA  HA   sing N N 280 
THR C   O    doub N N 281 
THR C   OXT  sing N N 282 
THR CB  OG1  sing N N 283 
THR CB  CG2  sing N N 284 
THR CB  HB   sing N N 285 
THR OG1 HG1  sing N N 286 
THR CG2 HG21 sing N N 287 
THR CG2 HG22 sing N N 288 
THR CG2 HG23 sing N N 289 
THR OXT HXT  sing N N 290 
TRP N   CA   sing N N 291 
TRP N   H    sing N N 292 
TRP N   H2   sing N N 293 
TRP CA  C    sing N N 294 
TRP CA  CB   sing N N 295 
TRP CA  HA   sing N N 296 
TRP C   O    doub N N 297 
TRP C   OXT  sing N N 298 
TRP CB  CG   sing N N 299 
TRP CB  HB2  sing N N 300 
TRP CB  HB3  sing N N 301 
TRP CG  CD1  doub Y N 302 
TRP CG  CD2  sing Y N 303 
TRP CD1 NE1  sing Y N 304 
TRP CD1 HD1  sing N N 305 
TRP CD2 CE2  doub Y N 306 
TRP CD2 CE3  sing Y N 307 
TRP NE1 CE2  sing Y N 308 
TRP NE1 HE1  sing N N 309 
TRP CE2 CZ2  sing Y N 310 
TRP CE3 CZ3  doub Y N 311 
TRP CE3 HE3  sing N N 312 
TRP CZ2 CH2  doub Y N 313 
TRP CZ2 HZ2  sing N N 314 
TRP CZ3 CH2  sing Y N 315 
TRP CZ3 HZ3  sing N N 316 
TRP CH2 HH2  sing N N 317 
TRP OXT HXT  sing N N 318 
VAL N   CA   sing N N 319 
VAL N   H    sing N N 320 
VAL N   H2   sing N N 321 
VAL CA  C    sing N N 322 
VAL CA  CB   sing N N 323 
VAL CA  HA   sing N N 324 
VAL C   O    doub N N 325 
VAL C   OXT  sing N N 326 
VAL CB  CG1  sing N N 327 
VAL CB  CG2  sing N N 328 
VAL CB  HB   sing N N 329 
VAL CG1 HG11 sing N N 330 
VAL CG1 HG12 sing N N 331 
VAL CG1 HG13 sing N N 332 
VAL CG2 HG21 sing N N 333 
VAL CG2 HG22 sing N N 334 
VAL CG2 HG23 sing N N 335 
VAL OXT HXT  sing N N 336 
# 
_em_ctf_correction.details                  ? 
_em_ctf_correction.em_image_processing_id   1 
_em_ctf_correction.id                       1 
_em_ctf_correction.type                     'PHASE FLIPPING AND AMPLITUDE CORRECTION' 
# 
_em_entity_assembly_naturalsource.cell                 ? 
_em_entity_assembly_naturalsource.cellular_location    ? 
_em_entity_assembly_naturalsource.entity_assembly_id   1 
_em_entity_assembly_naturalsource.id                   2 
_em_entity_assembly_naturalsource.ncbi_tax_id          4932 
_em_entity_assembly_naturalsource.organism             'Saccharomyces cerevisiae' 
_em_entity_assembly_naturalsource.organelle            ? 
_em_entity_assembly_naturalsource.organ                ? 
_em_entity_assembly_naturalsource.strain               ? 
_em_entity_assembly_naturalsource.tissue               ? 
_em_entity_assembly_naturalsource.details              ? 
# 
_em_entity_assembly_recombinant.cell                 ? 
_em_entity_assembly_recombinant.entity_assembly_id   1 
_em_entity_assembly_recombinant.id                   2 
_em_entity_assembly_recombinant.ncbi_tax_id          562 
_em_entity_assembly_recombinant.organism             'Escherichia coli' 
_em_entity_assembly_recombinant.plasmid              ? 
_em_entity_assembly_recombinant.strain               ? 
# 
_em_image_processing.details              ? 
_em_image_processing.id                   1 
_em_image_processing.image_recording_id   1 
# 
_em_image_recording.average_exposure_time               ? 
_em_image_recording.avg_electron_dose_per_subtomogram   ? 
_em_image_recording.avg_electron_dose_per_image         50 
_em_image_recording.details                             ? 
_em_image_recording.detector_mode                       ? 
_em_image_recording.film_or_detector_model              'GATAN K3 BIOQUANTUM (6k x 4k)' 
_em_image_recording.id                                  1 
_em_image_recording.imaging_id                          1 
_em_image_recording.num_diffraction_images              ? 
_em_image_recording.num_grids_imaged                    ? 
_em_image_recording.num_real_images                     ? 
# 
loop_
_em_software.category 
_em_software.details 
_em_software.id 
_em_software.image_processing_id 
_em_software.fitting_id 
_em_software.imaging_id 
_em_software.name 
_em_software.version 
'PARTICLE SELECTION'            ? 1  1 ? ? ? ? 
'IMAGE ACQUISITION'             ? 2  ? ? 1 ? ? 
MASKING                         ? 3  ? ? ? ? ? 
'CTF CORRECTION'                ? 4  1 ? ? ? ? 
'LAYERLINE INDEXING'            ? 5  ? ? ? ? ? 
'DIFFRACTION INDEXING'          ? 6  ? ? ? ? ? 
'MODEL FITTING'                 ? 7  ? ? ? ? ? 
'MODEL REFINEMENT'              ? 8  ? ? ? ? ? 
OTHER                           ? 9  ? ? ? ? ? 
'INITIAL EULER ASSIGNMENT'      ? 10 1 ? ? ? ? 
'FINAL EULER ASSIGNMENT'        ? 11 1 ? ? ? ? 
CLASSIFICATION                  ? 12 1 ? ? ? ? 
RECONSTRUCTION                  ? 13 1 ? ? ? ? 
'VOLUME SELECTION'              ? 14 1 1 1 ? ? 
'SERIES ALIGNMENT'              ? 15 1 1 1 ? ? 
'MOLECULAR REPLACEMENT'         ? 16 1 1 1 ? ? 
'LATTICE DISTORTION CORRECTION' ? 17 1 1 1 ? ? 
'SYMMETRY DETERMINATION'        ? 18 1 1 1 ? ? 
'CRYSTALLOGRAPHY MERGING'       ? 19 1 1 1 ? ? 
# 
_em_specimen.concentration           ? 
_em_specimen.details                 ? 
_em_specimen.embedding_applied       NO 
_em_specimen.experiment_id           1 
_em_specimen.id                      1 
_em_specimen.shadowing_applied       NO 
_em_specimen.staining_applied        NO 
_em_specimen.vitrification_applied   YES 
# 
_pdbx_audit_support.funding_organization   'National Science Foundation (NSF, China)' 
_pdbx_audit_support.country                China 
_pdbx_audit_support.grant_number           ? 
_pdbx_audit_support.ordinal                1 
# 
_atom_sites.entry_id                    8WB6 
_atom_sites.Cartn_transf_matrix[1][1]   ? 
_atom_sites.Cartn_transf_matrix[1][2]   ? 
_atom_sites.Cartn_transf_matrix[1][3]   ? 
_atom_sites.Cartn_transf_matrix[2][1]   ? 
_atom_sites.Cartn_transf_matrix[2][2]   ? 
_atom_sites.Cartn_transf_matrix[2][3]   ? 
_atom_sites.Cartn_transf_matrix[3][1]   ? 
_atom_sites.Cartn_transf_matrix[3][2]   ? 
_atom_sites.Cartn_transf_matrix[3][3]   ? 
_atom_sites.Cartn_transf_vector[1]      ? 
_atom_sites.Cartn_transf_vector[2]      ? 
_atom_sites.Cartn_transf_vector[3]      ? 
_atom_sites.Cartn_transform_axes        ? 
_atom_sites.fract_transf_matrix[1][1]   1.000000 
_atom_sites.fract_transf_matrix[1][2]   0.000000 
_atom_sites.fract_transf_matrix[1][3]   0.000000 
_atom_sites.fract_transf_matrix[2][1]   0.000000 
_atom_sites.fract_transf_matrix[2][2]   1.000000 
_atom_sites.fract_transf_matrix[2][3]   0.000000 
_atom_sites.fract_transf_matrix[3][1]   0.000000 
_atom_sites.fract_transf_matrix[3][2]   0.000000 
_atom_sites.fract_transf_matrix[3][3]   1.000000 
_atom_sites.fract_transf_vector[1]      0.00000 
_atom_sites.fract_transf_vector[2]      0.00000 
_atom_sites.fract_transf_vector[3]      0.00000 
_atom_sites.solution_primary            ? 
_atom_sites.solution_secondary          ? 
_atom_sites.solution_hydrogens          ? 
_atom_sites.special_details             ? 
# 
loop_
_atom_type.symbol 
C 
H 
N 
O 
S 
# 
loop_
_atom_site.group_PDB 
_atom_site.id 
_atom_site.type_symbol 
_atom_site.label_atom_id 
_atom_site.label_alt_id 
_atom_site.label_comp_id 
_atom_site.label_asym_id 
_atom_site.label_entity_id 
_atom_site.label_seq_id 
_atom_site.pdbx_PDB_ins_code 
_atom_site.Cartn_x 
_atom_site.Cartn_y 
_atom_site.Cartn_z 
_atom_site.occupancy 
_atom_site.B_iso_or_equiv 
_atom_site.pdbx_formal_charge 
_atom_site.auth_seq_id 
_atom_site.auth_comp_id 
_atom_site.auth_asym_id 
_atom_site.auth_atom_id 
_atom_site.pdbx_PDB_model_num 
ATOM 1    N N    . SER A 1 18  ? -19.965 9.379   0.047   1.00 0.00 ? 18  SER A N    1 
ATOM 2    C CA   . SER A 1 18  ? -20.144 8.344   -0.957  1.00 0.00 ? 18  SER A CA   1 
ATOM 3    C C    . SER A 1 18  ? -18.937 7.416   -0.994  1.00 0.00 ? 18  SER A C    1 
ATOM 4    O O    . SER A 1 18  ? -17.831 7.807   -0.614  1.00 0.00 ? 18  SER A O    1 
ATOM 5    C CB   . SER A 1 18  ? -20.359 8.970   -2.322  1.00 0.00 ? 18  SER A CB   1 
ATOM 6    O OG   . SER A 1 18  ? -19.207 9.642   -2.753  1.00 0.00 ? 18  SER A OG   1 
ATOM 7    H H    . SER A 1 18  ? -20.765 9.978   0.056   1.00 0.00 ? 18  SER A H    1 
ATOM 8    H HA   . SER A 1 18  ? -21.020 7.752   -0.692  1.00 0.00 ? 18  SER A HA   1 
ATOM 9    H HB2  . SER A 1 18  ? -20.619 8.194   -3.041  1.00 0.00 ? 18  SER A HB2  1 
ATOM 10   H HB3  . SER A 1 18  ? -21.194 9.667   -2.275  1.00 0.00 ? 18  SER A HB3  1 
ATOM 11   H HG   . SER A 1 18  ? -19.446 10.570  -2.807  1.00 0.00 ? 18  SER A HG   1 
ATOM 12   N N    . PRO A 1 19  ? -19.156 6.167   -1.431  1.00 0.00 ? 19  PRO A N    1 
ATOM 13   C CA   . PRO A 1 19  ? -18.048 5.214   -1.523  1.00 0.00 ? 19  PRO A CA   1 
ATOM 14   C C    . PRO A 1 19  ? -17.052 5.602   -2.612  1.00 0.00 ? 19  PRO A C    1 
ATOM 15   O O    . PRO A 1 19  ? -15.896 5.205   -2.521  1.00 0.00 ? 19  PRO A O    1 
ATOM 16   C CB   . PRO A 1 19  ? -18.758 3.898   -1.857  1.00 0.00 ? 19  PRO A CB   1 
ATOM 17   C CG   . PRO A 1 19  ? -20.007 4.323   -2.551  1.00 0.00 ? 19  PRO A CG   1 
ATOM 18   C CD   . PRO A 1 19  ? -20.431 5.572   -1.827  1.00 0.00 ? 19  PRO A CD   1 
ATOM 19   H HA   . PRO A 1 19  ? -17.545 5.148   -0.547  1.00 0.00 ? 19  PRO A HA   1 
ATOM 20   H HB2  . PRO A 1 19  ? -18.111 3.272   -2.489  1.00 0.00 ? 19  PRO A HB2  1 
ATOM 21   H HB3  . PRO A 1 19  ? -18.953 3.332   -0.935  1.00 0.00 ? 19  PRO A HB3  1 
ATOM 22   H HG2  . PRO A 1 19  ? -19.808 4.499   -3.619  1.00 0.00 ? 19  PRO A HG2  1 
ATOM 23   H HG3  . PRO A 1 19  ? -20.761 3.523   -2.497  1.00 0.00 ? 19  PRO A HG3  1 
ATOM 24   H HD2  . PRO A 1 19  ? -20.990 6.224   -2.514  1.00 0.00 ? 19  PRO A HD2  1 
ATOM 25   H HD3  . PRO A 1 19  ? -21.053 5.300   -0.960  1.00 0.00 ? 19  PRO A HD3  1 
ATOM 26   N N    . THR A 1 20  ? -17.482 6.370   -3.614  1.00 0.00 ? 20  THR A N    1 
ATOM 27   C CA   . THR A 1 20  ? -16.551 6.844   -4.640  1.00 0.00 ? 20  THR A CA   1 
ATOM 28   C C    . THR A 1 20  ? -15.546 7.828   -4.039  1.00 0.00 ? 20  THR A C    1 
ATOM 29   O O    . THR A 1 20  ? -14.338 7.726   -4.280  1.00 0.00 ? 20  THR A O    1 
ATOM 30   C CB   . THR A 1 20  ? -17.299 7.513   -5.807  1.00 0.00 ? 20  THR A CB   1 
ATOM 31   O OG1  . THR A 1 20  ? -18.165 6.557   -6.433  1.00 0.00 ? 20  THR A OG1  1 
ATOM 32   C CG2  . THR A 1 20  ? -16.314 8.048   -6.835  1.00 0.00 ? 20  THR A CG2  1 
ATOM 33   H H    . THR A 1 20  ? -18.456 6.630   -3.675  1.00 0.00 ? 20  THR A H    1 
ATOM 34   H HA   . THR A 1 20  ? -15.999 5.989   -5.028  1.00 0.00 ? 20  THR A HA   1 
ATOM 35   H HB   . THR A 1 20  ? -17.904 8.336   -5.428  1.00 0.00 ? 20  THR A HB   1 
ATOM 36   H HG1  . THR A 1 20  ? -18.631 6.976   -7.160  1.00 0.00 ? 20  THR A HG1  1 
ATOM 37   H HG21 . THR A 1 20  ? -16.862 8.518   -7.653  1.00 0.00 ? 20  THR A HG21 1 
ATOM 38   H HG22 . THR A 1 20  ? -15.663 8.784   -6.365  1.00 0.00 ? 20  THR A HG22 1 
ATOM 39   H HG23 . THR A 1 20  ? -15.713 7.227   -7.224  1.00 0.00 ? 20  THR A HG23 1 
ATOM 40   N N    . LYS A 1 21  ? -16.057 8.764   -3.242  1.00 0.00 ? 21  LYS A N    1 
ATOM 41   C CA   . LYS A 1 21  ? -15.231 9.716   -2.504  1.00 0.00 ? 21  LYS A CA   1 
ATOM 42   C C    . LYS A 1 21  ? -14.283 9.020   -1.537  1.00 0.00 ? 21  LYS A C    1 
ATOM 43   O O    . LYS A 1 21  ? -13.134 9.430   -1.379  1.00 0.00 ? 21  LYS A O    1 
ATOM 44   C CB   . LYS A 1 21  ? -16.114 10.708  -1.745  1.00 0.00 ? 21  LYS A CB   1 
ATOM 45   C CG   . LYS A 1 21  ? -15.346 11.787  -0.994  1.00 0.00 ? 21  LYS A CG   1 
ATOM 46   C CD   . LYS A 1 21  ? -16.291 12.782  -0.337  1.00 0.00 ? 21  LYS A CD   1 
ATOM 47   C CE   . LYS A 1 21  ? -15.526 13.850  0.431   1.00 0.00 ? 21  LYS A CE   1 
ATOM 48   N NZ   . LYS A 1 21  ? -16.437 14.832  1.078   1.00 0.00 ? 21  LYS A NZ   1 
ATOM 49   H H    . LYS A 1 21  ? -17.062 8.808   -3.149  1.00 0.00 ? 21  LYS A H    1 
ATOM 50   H HA   . LYS A 1 21  ? -14.626 10.277  -3.220  1.00 0.00 ? 21  LYS A HA   1 
ATOM 51   H HB2  . LYS A 1 21  ? -16.790 11.203  -2.443  1.00 0.00 ? 21  LYS A HB2  1 
ATOM 52   H HB3  . LYS A 1 21  ? -16.727 10.169  -1.022  1.00 0.00 ? 21  LYS A HB3  1 
ATOM 53   H HG2  . LYS A 1 21  ? -14.726 11.326  -0.225  1.00 0.00 ? 21  LYS A HG2  1 
ATOM 54   H HG3  . LYS A 1 21  ? -14.696 12.321  -1.687  1.00 0.00 ? 21  LYS A HG3  1 
ATOM 55   H HD2  . LYS A 1 21  ? -16.902 13.264  -1.102  1.00 0.00 ? 21  LYS A HD2  1 
ATOM 56   H HD3  . LYS A 1 21  ? -16.951 12.256  0.353   1.00 0.00 ? 21  LYS A HD3  1 
ATOM 57   H HE2  . LYS A 1 21  ? -14.915 13.379  1.199   1.00 0.00 ? 21  LYS A HE2  1 
ATOM 58   H HE3  . LYS A 1 21  ? -14.863 14.384  -0.251  1.00 0.00 ? 21  LYS A HE3  1 
ATOM 59   H HZ1  . LYS A 1 21  ? -15.892 15.522  1.575   1.00 0.00 ? 21  LYS A HZ1  1 
ATOM 60   H HZ2  . LYS A 1 21  ? -16.997 15.290  0.372   1.00 0.00 ? 21  LYS A HZ2  1 
ATOM 61   H HZ3  . LYS A 1 21  ? -17.044 14.351  1.727   1.00 0.00 ? 21  LYS A HZ3  1 
ATOM 62   N N    . ALA A 1 22  ? -14.770 7.979   -0.873  1.00 0.00 ? 22  ALA A N    1 
ATOM 63   C CA   . ALA A 1 22  ? -13.934 7.200   0.026   1.00 0.00 ? 22  ALA A CA   1 
ATOM 64   C C    . ALA A 1 22  ? -12.752 6.616   -0.738  1.00 0.00 ? 22  ALA A C    1 
ATOM 65   O O    . ALA A 1 22  ? -11.601 6.673   -0.288  1.00 0.00 ? 22  ALA A O    1 
ATOM 66   C CB   . ALA A 1 22  ? -14.745 6.093   0.689   1.00 0.00 ? 22  ALA A CB   1 
ATOM 67   H H    . ALA A 1 22  ? -15.740 7.721   -0.991  1.00 0.00 ? 22  ALA A H    1 
ATOM 68   H HA   . ALA A 1 22  ? -13.554 7.868   0.799   1.00 0.00 ? 22  ALA A HA   1 
ATOM 69   H HB1  . ALA A 1 22  ? -14.101 5.521   1.357   1.00 0.00 ? 22  ALA A HB1  1 
ATOM 70   H HB2  . ALA A 1 22  ? -15.562 6.532   1.259   1.00 0.00 ? 22  ALA A HB2  1 
ATOM 71   H HB3  . ALA A 1 22  ? -15.151 5.433   -0.076  1.00 0.00 ? 22  ALA A HB3  1 
ATOM 72   N N    . ILE A 1 23  ? -13.033 6.058   -1.908  1.00 0.00 ? 23  ILE A N    1 
ATOM 73   C CA   . ILE A 1 23  ? -11.978 5.541   -2.768  1.00 0.00 ? 23  ILE A CA   1 
ATOM 74   C C    . ILE A 1 23  ? -10.989 6.632   -3.186  1.00 0.00 ? 23  ILE A C    1 
ATOM 75   O O    . ILE A 1 23  ? -9.777  6.423   -3.115  1.00 0.00 ? 23  ILE A O    1 
ATOM 76   C CB   . ILE A 1 23  ? -12.580 4.888   -4.026  1.00 0.00 ? 23  ILE A CB   1 
ATOM 77   C CG1  . ILE A 1 23  ? -13.307 3.590   -3.658  1.00 0.00 ? 23  ILE A CG1  1 
ATOM 78   C CG2  . ILE A 1 23  ? -11.495 4.618   -5.057  1.00 0.00 ? 23  ILE A CG2  1 
ATOM 79   C CD1  . ILE A 1 23  ? -14.165 3.034   -4.772  1.00 0.00 ? 23  ILE A CD1  1 
ATOM 80   H H    . ILE A 1 23  ? -13.994 5.988   -2.211  1.00 0.00 ? 23  ILE A H    1 
ATOM 81   H HA   . ILE A 1 23  ? -11.406 4.802   -2.208  1.00 0.00 ? 23  ILE A HA   1 
ATOM 82   H HB   . ILE A 1 23  ? -13.325 5.553   -4.461  1.00 0.00 ? 23  ILE A HB   1 
ATOM 83   H HG12 . ILE A 1 23  ? -12.578 2.832   -3.378  1.00 0.00 ? 23  ILE A HG12 1 
ATOM 84   H HG13 . ILE A 1 23  ? -13.945 3.765   -2.791  1.00 0.00 ? 23  ILE A HG13 1 
ATOM 85   H HG21 . ILE A 1 23  ? -11.938 4.156   -5.939  1.00 0.00 ? 23  ILE A HG21 1 
ATOM 86   H HG22 . ILE A 1 23  ? -11.021 5.558   -5.339  1.00 0.00 ? 23  ILE A HG22 1 
ATOM 87   H HG23 . ILE A 1 23  ? -10.748 3.949   -4.632  1.00 0.00 ? 23  ILE A HG23 1 
ATOM 88   H HD11 . ILE A 1 23  ? -14.648 2.117   -4.435  1.00 0.00 ? 23  ILE A HD11 1 
ATOM 89   H HD12 . ILE A 1 23  ? -14.927 3.767   -5.044  1.00 0.00 ? 23  ILE A HD12 1 
ATOM 90   H HD13 . ILE A 1 23  ? -13.541 2.819   -5.638  1.00 0.00 ? 23  ILE A HD13 1 
ATOM 91   N N    . VAL A 1 24  ? -11.491 7.797   -3.597  1.00 0.00 ? 24  VAL A N    1 
ATOM 92   C CA   . VAL A 1 24  ? -10.595 8.896   -3.962  1.00 0.00 ? 24  VAL A CA   1 
ATOM 93   C C    . VAL A 1 24  ? -9.682  9.297   -2.792  1.00 0.00 ? 24  VAL A C    1 
ATOM 94   O O    . VAL A 1 24  ? -8.471  9.429   -2.962  1.00 0.00 ? 24  VAL A O    1 
ATOM 95   C CB   . VAL A 1 24  ? -11.415 10.119  -4.413  1.00 0.00 ? 24  VAL A CB   1 
ATOM 96   C CG1  . VAL A 1 24  ? -10.515 11.336  -4.569  1.00 0.00 ? 24  VAL A CG1  1 
ATOM 97   C CG2  . VAL A 1 24  ? -12.134 9.809   -5.718  1.00 0.00 ? 24  VAL A CG2  1 
ATOM 98   H H    . VAL A 1 24  ? -12.490 7.934   -3.660  1.00 0.00 ? 24  VAL A H    1 
ATOM 99   H HA   . VAL A 1 24  ? -9.937  8.553   -4.762  1.00 0.00 ? 24  VAL A HA   1 
ATOM 100  H HB   . VAL A 1 24  ? -12.147 10.357  -3.642  1.00 0.00 ? 24  VAL A HB   1 
ATOM 101  H HG11 . VAL A 1 24  ? -11.111 12.191  -4.887  1.00 0.00 ? 24  VAL A HG11 1 
ATOM 102  H HG12 . VAL A 1 24  ? -10.039 11.561  -3.615  1.00 0.00 ? 24  VAL A HG12 1 
ATOM 103  H HG13 . VAL A 1 24  ? -9.750  11.128  -5.317  1.00 0.00 ? 24  VAL A HG13 1 
ATOM 104  H HG21 . VAL A 1 24  ? -12.712 10.677  -6.030  1.00 0.00 ? 24  VAL A HG21 1 
ATOM 105  H HG22 . VAL A 1 24  ? -11.401 9.564   -6.487  1.00 0.00 ? 24  VAL A HG22 1 
ATOM 106  H HG23 . VAL A 1 24  ? -12.803 8.961   -5.572  1.00 0.00 ? 24  VAL A HG23 1 
ATOM 107  N N    . ARG A 1 25  ? -10.251 9.453   -1.598  1.00 0.00 ? 25  ARG A N    1 
ATOM 108  C CA   . ARG A 1 25  ? -9.464  9.767   -0.404  1.00 0.00 ? 25  ARG A CA   1 
ATOM 109  C C    . ARG A 1 25  ? -8.406  8.720   -0.090  1.00 0.00 ? 25  ARG A C    1 
ATOM 110  O O    . ARG A 1 25  ? -7.273  9.064   0.264   1.00 0.00 ? 25  ARG A O    1 
ATOM 111  C CB   . ARG A 1 25  ? -10.379 9.914   0.804   1.00 0.00 ? 25  ARG A CB   1 
ATOM 112  C CG   . ARG A 1 25  ? -9.666  10.211  2.113   1.00 0.00 ? 25  ARG A CG   1 
ATOM 113  C CD   . ARG A 1 25  ? -10.627 10.422  3.226   1.00 0.00 ? 25  ARG A CD   1 
ATOM 114  N NE   . ARG A 1 25  ? -9.951  10.579  4.504   1.00 0.00 ? 25  ARG A NE   1 
ATOM 115  C CZ   . ARG A 1 25  ? -10.572 10.846  5.670   1.00 0.00 ? 25  ARG A CZ   1 
ATOM 116  N NH1  . ARG A 1 25  ? -11.879 10.983  5.702   1.00 0.00 ? 25  ARG A NH1  1 
ATOM 117  N NH2  . ARG A 1 25  ? -9.867  10.971  6.780   1.00 0.00 ? 25  ARG A NH2  1 
ATOM 118  H H    . ARG A 1 25  ? -11.253 9.351   -1.514  1.00 0.00 ? 25  ARG A H    1 
ATOM 119  H HA   . ARG A 1 25  ? -8.940  10.708  -0.573  1.00 0.00 ? 25  ARG A HA   1 
ATOM 120  H HB2  . ARG A 1 25  ? -11.090 10.719  0.625   1.00 0.00 ? 25  ARG A HB2  1 
ATOM 121  H HB3  . ARG A 1 25  ? -10.951 8.996   0.940   1.00 0.00 ? 25  ARG A HB3  1 
ATOM 122  H HG2  . ARG A 1 25  ? -9.018  9.374   2.374   1.00 0.00 ? 25  ARG A HG2  1 
ATOM 123  H HG3  . ARG A 1 25  ? -9.065  11.114  2.004   1.00 0.00 ? 25  ARG A HG3  1 
ATOM 124  H HD2  . ARG A 1 25  ? -11.212 11.322  3.037   1.00 0.00 ? 25  ARG A HD2  1 
ATOM 125  H HD3  . ARG A 1 25  ? -11.295 9.564   3.297   1.00 0.00 ? 25  ARG A HD3  1 
ATOM 126  H HE   . ARG A 1 25  ? -8.945  10.481  4.518   1.00 0.00 ? 25  ARG A HE   1 
ATOM 127  H HH11 . ARG A 1 25  ? -12.418 10.888  4.853   1.00 0.00 ? 25  ARG A HH11 1 
ATOM 128  H HH12 . ARG A 1 25  ? -12.343 11.183  6.576   1.00 0.00 ? 25  ARG A HH12 1 
ATOM 129  H HH21 . ARG A 1 25  ? -8.862  10.866  6.755   1.00 0.00 ? 25  ARG A HH21 1 
ATOM 130  H HH22 . ARG A 1 25  ? -10.331 11.171  7.654   1.00 0.00 ? 25  ARG A HH22 1 
ATOM 131  N N    . LEU A 1 26  ? -8.775  7.443   -0.189  1.00 0.00 ? 26  LEU A N    1 
ATOM 132  C CA   . LEU A 1 26  ? -7.822  6.365   0.060   1.00 0.00 ? 26  LEU A CA   1 
ATOM 133  C C    . LEU A 1 26  ? -6.666  6.438   -0.935  1.00 0.00 ? 26  LEU A C    1 
ATOM 134  O O    . LEU A 1 26  ? -5.504  6.228   -0.568  1.00 0.00 ? 26  LEU A O    1 
ATOM 135  C CB   . LEU A 1 26  ? -8.516  5.001   -0.042  1.00 0.00 ? 26  LEU A CB   1 
ATOM 136  C CG   . LEU A 1 26  ? -9.505  4.672   1.083   1.00 0.00 ? 26  LEU A CG   1 
ATOM 137  C CD1  . LEU A 1 26  ? -10.284 3.414   0.724   1.00 0.00 ? 26  LEU A CD1  1 
ATOM 138  C CD2  . LEU A 1 26  ? -8.746  4.492   2.389   1.00 0.00 ? 26  LEU A CD2  1 
ATOM 139  H H    . LEU A 1 26  ? -9.725  7.210   -0.440  1.00 0.00 ? 26  LEU A H    1 
ATOM 140  H HA   . LEU A 1 26  ? -7.413  6.490   1.062   1.00 0.00 ? 26  LEU A HA   1 
ATOM 141  H HB2  . LEU A 1 26  ? -9.060  4.959   -0.984  1.00 0.00 ? 26  LEU A HB2  1 
ATOM 142  H HB3  . LEU A 1 26  ? -7.754  4.223   -0.052  1.00 0.00 ? 26  LEU A HB3  1 
ATOM 143  H HG   . LEU A 1 26  ? -10.220 5.488   1.189   1.00 0.00 ? 26  LEU A HG   1 
ATOM 144  H HD11 . LEU A 1 26  ? -10.987 3.180   1.523   1.00 0.00 ? 26  LEU A HD11 1 
ATOM 145  H HD12 . LEU A 1 26  ? -10.832 3.578   -0.204  1.00 0.00 ? 26  LEU A HD12 1 
ATOM 146  H HD13 . LEU A 1 26  ? -9.592  2.583   0.594   1.00 0.00 ? 26  LEU A HD13 1 
ATOM 147  H HD21 . LEU A 1 26  ? -9.450  4.259   3.189   1.00 0.00 ? 26  LEU A HD21 1 
ATOM 148  H HD22 . LEU A 1 26  ? -8.032  3.674   2.285   1.00 0.00 ? 26  LEU A HD22 1 
ATOM 149  H HD23 . LEU A 1 26  ? -8.214  5.411   2.630   1.00 0.00 ? 26  LEU A HD23 1 
ATOM 150  N N    . ARG A 1 27  ? -6.973  6.759   -2.190  1.00 0.00 ? 27  ARG A N    1 
ATOM 151  C CA   . ARG A 1 27  ? -5.933  6.917   -3.211  1.00 0.00 ? 27  ARG A CA   1 
ATOM 152  C C    . ARG A 1 27  ? -5.016  8.090   -2.893  1.00 0.00 ? 27  ARG A C    1 
ATOM 153  O O    . ARG A 1 27  ? -3.806  8.013   -3.112  1.00 0.00 ? 27  ARG A O    1 
ATOM 154  C CB   . ARG A 1 27  ? -6.555  7.127   -4.583  1.00 0.00 ? 27  ARG A CB   1 
ATOM 155  C CG   . ARG A 1 27  ? -7.233  5.900   -5.173  1.00 0.00 ? 27  ARG A CG   1 
ATOM 156  C CD   . ARG A 1 27  ? -7.873  6.202   -6.479  1.00 0.00 ? 27  ARG A CD   1 
ATOM 157  N NE   . ARG A 1 27  ? -8.522  5.031   -7.047  1.00 0.00 ? 27  ARG A NE   1 
ATOM 158  C CZ   . ARG A 1 27  ? -9.286  5.043   -8.157  1.00 0.00 ? 27  ARG A CZ   1 
ATOM 159  N NH1  . ARG A 1 27  ? -9.485  6.169   -8.806  1.00 0.00 ? 27  ARG A NH1  1 
ATOM 160  N NH2  . ARG A 1 27  ? -9.835  3.923   -8.594  1.00 0.00 ? 27  ARG A NH2  1 
ATOM 161  H H    . ARG A 1 27  ? -7.941  6.898   -2.447  1.00 0.00 ? 27  ARG A H    1 
ATOM 162  H HA   . ARG A 1 27  ? -5.328  6.011   -3.231  1.00 0.00 ? 27  ARG A HA   1 
ATOM 163  H HB2  . ARG A 1 27  ? -7.299  7.920   -4.528  1.00 0.00 ? 27  ARG A HB2  1 
ATOM 164  H HB3  . ARG A 1 27  ? -5.786  7.448   -5.286  1.00 0.00 ? 27  ARG A HB3  1 
ATOM 165  H HG2  . ARG A 1 27  ? -6.494  5.115   -5.326  1.00 0.00 ? 27  ARG A HG2  1 
ATOM 166  H HG3  . ARG A 1 27  ? -8.003  5.545   -4.487  1.00 0.00 ? 27  ARG A HG3  1 
ATOM 167  H HD2  . ARG A 1 27  ? -8.626  6.977   -6.346  1.00 0.00 ? 27  ARG A HD2  1 
ATOM 168  H HD3  . ARG A 1 27  ? -7.117  6.546   -7.184  1.00 0.00 ? 27  ARG A HD3  1 
ATOM 169  H HE   . ARG A 1 27  ? -8.392  4.146   -6.576  1.00 0.00 ? 27  ARG A HE   1 
ATOM 170  H HH11 . ARG A 1 27  ? -9.066  7.026   -8.472  1.00 0.00 ? 27  ARG A HH11 1 
ATOM 171  H HH12 . ARG A 1 27  ? -10.058 6.177   -9.638  1.00 0.00 ? 27  ARG A HH12 1 
ATOM 172  H HH21 . ARG A 1 27  ? -9.682  3.057   -8.095  1.00 0.00 ? 27  ARG A HH21 1 
ATOM 173  H HH22 . ARG A 1 27  ? -10.406 3.931   -9.425  1.00 0.00 ? 27  ARG A HH22 1 
ATOM 174  N N    . GLU A 1 28  ? -5.601  9.177   -2.391  1.00 0.00 ? 28  GLU A N    1 
ATOM 175  C CA   . GLU A 1 28  ? -4.843  10.357  -1.968  1.00 0.00 ? 28  GLU A CA   1 
ATOM 176  C C    . GLU A 1 28  ? -3.887  10.035  -0.823  1.00 0.00 ? 28  GLU A C    1 
ATOM 177  O O    . GLU A 1 28  ? -2.733  10.474  -0.822  1.00 0.00 ? 28  GLU A O    1 
ATOM 178  C CB   . GLU A 1 28  ? -5.796  11.477  -1.542  1.00 0.00 ? 28  GLU A CB   1 
ATOM 179  C CG   . GLU A 1 28  ? -6.559  12.123  -2.690  1.00 0.00 ? 28  GLU A CG   1 
ATOM 180  C CD   . GLU A 1 28  ? -7.578  13.126  -2.224  1.00 0.00 ? 28  GLU A CD   1 
ATOM 181  O OE1  . GLU A 1 28  ? -7.847  13.168  -1.047  1.00 0.00 ? 28  GLU A OE1  1 
ATOM 182  O OE2  . GLU A 1 28  ? -8.089  13.850  -3.046  1.00 0.00 ? 28  GLU A OE2  1 
ATOM 183  H H    . GLU A 1 28  ? -6.608  9.181   -2.302  1.00 0.00 ? 28  GLU A H    1 
ATOM 184  H HA   . GLU A 1 28  ? -4.250  10.709  -2.812  1.00 0.00 ? 28  GLU A HA   1 
ATOM 185  H HB2  . GLU A 1 28  ? -6.527  11.083  -0.834  1.00 0.00 ? 28  GLU A HB2  1 
ATOM 186  H HB3  . GLU A 1 28  ? -5.234  12.259  -1.032  1.00 0.00 ? 28  GLU A HB3  1 
ATOM 187  H HG2  . GLU A 1 28  ? -5.849  12.623  -3.348  1.00 0.00 ? 28  GLU A HG2  1 
ATOM 188  H HG3  . GLU A 1 28  ? -7.059  11.343  -3.264  1.00 0.00 ? 28  GLU A HG3  1 
ATOM 189  N N    . HIS A 1 29  ? -4.362  9.263   0.155   1.00 0.00 ? 29  HIS A N    1 
ATOM 190  C CA   . HIS A 1 29  ? -3.495  8.818   1.250   1.00 0.00 ? 29  HIS A CA   1 
ATOM 191  C C    . HIS A 1 29  ? -2.377  7.910   0.765   1.00 0.00 ? 29  HIS A C    1 
ATOM 192  O O    . HIS A 1 29  ? -1.230  8.049   1.212   1.00 0.00 ? 29  HIS A O    1 
ATOM 193  C CB   . HIS A 1 29  ? -4.310  8.087   2.321   1.00 0.00 ? 29  HIS A CB   1 
ATOM 194  C CG   . HIS A 1 29  ? -5.219  8.984   3.102   1.00 0.00 ? 29  HIS A CG   1 
ATOM 195  N ND1  . HIS A 1 29  ? -4.770  10.116  3.750   1.00 0.00 ? 29  HIS A ND1  1 
ATOM 196  C CD2  . HIS A 1 29  ? -6.550  8.917   3.341   1.00 0.00 ? 29  HIS A CD2  1 
ATOM 197  C CE1  . HIS A 1 29  ? -5.787  10.707  4.353   1.00 0.00 ? 29  HIS A CE1  1 
ATOM 198  N NE2  . HIS A 1 29  ? -6.878  9.999   4.120   1.00 0.00 ? 29  HIS A NE2  1 
ATOM 199  H H    . HIS A 1 29  ? -5.330  8.975   0.145   1.00 0.00 ? 29  HIS A H    1 
ATOM 200  H HA   . HIS A 1 29  ? -3.017  9.683   1.709   1.00 0.00 ? 29  HIS A HA   1 
ATOM 201  H HB2  . HIS A 1 29  ? -4.917  7.312   1.851   1.00 0.00 ? 29  HIS A HB2  1 
ATOM 202  H HB3  . HIS A 1 29  ? -3.635  7.594   3.020   1.00 0.00 ? 29  HIS A HB3  1 
ATOM 203  H HD1  . HIS A 1 29  ? -3.845  10.491  3.711   1.00 0.00 ? 29  HIS A HD1  1 
ATOM 204  H HD2  . HIS A 1 29  ? -7.321  8.207   3.039   1.00 0.00 ? 29  HIS A HD2  1 
ATOM 205  H HE1  . HIS A 1 29  ? -5.639  11.623  4.922   1.00 0.00 ? 29  HIS A HE1  1 
ATOM 206  N N    . ILE A 1 30  ? -2.704  6.984   -0.136  1.00 0.00 ? 30  ILE A N    1 
ATOM 207  C CA   . ILE A 1 30  ? -1.695  6.091   -0.706  1.00 0.00 ? 30  ILE A CA   1 
ATOM 208  C C    . ILE A 1 30  ? -0.642  6.870   -1.490  1.00 0.00 ? 30  ILE A C    1 
ATOM 209  O O    . ILE A 1 30  ? 0.558   6.574   -1.389  1.00 0.00 ? 30  ILE A O    1 
ATOM 210  C CB   . ILE A 1 30  ? -2.345  5.042   -1.626  1.00 0.00 ? 30  ILE A CB   1 
ATOM 211  C CG1  . ILE A 1 30  ? -3.189  4.062   -0.805  1.00 0.00 ? 30  ILE A CG1  1 
ATOM 212  C CG2  . ILE A 1 30  ? -1.282  4.297   -2.419  1.00 0.00 ? 30  ILE A CG2  1 
ATOM 213  C CD1  . ILE A 1 30  ? -4.105  3.197   -1.641  1.00 0.00 ? 30  ILE A CD1  1 
ATOM 214  H H    . ILE A 1 30  ? -3.666  6.892   -0.432  1.00 0.00 ? 30  ILE A H    1 
ATOM 215  H HA   . ILE A 1 30  ? -1.183  5.581   0.110   1.00 0.00 ? 30  ILE A HA   1 
ATOM 216  H HB   . ILE A 1 30  ? -3.023  5.537   -2.320  1.00 0.00 ? 30  ILE A HB   1 
ATOM 217  H HG12 . ILE A 1 30  ? -2.534  3.410   -0.230  1.00 0.00 ? 30  ILE A HG12 1 
ATOM 218  H HG13 . ILE A 1 30  ? -3.802  4.617   -0.095  1.00 0.00 ? 30  ILE A HG13 1 
ATOM 219  H HG21 . ILE A 1 30  ? -1.759  3.559   -3.063  1.00 0.00 ? 30  ILE A HG21 1 
ATOM 220  H HG22 . ILE A 1 30  ? -0.723  5.005   -3.030  1.00 0.00 ? 30  ILE A HG22 1 
ATOM 221  H HG23 . ILE A 1 30  ? -0.601  3.794   -1.732  1.00 0.00 ? 30  ILE A HG23 1 
ATOM 222  H HD11 . ILE A 1 30  ? -4.670  2.530   -0.989  1.00 0.00 ? 30  ILE A HD11 1 
ATOM 223  H HD12 . ILE A 1 30  ? -4.795  3.830   -2.200  1.00 0.00 ? 30  ILE A HD12 1 
ATOM 224  H HD13 . ILE A 1 30  ? -3.510  2.605   -2.336  1.00 0.00 ? 30  ILE A HD13 1 
ATOM 225  N N    . ASN A 1 31  ? -1.073  7.873   -2.253  1.00 0.00 ? 31  ASN A N    1 
ATOM 226  C CA   . ASN A 1 31  ? -0.149  8.701   -3.033  1.00 0.00 ? 31  ASN A CA   1 
ATOM 227  C C    . ASN A 1 31  ? 0.855   9.401   -2.114  1.00 0.00 ? 31  ASN A C    1 
ATOM 228  O O    . ASN A 1 31  ? 2.065   9.424   -2.394  1.00 0.00 ? 31  ASN A O    1 
ATOM 229  C CB   . ASN A 1 31  ? -0.909  9.715   -3.869  1.00 0.00 ? 31  ASN A CB   1 
ATOM 230  C CG   . ASN A 1 31  ? -1.600  9.090   -5.049  1.00 0.00 ? 31  ASN A CG   1 
ATOM 231  O OD1  . ASN A 1 31  ? -1.248  7.984   -5.477  1.00 0.00 ? 31  ASN A OD1  1 
ATOM 232  N ND2  . ASN A 1 31  ? -2.580  9.775   -5.583  1.00 0.00 ? 31  ASN A ND2  1 
ATOM 233  H H    . ASN A 1 31  ? -2.064  8.068   -2.295  1.00 0.00 ? 31  ASN A H    1 
ATOM 234  H HA   . ASN A 1 31  ? 0.415   8.052   -3.705  1.00 0.00 ? 31  ASN A HA   1 
ATOM 235  H HB2  . ASN A 1 31  ? -1.654  10.214  -3.249  1.00 0.00 ? 31  ASN A HB2  1 
ATOM 236  H HB3  . ASN A 1 31  ? -0.220  10.479  -4.230  1.00 0.00 ? 31  ASN A HB3  1 
ATOM 237  H HD21 . ASN A 1 31  ? -3.077  9.408   -6.369  1.00 0.00 ? 31  ASN A HD21 1 
ATOM 238  H HD22 . ASN A 1 31  ? -2.831  10.664  -5.203  1.00 0.00 ? 31  ASN A HD22 1 
ATOM 239  N N    . LEU A 1 32  ? 0.358   9.947   -1.006  1.00 0.00 ? 32  LEU A N    1 
ATOM 240  C CA   . LEU A 1 32  ? 1.222   10.599  -0.024  1.00 0.00 ? 32  LEU A CA   1 
ATOM 241  C C    . LEU A 1 32  ? 2.149   9.593   0.638   1.00 0.00 ? 32  LEU A C    1 
ATOM 242  O O    . LEU A 1 32  ? 3.307   9.894   0.931   1.00 0.00 ? 32  LEU A O    1 
ATOM 243  C CB   . LEU A 1 32  ? 0.377   11.303  1.045   1.00 0.00 ? 32  LEU A CB   1 
ATOM 244  C CG   . LEU A 1 32  ? -0.417  12.525  0.567   1.00 0.00 ? 32  LEU A CG   1 
ATOM 245  C CD1  . LEU A 1 32  ? -1.335  13.005  1.684   1.00 0.00 ? 32  LEU A CD1  1 
ATOM 246  C CD2  . LEU A 1 32  ? 0.547   13.623  0.142   1.00 0.00 ? 32  LEU A CD2  1 
ATOM 247  H H    . LEU A 1 32  ? -0.637  9.911   -0.840  1.00 0.00 ? 32  LEU A H    1 
ATOM 248  H HA   . LEU A 1 32  ? 1.835   11.337  -0.539  1.00 0.00 ? 32  LEU A HA   1 
ATOM 249  H HB2  . LEU A 1 32  ? -0.332  10.587  1.455   1.00 0.00 ? 32  LEU A HB2  1 
ATOM 250  H HB3  . LEU A 1 32  ? 1.038   11.631  1.849   1.00 0.00 ? 32  LEU A HB3  1 
ATOM 251  H HG   . LEU A 1 32  ? -1.043  12.244  -0.280  1.00 0.00 ? 32  LEU A HG   1 
ATOM 252  H HD11 . LEU A 1 32  ? -1.899  13.873  1.344   1.00 0.00 ? 32  LEU A HD11 1 
ATOM 253  H HD12 . LEU A 1 32  ? -2.025  12.206  1.955   1.00 0.00 ? 32  LEU A HD12 1 
ATOM 254  H HD13 . LEU A 1 32  ? -0.737  13.278  2.553   1.00 0.00 ? 32  LEU A HD13 1 
ATOM 255  H HD21 . LEU A 1 32  ? -0.019  14.492  -0.198  1.00 0.00 ? 32  LEU A HD21 1 
ATOM 256  H HD22 . LEU A 1 32  ? 1.172   13.906  0.990   1.00 0.00 ? 32  LEU A HD22 1 
ATOM 257  H HD23 . LEU A 1 32  ? 1.178   13.259  -0.668  1.00 0.00 ? 32  LEU A HD23 1 
ATOM 258  N N    . LEU A 1 33  ? 1.643   8.391   0.882   1.00 0.00 ? 33  LEU A N    1 
ATOM 259  C CA   . LEU A 1 33  ? 2.475   7.344   1.462   1.00 0.00 ? 33  LEU A CA   1 
ATOM 260  C C    . LEU A 1 33  ? 3.521   6.856   0.469   1.00 0.00 ? 33  LEU A C    1 
ATOM 261  O O    . LEU A 1 33  ? 4.642   6.504   0.869   1.00 0.00 ? 33  LEU A O    1 
ATOM 262  C CB   . LEU A 1 33  ? 1.604   6.166   1.917   1.00 0.00 ? 33  LEU A CB   1 
ATOM 263  C CG   . LEU A 1 33  ? 0.703   6.433   3.129   1.00 0.00 ? 33  LEU A CG   1 
ATOM 264  C CD1  . LEU A 1 33  ? -0.293  5.292   3.283   1.00 0.00 ? 33  LEU A CD1  1 
ATOM 265  C CD2  . LEU A 1 33  ? 1.561   6.583   4.376   1.00 0.00 ? 33  LEU A CD2  1 
ATOM 266  H H    . LEU A 1 33  ? 0.676   8.189   0.667   1.00 0.00 ? 33  LEU A H    1 
ATOM 267  H HA   . LEU A 1 33  ? 3.008   7.760   2.317   1.00 0.00 ? 33  LEU A HA   1 
ATOM 268  H HB2  . LEU A 1 33  ? 0.965   5.867   1.088   1.00 0.00 ? 33  LEU A HB2  1 
ATOM 269  H HB3  . LEU A 1 33  ? 2.257   5.328   2.167   1.00 0.00 ? 33  LEU A HB3  1 
ATOM 270  H HG   . LEU A 1 33  ? 0.136   7.351   2.966   1.00 0.00 ? 33  LEU A HG   1 
ATOM 271  H HD11 . LEU A 1 33  ? -0.933  5.482   4.144   1.00 0.00 ? 33  LEU A HD11 1 
ATOM 272  H HD12 . LEU A 1 33  ? -0.905  5.220   2.385   1.00 0.00 ? 33  LEU A HD12 1 
ATOM 273  H HD13 . LEU A 1 33  ? 0.246   4.357   3.432   1.00 0.00 ? 33  LEU A HD13 1 
ATOM 274  H HD21 . LEU A 1 33  ? 0.920   6.775   5.239   1.00 0.00 ? 33  LEU A HD21 1 
ATOM 275  H HD22 . LEU A 1 33  ? 2.127   5.667   4.542   1.00 0.00 ? 33  LEU A HD22 1 
ATOM 276  H HD23 . LEU A 1 33  ? 2.251   7.417   4.245   1.00 0.00 ? 33  LEU A HD23 1 
ATOM 277  N N    . SER A 1 34  ? 3.178   6.848   -0.817  1.00 0.00 ? 34  SER A N    1 
ATOM 278  C CA   . SER A 1 34  ? 4.142   6.437   -1.839  1.00 0.00 ? 34  SER A CA   1 
ATOM 279  C C    . SER A 1 34  ? 5.242   7.486   -1.976  1.00 0.00 ? 34  SER A C    1 
ATOM 280  O O    . SER A 1 34  ? 6.367   7.159   -2.362  1.00 0.00 ? 34  SER A O    1 
ATOM 281  C CB   . SER A 1 34  ? 3.447   6.235   -3.171  1.00 0.00 ? 34  SER A CB   1 
ATOM 282  O OG   . SER A 1 34  ? 3.055   7.462   -3.725  1.00 0.00 ? 34  SER A OG   1 
ATOM 283  H H    . SER A 1 34  ? 2.250   7.127   -1.100  1.00 0.00 ? 34  SER A H    1 
ATOM 284  H HA   . SER A 1 34  ? 4.610   5.506   -1.518  1.00 0.00 ? 34  SER A HA   1 
ATOM 285  H HB2  . SER A 1 34  ? 4.119   5.721   -3.858  1.00 0.00 ? 34  SER A HB2  1 
ATOM 286  H HB3  . SER A 1 34  ? 2.573   5.599   -3.032  1.00 0.00 ? 34  SER A HB3  1 
ATOM 287  H HG   . SER A 1 34  ? 2.902   8.050   -2.982  1.00 0.00 ? 34  SER A HG   1 
ATOM 288  N N    . LYS A 1 35  ? 4.937   8.740   -1.653  1.00 0.00 ? 35  LYS A N    1 
ATOM 289  C CA   . LYS A 1 35  ? 6.007   9.740   -1.545  1.00 0.00 ? 35  LYS A CA   1 
ATOM 290  C C    . LYS A 1 35  ? 6.944   9.438   -0.360  1.00 0.00 ? 35  LYS A C    1 
ATOM 291  O O    . LYS A 1 35  ? 8.171   9.593   -0.464  1.00 0.00 ? 35  LYS A O    1 
ATOM 292  C CB   . LYS A 1 35  ? 5.412   11.142  -1.401  1.00 0.00 ? 35  LYS A CB   1 
ATOM 293  C CG   . LYS A 1 35  ? 4.726   11.666  -2.656  1.00 0.00 ? 35  LYS A CG   1 
ATOM 294  C CD   . LYS A 1 35  ? 4.134   13.048  -2.426  1.00 0.00 ? 35  LYS A CD   1 
ATOM 295  C CE   . LYS A 1 35  ? 3.442   13.569  -3.676  1.00 0.00 ? 35  LYS A CE   1 
ATOM 296  N NZ   . LYS A 1 35  ? 2.856   14.921  -3.465  1.00 0.00 ? 35  LYS A NZ   1 
ATOM 297  H H    . LYS A 1 35  ? 3.982   9.021   -1.481  1.00 0.00 ? 35  LYS A H    1 
ATOM 298  H HA   . LYS A 1 35  ? 6.613   9.698   -2.451  1.00 0.00 ? 35  LYS A HA   1 
ATOM 299  H HB2  . LYS A 1 35  ? 4.680   11.145  -0.594  1.00 0.00 ? 35  LYS A HB2  1 
ATOM 300  H HB3  . LYS A 1 35  ? 6.200   11.846  -1.132  1.00 0.00 ? 35  LYS A HB3  1 
ATOM 301  H HG2  . LYS A 1 35  ? 5.450   11.720  -3.471  1.00 0.00 ? 35  LYS A HG2  1 
ATOM 302  H HG3  . LYS A 1 35  ? 3.930   10.982  -2.947  1.00 0.00 ? 35  LYS A HG3  1 
ATOM 303  H HD2  . LYS A 1 35  ? 3.411   13.004  -1.611  1.00 0.00 ? 35  LYS A HD2  1 
ATOM 304  H HD3  . LYS A 1 35  ? 4.928   13.742  -2.148  1.00 0.00 ? 35  LYS A HD3  1 
ATOM 305  H HE2  . LYS A 1 35  ? 4.158   13.620  -4.495  1.00 0.00 ? 35  LYS A HE2  1 
ATOM 306  H HE3  . LYS A 1 35  ? 2.645   12.884  -3.963  1.00 0.00 ? 35  LYS A HE3  1 
ATOM 307  H HZ1  . LYS A 1 35  ? 2.406   15.230  -4.316  1.00 0.00 ? 35  LYS A HZ1  1 
ATOM 308  H HZ2  . LYS A 1 35  ? 2.175   14.881  -2.720  1.00 0.00 ? 35  LYS A HZ2  1 
ATOM 309  H HZ3  . LYS A 1 35  ? 3.589   15.571  -3.218  1.00 0.00 ? 35  LYS A HZ3  1 
ATOM 310  N N    . LYS A 1 36  ? 6.370   9.011   0.761   1.00 0.00 ? 36  LYS A N    1 
ATOM 311  C CA   . LYS A 1 36  ? 7.182   8.595   1.904   1.00 0.00 ? 36  LYS A CA   1 
ATOM 312  C C    . LYS A 1 36  ? 7.998   7.352   1.548   1.00 0.00 ? 36  LYS A C    1 
ATOM 313  O O    . LYS A 1 36  ? 9.157   7.235   1.946   1.00 0.00 ? 36  LYS A O    1 
ATOM 314  C CB   . LYS A 1 36  ? 6.302   8.320   3.124   1.00 0.00 ? 36  LYS A CB   1 
ATOM 315  C CG   . LYS A 1 36  ? 5.663   9.563   3.730   1.00 0.00 ? 36  LYS A CG   1 
ATOM 316  C CD   . LYS A 1 36  ? 4.796   9.209   4.930   1.00 0.00 ? 36  LYS A CD   1 
ATOM 317  C CE   . LYS A 1 36  ? 4.140   10.447  5.525   1.00 0.00 ? 36  LYS A CE   1 
ATOM 318  N NZ   . LYS A 1 36  ? 3.280   10.114  6.692   1.00 0.00 ? 36  LYS A NZ   1 
ATOM 319  H H    . LYS A 1 36  ? 5.363   8.971   0.833   1.00 0.00 ? 36  LYS A H    1 
ATOM 320  H HA   . LYS A 1 36  ? 7.874   9.400   2.149   1.00 0.00 ? 36  LYS A HA   1 
ATOM 321  H HB2  . LYS A 1 36  ? 5.501   7.633   2.849   1.00 0.00 ? 36  LYS A HB2  1 
ATOM 322  H HB3  . LYS A 1 36  ? 6.895   7.837   3.900   1.00 0.00 ? 36  LYS A HB3  1 
ATOM 323  H HG2  . LYS A 1 36  ? 6.442   10.255  4.048   1.00 0.00 ? 36  LYS A HG2  1 
ATOM 324  H HG3  . LYS A 1 36  ? 5.046   10.057  2.981   1.00 0.00 ? 36  LYS A HG3  1 
ATOM 325  H HD2  . LYS A 1 36  ? 4.019   8.507   4.624   1.00 0.00 ? 36  LYS A HD2  1 
ATOM 326  H HD3  . LYS A 1 36  ? 5.410   8.733   5.695   1.00 0.00 ? 36  LYS A HD3  1 
ATOM 327  H HE2  . LYS A 1 36  ? 4.909   11.148  5.843   1.00 0.00 ? 36  LYS A HE2  1 
ATOM 328  H HE3  . LYS A 1 36  ? 3.527   10.933  4.766   1.00 0.00 ? 36  LYS A HE3  1 
ATOM 329  H HZ1  . LYS A 1 36  ? 2.864   10.959  7.056   1.00 0.00 ? 36  LYS A HZ1  1 
ATOM 330  H HZ2  . LYS A 1 36  ? 2.550   9.478   6.403   1.00 0.00 ? 36  LYS A HZ2  1 
ATOM 331  H HZ3  . LYS A 1 36  ? 3.841   9.680   7.411   1.00 0.00 ? 36  LYS A HZ3  1 
ATOM 332  N N    . GLN A 1 37  ? 7.386   6.436   0.799   1.00 0.00 ? 37  GLN A N    1 
ATOM 333  C CA   . GLN A 1 37  ? 8.041   5.215   0.311   1.00 0.00 ? 37  GLN A CA   1 
ATOM 334  C C    . GLN A 1 37  ? 9.314   5.522   -0.483  1.00 0.00 ? 37  GLN A C    1 
ATOM 335  O O    . GLN A 1 37  ? 10.387  4.996   -0.176  1.00 0.00 ? 37  GLN A O    1 
ATOM 336  C CB   . GLN A 1 37  ? 7.074   4.406   -0.560  1.00 0.00 ? 37  GLN A CB   1 
ATOM 337  C CG   . GLN A 1 37  ? 7.648   3.098   -1.076  1.00 0.00 ? 37  GLN A CG   1 
ATOM 338  C CD   . GLN A 1 37  ? 6.752   2.441   -2.109  1.00 0.00 ? 37  GLN A CD   1 
ATOM 339  O OE1  . GLN A 1 37  ? 6.046   3.120   -2.861  1.00 0.00 ? 37  GLN A OE1  1 
ATOM 340  N NE2  . GLN A 1 37  ? 6.776   1.113   -2.153  1.00 0.00 ? 37  GLN A NE2  1 
ATOM 341  H H    . GLN A 1 37  ? 6.419   6.604   0.564   1.00 0.00 ? 37  GLN A H    1 
ATOM 342  H HA   . GLN A 1 37  ? 8.326   4.607   1.169   1.00 0.00 ? 37  GLN A HA   1 
ATOM 343  H HB2  . GLN A 1 37  ? 6.176   4.177   0.012   1.00 0.00 ? 37  GLN A HB2  1 
ATOM 344  H HB3  . GLN A 1 37  ? 6.772   5.003   -1.420  1.00 0.00 ? 37  GLN A HB3  1 
ATOM 345  H HG2  . GLN A 1 37  ? 8.616   3.295   -1.538  1.00 0.00 ? 37  GLN A HG2  1 
ATOM 346  H HG3  . GLN A 1 37  ? 7.767   2.409   -0.239  1.00 0.00 ? 37  GLN A HG3  1 
ATOM 347  H HE21 . GLN A 1 37  ? 6.206   0.625   -2.815  1.00 0.00 ? 37  GLN A HE21 1 
ATOM 348  H HE22 . GLN A 1 37  ? 7.363   0.602   -1.526  1.00 0.00 ? 37  GLN A HE22 1 
ATOM 349  N N    . SER A 1 38  ? 9.192   6.378   -1.494  1.00 0.00 ? 38  SER A N    1 
ATOM 350  C CA   . SER A 1 38  ? 10.333  6.776   -2.316  1.00 0.00 ? 38  SER A CA   1 
ATOM 351  C C    . SER A 1 38  ? 11.408  7.475   -1.497  1.00 0.00 ? 38  SER A C    1 
ATOM 352  O O    . SER A 1 38  ? 12.607  7.248   -1.698  1.00 0.00 ? 38  SER A O    1 
ATOM 353  C CB   . SER A 1 38  ? 9.872   7.690   -3.435  1.00 0.00 ? 38  SER A CB   1 
ATOM 354  O OG   . SER A 1 38  ? 9.046   7.004   -4.335  1.00 0.00 ? 38  SER A OG   1 
ATOM 355  H H    . SER A 1 38  ? 8.280   6.764   -1.697  1.00 0.00 ? 38  SER A H    1 
ATOM 356  H HA   . SER A 1 38  ? 10.780  5.878   -2.745  1.00 0.00 ? 38  SER A HA   1 
ATOM 357  H HB2  . SER A 1 38  ? 9.331   8.537   -3.014  1.00 0.00 ? 38  SER A HB2  1 
ATOM 358  H HB3  . SER A 1 38  ? 10.739  8.086   -3.962  1.00 0.00 ? 38  SER A HB3  1 
ATOM 359  H HG   . SER A 1 38  ? 8.144   7.214   -4.079  1.00 0.00 ? 38  SER A HG   1 
ATOM 360  N N    . HIS A 1 39  ? 10.987  8.324   -0.570  1.00 0.00 ? 39  HIS A N    1 
ATOM 361  C CA   . HIS A 1 39  ? 11.932  8.974   0.334   1.00 0.00 ? 39  HIS A CA   1 
ATOM 362  C C    . HIS A 1 39  ? 12.705  7.948   1.166   1.00 0.00 ? 39  HIS A C    1 
ATOM 363  O O    . HIS A 1 39  ? 13.948  7.988   1.228   1.00 0.00 ? 39  HIS A O    1 
ATOM 364  C CB   . HIS A 1 39  ? 11.204  9.948   1.264   1.00 0.00 ? 39  HIS A CB   1 
ATOM 365  C CG   . HIS A 1 39  ? 12.097  10.597  2.276   1.00 0.00 ? 39  HIS A CG   1 
ATOM 366  N ND1  . HIS A 1 39  ? 12.965  11.620  1.954   1.00 0.00 ? 39  HIS A ND1  1 
ATOM 367  C CD2  . HIS A 1 39  ? 12.260  10.368  3.600   1.00 0.00 ? 39  HIS A CD2  1 
ATOM 368  C CE1  . HIS A 1 39  ? 13.622  11.993  3.039   1.00 0.00 ? 39  HIS A CE1  1 
ATOM 369  N NE2  . HIS A 1 39  ? 13.212  11.249  4.050   1.00 0.00 ? 39  HIS A NE2  1 
ATOM 370  H H    . HIS A 1 39  ? 10.002  8.529   -0.481  1.00 0.00 ? 39  HIS A H    1 
ATOM 371  H HA   . HIS A 1 39  ? 12.664  9.534   -0.247  1.00 0.00 ? 39  HIS A HA   1 
ATOM 372  H HB2  . HIS A 1 39  ? 10.732  10.734  0.672   1.00 0.00 ? 39  HIS A HB2  1 
ATOM 373  H HB3  . HIS A 1 39  ? 10.412  9.422   1.797   1.00 0.00 ? 39  HIS A HB3  1 
ATOM 374  H HD1  . HIS A 1 39  ? 13.036  12.077  1.067   1.00 0.00 ? 39  HIS A HD1  1 
ATOM 375  H HD2  . HIS A 1 39  ? 11.798  9.664   4.292   1.00 0.00 ? 39  HIS A HD2  1 
ATOM 376  H HE1  . HIS A 1 39  ? 14.358  12.795  2.992   1.00 0.00 ? 39  HIS A HE1  1 
ATOM 377  N N    . LEU A 1 40  ? 11.987  7.017   1.792   1.00 0.00 ? 40  LEU A N    1 
ATOM 378  C CA   . LEU A 1 40  ? 12.632  6.051   2.675   1.00 0.00 ? 40  LEU A CA   1 
ATOM 379  C C    . LEU A 1 40  ? 13.498  5.083   1.876   1.00 0.00 ? 40  LEU A C    1 
ATOM 380  O O    . LEU A 1 40  ? 14.543  4.638   2.365   1.00 0.00 ? 40  LEU A O    1 
ATOM 381  C CB   . LEU A 1 40  ? 11.579  5.271   3.471   1.00 0.00 ? 40  LEU A CB   1 
ATOM 382  C CG   . LEU A 1 40  ? 10.788  6.084   4.505   1.00 0.00 ? 40  LEU A CG   1 
ATOM 383  C CD1  . LEU A 1 40  ? 9.656   5.233   5.063   1.00 0.00 ? 40  LEU A CD1  1 
ATOM 384  C CD2  . LEU A 1 40  ? 11.725  6.543   5.612   1.00 0.00 ? 40  LEU A CD2  1 
ATOM 385  H H    . LEU A 1 40  ? 10.987  6.972   1.660   1.00 0.00 ? 40  LEU A H    1 
ATOM 386  H HA   . LEU A 1 40  ? 13.280  6.591   3.364   1.00 0.00 ? 40  LEU A HA   1 
ATOM 387  H HB2  . LEU A 1 40  ? 10.863  4.840   2.773   1.00 0.00 ? 40  LEU A HB2  1 
ATOM 388  H HB3  . LEU A 1 40  ? 12.075  4.457   3.999   1.00 0.00 ? 40  LEU A HB3  1 
ATOM 389  H HG   . LEU A 1 40  ? 10.344  6.954   4.021   1.00 0.00 ? 40  LEU A HG   1 
ATOM 390  H HD11 . LEU A 1 40  ? 9.094   5.811   5.798   1.00 0.00 ? 40  LEU A HD11 1 
ATOM 391  H HD12 . LEU A 1 40  ? 8.991   4.935   4.252   1.00 0.00 ? 40  LEU A HD12 1 
ATOM 392  H HD13 . LEU A 1 40  ? 10.070  4.346   5.541   1.00 0.00 ? 40  LEU A HD13 1 
ATOM 393  H HD21 . LEU A 1 40  ? 11.163  7.123   6.346   1.00 0.00 ? 40  LEU A HD21 1 
ATOM 394  H HD22 . LEU A 1 40  ? 12.169  5.674   6.098   1.00 0.00 ? 40  LEU A HD22 1 
ATOM 395  H HD23 . LEU A 1 40  ? 12.514  7.164   5.187   1.00 0.00 ? 40  LEU A HD23 1 
ATOM 396  N N    . ARG A 1 41  ? 13.072  4.737   0.661   1.00 0.00 ? 41  ARG A N    1 
ATOM 397  C CA   . ARG A 1 41  ? 13.889  3.856   -0.182  1.00 0.00 ? 41  ARG A CA   1 
ATOM 398  C C    . ARG A 1 41  ? 15.188  4.566   -0.540  1.00 0.00 ? 41  ARG A C    1 
ATOM 399  O O    . ARG A 1 41  ? 16.263  3.944   -0.593  1.00 0.00 ? 41  ARG A O    1 
ATOM 400  C CB   . ARG A 1 41  ? 13.150  3.467   -1.454  1.00 0.00 ? 41  ARG A CB   1 
ATOM 401  C CG   . ARG A 1 41  ? 12.023  2.467   -1.259  1.00 0.00 ? 41  ARG A CG   1 
ATOM 402  C CD   . ARG A 1 41  ? 11.425  2.051   -2.555  1.00 0.00 ? 41  ARG A CD   1 
ATOM 403  N NE   . ARG A 1 41  ? 10.745  3.153   -3.216  1.00 0.00 ? 41  ARG A NE   1 
ATOM 404  C CZ   . ARG A 1 41  ? 10.389  3.162   -4.515  1.00 0.00 ? 41  ARG A CZ   1 
ATOM 405  N NH1  . ARG A 1 41  ? 10.653  2.124   -5.276  1.00 0.00 ? 41  ARG A NH1  1 
ATOM 406  N NH2  . ARG A 1 41  ? 9.772   4.215   -5.024  1.00 0.00 ? 41  ARG A NH2  1 
ATOM 407  H H    . ARG A 1 41  ? 12.188  5.075   0.308   1.00 0.00 ? 41  ARG A H    1 
ATOM 408  H HA   . ARG A 1 41  ? 14.141  2.964   0.392   1.00 0.00 ? 41  ARG A HA   1 
ATOM 409  H HB2  . ARG A 1 41  ? 12.724  4.358   -1.913  1.00 0.00 ? 41  ARG A HB2  1 
ATOM 410  H HB3  . ARG A 1 41  ? 13.853  3.036   -2.166  1.00 0.00 ? 41  ARG A HB3  1 
ATOM 411  H HG2  . ARG A 1 41  ? 12.408  1.577   -0.758  1.00 0.00 ? 41  ARG A HG2  1 
ATOM 412  H HG3  . ARG A 1 41  ? 11.239  2.916   -0.648  1.00 0.00 ? 41  ARG A HG3  1 
ATOM 413  H HD2  . ARG A 1 41  ? 12.210  1.688   -3.217  1.00 0.00 ? 41  ARG A HD2  1 
ATOM 414  H HD3  . ARG A 1 41  ? 10.700  1.257   -2.382  1.00 0.00 ? 41  ARG A HD3  1 
ATOM 415  H HE   . ARG A 1 41  ? 10.525  3.971   -2.662  1.00 0.00 ? 41  ARG A HE   1 
ATOM 416  H HH11 . ARG A 1 41  ? 11.123  1.319   -4.888  1.00 0.00 ? 41  ARG A HH11 1 
ATOM 417  H HH12 . ARG A 1 41  ? 10.385  2.130   -6.250  1.00 0.00 ? 41  ARG A HH12 1 
ATOM 418  H HH21 . ARG A 1 41  ? 9.570   5.014   -4.438  1.00 0.00 ? 41  ARG A HH21 1 
ATOM 419  H HH22 . ARG A 1 41  ? 9.505   4.222   -5.996  1.00 0.00 ? 41  ARG A HH22 1 
ATOM 420  N N    . THR A 1 42  ? 15.100  5.871   -0.773  1.00 0.00 ? 42  THR A N    1 
ATOM 421  C CA   . THR A 1 42  ? 16.295  6.668   -1.027  1.00 0.00 ? 42  THR A CA   1 
ATOM 422  C C    . THR A 1 42  ? 17.195  6.690   0.219   1.00 0.00 ? 42  THR A C    1 
ATOM 423  O O    . THR A 1 42  ? 18.428  6.570   0.115   1.00 0.00 ? 42  THR A O    1 
ATOM 424  C CB   . THR A 1 42  ? 15.928  8.107   -1.438  1.00 0.00 ? 42  THR A CB   1 
ATOM 425  O OG1  . THR A 1 42  ? 15.145  8.078   -2.639  1.00 0.00 ? 42  THR A OG1  1 
ATOM 426  C CG2  . THR A 1 42  ? 17.184  8.931   -1.675  1.00 0.00 ? 42  THR A CG2  1 
ATOM 427  H H    . THR A 1 42  ? 14.196  6.322   -0.775  1.00 0.00 ? 42  THR A H    1 
ATOM 428  H HA   . THR A 1 42  ? 16.852  6.208   -1.844  1.00 0.00 ? 42  THR A HA   1 
ATOM 429  H HB   . THR A 1 42  ? 15.339  8.571   -0.648  1.00 0.00 ? 42  THR A HB   1 
ATOM 430  H HG1  . THR A 1 42  ? 14.255  7.781   -2.433  1.00 0.00 ? 42  THR A HG1  1 
ATOM 431  H HG21 . THR A 1 42  ? 16.905  9.944   -1.964  1.00 0.00 ? 42  THR A HG21 1 
ATOM 432  H HG22 . THR A 1 42  ? 17.775  8.964   -0.761  1.00 0.00 ? 42  THR A HG22 1 
ATOM 433  H HG23 . THR A 1 42  ? 17.771  8.476   -2.471  1.00 0.00 ? 42  THR A HG23 1 
ATOM 434  N N    . GLN A 1 43  ? 16.585  6.824   1.396   1.00 0.00 ? 43  GLN A N    1 
ATOM 435  C CA   . GLN A 1 43  ? 17.352  6.847   2.643   1.00 0.00 ? 43  GLN A CA   1 
ATOM 436  C C    . GLN A 1 43  ? 18.051  5.516   2.887   1.00 0.00 ? 43  GLN A C    1 
ATOM 437  O O    . GLN A 1 43  ? 19.174  5.463   3.406   1.00 0.00 ? 43  GLN A O    1 
ATOM 438  C CB   . GLN A 1 43  ? 16.443  7.181   3.828   1.00 0.00 ? 43  GLN A CB   1 
ATOM 439  C CG   . GLN A 1 43  ? 15.937  8.613   3.839   1.00 0.00 ? 43  GLN A CG   1 
ATOM 440  C CD   . GLN A 1 43  ? 17.061  9.624   3.960   1.00 0.00 ? 43  GLN A CD   1 
ATOM 441  O OE1  . GLN A 1 43  ? 17.979  9.459   4.769   1.00 0.00 ? 43  GLN A OE1  1 
ATOM 442  N NE2  . GLN A 1 43  ? 16.996  10.679  3.156   1.00 0.00 ? 43  GLN A NE2  1 
ATOM 443  H H    . GLN A 1 43  ? 15.580  6.912   1.435   1.00 0.00 ? 43  GLN A H    1 
ATOM 444  H HA   . GLN A 1 43  ? 18.121  7.616   2.562   1.00 0.00 ? 43  GLN A HA   1 
ATOM 445  H HB2  . GLN A 1 43  ? 15.578  6.518   3.822   1.00 0.00 ? 43  GLN A HB2  1 
ATOM 446  H HB3  . GLN A 1 43  ? 16.982  7.007   4.760   1.00 0.00 ? 43  GLN A HB3  1 
ATOM 447  H HG2  . GLN A 1 43  ? 15.402  8.806   2.910   1.00 0.00 ? 43  GLN A HG2  1 
ATOM 448  H HG3  . GLN A 1 43  ? 15.266  8.744   4.689   1.00 0.00 ? 43  GLN A HG3  1 
ATOM 449  H HE21 . GLN A 1 43  ? 17.710  11.380  3.191   1.00 0.00 ? 43  GLN A HE21 1 
ATOM 450  H HE22 . GLN A 1 43  ? 16.234  10.775  2.516   1.00 0.00 ? 43  GLN A HE22 1 
ATOM 451  N N    . ILE A 1 44  ? 17.396  4.427   2.509   1.00 0.00 ? 44  ILE A N    1 
ATOM 452  C CA   . ILE A 1 44  ? 18.032  3.110   2.624   1.00 0.00 ? 44  ILE A CA   1 
ATOM 453  C C    . ILE A 1 44  ? 19.314  3.052   1.787   1.00 0.00 ? 44  ILE A C    1 
ATOM 454  O O    . ILE A 1 44  ? 20.357  2.603   2.276   1.00 0.00 ? 44  ILE A O    1 
ATOM 455  C CB   . ILE A 1 44  ? 17.073  1.991   2.177   1.00 0.00 ? 44  ILE A CB   1 
ATOM 456  C CG1  . ILE A 1 44  ? 15.918  1.848   3.173   1.00 0.00 ? 44  ILE A CG1  1 
ATOM 457  C CG2  . ILE A 1 44  ? 17.821  0.675   2.033   1.00 0.00 ? 44  ILE A CG2  1 
ATOM 458  C CD1  . ILE A 1 44  ? 14.785  0.982   2.674   1.00 0.00 ? 44  ILE A CD1  1 
ATOM 459  H H    . ILE A 1 44  ? 16.458  4.489   2.139   1.00 0.00 ? 44  ILE A H    1 
ATOM 460  H HA   . ILE A 1 44  ? 18.322  2.955   3.662   1.00 0.00 ? 44  ILE A HA   1 
ATOM 461  H HB   . ILE A 1 44  ? 16.630  2.254   1.218   1.00 0.00 ? 44  ILE A HB   1 
ATOM 462  H HG12 . ILE A 1 44  ? 16.292  1.421   4.103   1.00 0.00 ? 44  ILE A HG12 1 
ATOM 463  H HG13 . ILE A 1 44  ? 15.516  2.834   3.407   1.00 0.00 ? 44  ILE A HG13 1 
ATOM 464  H HG21 . ILE A 1 44  ? 17.127  -0.105  1.718   1.00 0.00 ? 44  ILE A HG21 1 
ATOM 465  H HG22 . ILE A 1 44  ? 18.608  0.783   1.288   1.00 0.00 ? 44  ILE A HG22 1 
ATOM 466  H HG23 . ILE A 1 44  ? 18.263  0.401   2.990   1.00 0.00 ? 44  ILE A HG23 1 
ATOM 467  H HD11 . ILE A 1 44  ? 14.006  0.930   3.434   1.00 0.00 ? 44  ILE A HD11 1 
ATOM 468  H HD12 . ILE A 1 44  ? 14.373  1.413   1.760   1.00 0.00 ? 44  ILE A HD12 1 
ATOM 469  H HD13 . ILE A 1 44  ? 15.157  -0.020  2.467   1.00 0.00 ? 44  ILE A HD13 1 
ATOM 470  N N    . THR A 1 45  ? 19.250  3.529   0.549   1.00 0.00 ? 45  THR A N    1 
ATOM 471  C CA   . THR A 1 45  ? 20.439  3.581   -0.305  1.00 0.00 ? 45  THR A CA   1 
ATOM 472  C C    . THR A 1 45  ? 21.490  4.494   0.319   1.00 0.00 ? 45  THR A C    1 
ATOM 473  O O    . THR A 1 45  ? 22.684  4.162   0.354   1.00 0.00 ? 45  THR A O    1 
ATOM 474  C CB   . THR A 1 45  ? 20.093  4.072   -1.722  1.00 0.00 ? 45  THR A CB   1 
ATOM 475  O OG1  . THR A 1 45  ? 19.172  3.160   -2.336  1.00 0.00 ? 45  THR A OG1  1 
ATOM 476  C CG2  . THR A 1 45  ? 21.349  4.168   -2.575  1.00 0.00 ? 45  THR A CG2  1 
ATOM 477  H H    . THR A 1 45  ? 18.368  3.861   0.185   1.00 0.00 ? 45  THR A H    1 
ATOM 478  H HA   . THR A 1 45  ? 20.848  2.574   -0.389  1.00 0.00 ? 45  THR A HA   1 
ATOM 479  H HB   . THR A 1 45  ? 19.625  5.055   -1.664  1.00 0.00 ? 45  THR A HB   1 
ATOM 480  H HG1  . THR A 1 45  ? 18.312  3.245   -1.917  1.00 0.00 ? 45  THR A HG1  1 
ATOM 481  H HG21 . THR A 1 45  ? 21.086  4.516   -3.573  1.00 0.00 ? 45  THR A HG21 1 
ATOM 482  H HG22 . THR A 1 45  ? 22.046  4.869   -2.117  1.00 0.00 ? 45  THR A HG22 1 
ATOM 483  H HG23 . THR A 1 45  ? 21.815  3.186   -2.645  1.00 0.00 ? 45  THR A HG23 1 
ATOM 484  N N    . ASN A 1 46  ? 21.054  5.636   0.851   1.00 0.00 ? 46  ASN A N    1 
ATOM 485  C CA   . ASN A 1 46  ? 21.992  6.572   1.484   1.00 0.00 ? 46  ASN A CA   1 
ATOM 486  C C    . ASN A 1 46  ? 22.707  5.989   2.704   1.00 0.00 ? 46  ASN A C    1 
ATOM 487  O O    . ASN A 1 46  ? 23.891  6.249   2.912   1.00 0.00 ? 46  ASN A O    1 
ATOM 488  C CB   . ASN A 1 46  ? 21.270  7.851   1.869   1.00 0.00 ? 46  ASN A CB   1 
ATOM 489  C CG   . ASN A 1 46  ? 20.929  8.703   0.679   1.00 0.00 ? 46  ASN A CG   1 
ATOM 490  O OD1  . ASN A 1 46  ? 21.508  8.542   -0.402  1.00 0.00 ? 46  ASN A OD1  1 
ATOM 491  N ND2  . ASN A 1 46  ? 20.001  9.608   0.856   1.00 0.00 ? 46  ASN A ND2  1 
ATOM 492  H H    . ASN A 1 46  ? 20.072  5.869   0.824   1.00 0.00 ? 46  ASN A H    1 
ATOM 493  H HA   . ASN A 1 46  ? 22.775  6.819   0.764   1.00 0.00 ? 46  ASN A HA   1 
ATOM 494  H HB2  . ASN A 1 46  ? 20.350  7.603   2.399   1.00 0.00 ? 46  ASN A HB2  1 
ATOM 495  H HB3  . ASN A 1 46  ? 21.894  8.430   2.550   1.00 0.00 ? 46  ASN A HB3  1 
ATOM 496  H HD21 . ASN A 1 46  ? 19.733  10.205  0.098   1.00 0.00 ? 46  ASN A HD21 1 
ATOM 497  H HD22 . ASN A 1 46  ? 19.560  9.704   1.747   1.00 0.00 ? 46  ASN A HD22 1 
ATOM 498  N N    . GLN A 1 47  ? 21.988  5.206   3.508   1.00 0.00 ? 47  GLN A N    1 
ATOM 499  C CA   . GLN A 1 47  ? 22.571  4.585   4.691   1.00 0.00 ? 47  GLN A CA   1 
ATOM 500  C C    . GLN A 1 47  ? 23.552  3.482   4.297   1.00 0.00 ? 47  GLN A C    1 
ATOM 501  O O    . GLN A 1 47  ? 24.560  3.285   4.979   1.00 0.00 ? 47  GLN A O    1 
ATOM 502  C CB   . GLN A 1 47  ? 21.475  4.017   5.595   1.00 0.00 ? 47  GLN A CB   1 
ATOM 503  C CG   . GLN A 1 47  ? 20.608  5.072   6.261   1.00 0.00 ? 47  GLN A CG   1 
ATOM 504  C CD   . GLN A 1 47  ? 21.416  6.024   7.123   1.00 0.00 ? 47  GLN A CD   1 
ATOM 505  O OE1  . GLN A 1 47  ? 22.313  5.607   7.860   1.00 0.00 ? 47  GLN A OE1  1 
ATOM 506  N NE2  . GLN A 1 47  ? 21.101  7.311   7.034   1.00 0.00 ? 47  GLN A NE2  1 
ATOM 507  H H    . GLN A 1 47  ? 21.016  5.040   3.293   1.00 0.00 ? 47  GLN A H    1 
ATOM 508  H HA   . GLN A 1 47  ? 23.124  5.345   5.244   1.00 0.00 ? 47  GLN A HA   1 
ATOM 509  H HB2  . GLN A 1 47  ? 20.824  3.366   5.011   1.00 0.00 ? 47  GLN A HB2  1 
ATOM 510  H HB3  . GLN A 1 47  ? 21.927  3.409   6.378   1.00 0.00 ? 47  GLN A HB3  1 
ATOM 511  H HG2  . GLN A 1 47  ? 20.103  5.652   5.490   1.00 0.00 ? 47  GLN A HG2  1 
ATOM 512  H HG3  . GLN A 1 47  ? 19.874  4.575   6.896   1.00 0.00 ? 47  GLN A HG3  1 
ATOM 513  H HE21 . GLN A 1 47  ? 21.600  7.987   7.579   1.00 0.00 ? 47  GLN A HE21 1 
ATOM 514  H HE22 . GLN A 1 47  ? 20.366  7.606   6.423   1.00 0.00 ? 47  GLN A HE22 1 
ATOM 515  N N    . GLU A 1 48  ? 23.232  2.748   3.237   1.00 0.00 ? 48  GLU A N    1 
ATOM 516  C CA   . GLU A 1 48  ? 24.160  1.757   2.673   1.00 0.00 ? 48  GLU A CA   1 
ATOM 517  C C    . GLU A 1 48  ? 25.442  2.449   2.216   1.00 0.00 ? 48  GLU A C    1 
ATOM 518  O O    . GLU A 1 48  ? 26.552  1.977   2.509   1.00 0.00 ? 48  GLU A O    1 
ATOM 519  C CB   . GLU A 1 48  ? 23.520  1.014   1.500   1.00 0.00 ? 48  GLU A CB   1 
ATOM 520  C CG   . GLU A 1 48  ? 24.417  -0.031  0.851   1.00 0.00 ? 48  GLU A CG   1 
ATOM 521  C CD   . GLU A 1 48  ? 23.736  -0.776  -0.262  1.00 0.00 ? 48  GLU A CD   1 
ATOM 522  O OE1  . GLU A 1 48  ? 22.565  -1.049  -0.142  1.00 0.00 ? 48  GLU A OE1  1 
ATOM 523  O OE2  . GLU A 1 48  ? 24.386  -1.072  -1.237  1.00 0.00 ? 48  GLU A OE2  1 
ATOM 524  H H    . GLU A 1 48  ? 22.326  2.872   2.809   1.00 0.00 ? 48  GLU A H    1 
ATOM 525  H HA   . GLU A 1 48  ? 24.399  1.026   3.446   1.00 0.00 ? 48  GLU A HA   1 
ATOM 526  H HB2  . GLU A 1 48  ? 22.612  0.512   1.839   1.00 0.00 ? 48  GLU A HB2  1 
ATOM 527  H HB3  . GLU A 1 48  ? 23.230  1.730   0.730   1.00 0.00 ? 48  GLU A HB3  1 
ATOM 528  H HG2  . GLU A 1 48  ? 25.303  0.463   0.454   1.00 0.00 ? 48  GLU A HG2  1 
ATOM 529  H HG3  . GLU A 1 48  ? 24.739  -0.740  1.612   1.00 0.00 ? 48  GLU A HG3  1 
ATOM 530  N N    . ASN A 1 49  ? 25.288  3.555   1.484   1.00 0.00 ? 49  ASN A N    1 
ATOM 531  C CA   . ASN A 1 49  ? 26.422  4.354   1.012   1.00 0.00 ? 49  ASN A CA   1 
ATOM 532  C C    . ASN A 1 49  ? 27.272  4.877   2.162   1.00 0.00 ? 49  ASN A C    1 
ATOM 533  O O    . ASN A 1 49  ? 28.498  4.875   2.088   1.00 0.00 ? 49  ASN A O    1 
ATOM 534  C CB   . ASN A 1 49  ? 25.937  5.505   0.151   1.00 0.00 ? 49  ASN A CB   1 
ATOM 535  C CG   . ASN A 1 49  ? 25.470  5.055   -1.206  1.00 0.00 ? 49  ASN A CG   1 
ATOM 536  O OD1  . ASN A 1 49  ? 25.813  3.959   -1.662  1.00 0.00 ? 49  ASN A OD1  1 
ATOM 537  N ND2  . ASN A 1 49  ? 24.693  5.880   -1.859  1.00 0.00 ? 49  ASN A ND2  1 
ATOM 538  H H    . ASN A 1 49  ? 24.350  3.846   1.249   1.00 0.00 ? 49  ASN A H    1 
ATOM 539  H HA   . ASN A 1 49  ? 27.063  3.718   0.399   1.00 0.00 ? 49  ASN A HA   1 
ATOM 540  H HB2  . ASN A 1 49  ? 25.115  6.016   0.655   1.00 0.00 ? 49  ASN A HB2  1 
ATOM 541  H HB3  . ASN A 1 49  ? 26.743  6.228   0.023   1.00 0.00 ? 49  ASN A HB3  1 
ATOM 542  H HD21 . ASN A 1 49  ? 24.351  5.633   -2.767  1.00 0.00 ? 49  ASN A HD21 1 
ATOM 543  H HD22 . ASN A 1 49  ? 24.439  6.757   -1.452  1.00 0.00 ? 49  ASN A HD22 1 
ATOM 544  N N    . GLU A 1 50  ? 26.622  5.311   3.237   1.00 0.00 ? 50  GLU A N    1 
ATOM 545  C CA   . GLU A 1 50  ? 27.334  5.747   4.417   1.00 0.00 ? 50  GLU A CA   1 
ATOM 546  C C    . GLU A 1 50  ? 28.211  4.624   4.953   1.00 0.00 ? 50  GLU A C    1 
ATOM 547  O O    . GLU A 1 50  ? 29.408  4.811   5.222   1.00 0.00 ? 50  GLU A O    1 
ATOM 548  C CB   . GLU A 1 50  ? 26.352  6.212   5.494   1.00 0.00 ? 50  GLU A CB   1 
ATOM 549  C CG   . GLU A 1 50  ? 27.010  6.705   6.775   1.00 0.00 ? 50  GLU A CG   1 
ATOM 550  C CD   . GLU A 1 50  ? 26.018  7.210   7.785   1.00 0.00 ? 50  GLU A CD   1 
ATOM 551  O OE1  . GLU A 1 50  ? 24.897  7.464   7.414   1.00 0.00 ? 50  GLU A OE1  1 
ATOM 552  O OE2  . GLU A 1 50  ? 26.382  7.342   8.930   1.00 0.00 ? 50  GLU A OE2  1 
ATOM 553  H H    . GLU A 1 50  ? 25.612  5.337   3.233   1.00 0.00 ? 50  GLU A H    1 
ATOM 554  H HA   . GLU A 1 50  ? 27.991  6.573   4.139   1.00 0.00 ? 50  GLU A HA   1 
ATOM 555  H HB2  . GLU A 1 50  ? 25.738  7.022   5.100   1.00 0.00 ? 50  GLU A HB2  1 
ATOM 556  H HB3  . GLU A 1 50  ? 25.684  5.392   5.755   1.00 0.00 ? 50  GLU A HB3  1 
ATOM 557  H HG2  . GLU A 1 50  ? 27.577  5.886   7.217   1.00 0.00 ? 50  GLU A HG2  1 
ATOM 558  H HG3  . GLU A 1 50  ? 27.710  7.502   6.528   1.00 0.00 ? 50  GLU A HG3  1 
ATOM 559  N N    . ALA A 1 51  ? 27.626  3.442   5.062   1.00 0.00 ? 51  ALA A N    1 
ATOM 560  C CA   . ALA A 1 51  ? 28.376  2.265   5.496   1.00 0.00 ? 51  ALA A CA   1 
ATOM 561  C C    . ALA A 1 51  ? 29.533  1.955   4.552   1.00 0.00 ? 51  ALA A C    1 
ATOM 562  O O    . ALA A 1 51  ? 30.627  1.622   5.015   1.00 0.00 ? 51  ALA A O    1 
ATOM 563  C CB   . ALA A 1 51  ? 27.458  1.071   5.612   1.00 0.00 ? 51  ALA A CB   1 
ATOM 564  H H    . ALA A 1 51  ? 26.644  3.347   4.843   1.00 0.00 ? 51  ALA A H    1 
ATOM 565  H HA   . ALA A 1 51  ? 28.804  2.479   6.475   1.00 0.00 ? 51  ALA A HA   1 
ATOM 566  H HB1  . ALA A 1 51  ? 28.030  0.202   5.936   1.00 0.00 ? 51  ALA A HB1  1 
ATOM 567  H HB2  . ALA A 1 51  ? 26.675  1.282   6.342   1.00 0.00 ? 51  ALA A HB2  1 
ATOM 568  H HB3  . ALA A 1 51  ? 27.004  0.866   4.644   1.00 0.00 ? 51  ALA A HB3  1 
ATOM 569  N N    . ARG A 1 52  ? 29.299  2.057   3.241   1.00 0.00 ? 52  ARG A N    1 
ATOM 570  C CA   . ARG A 1 52  ? 30.350  1.784   2.248   1.00 0.00 ? 52  ARG A CA   1 
ATOM 571  C C    . ARG A 1 52  ? 31.489  2.780   2.389   1.00 0.00 ? 52  ARG A C    1 
ATOM 572  O O    . ARG A 1 52  ? 32.651  2.428   2.246   1.00 0.00 ? 52  ARG A O    1 
ATOM 573  C CB   . ARG A 1 52  ? 29.794  1.851   0.833   1.00 0.00 ? 52  ARG A CB   1 
ATOM 574  C CG   . ARG A 1 52  ? 28.876  0.702   0.451   1.00 0.00 ? 52  ARG A CG   1 
ATOM 575  C CD   . ARG A 1 52  ? 28.357  0.852   -0.933  1.00 0.00 ? 52  ARG A CD   1 
ATOM 576  N NE   . ARG A 1 52  ? 27.431  -0.214  -1.282  1.00 0.00 ? 52  ARG A NE   1 
ATOM 577  C CZ   . ARG A 1 52  ? 27.797  -1.424  -1.747  1.00 0.00 ? 52  ARG A CZ   1 
ATOM 578  N NH1  . ARG A 1 52  ? 29.070  -1.707  -1.914  1.00 0.00 ? 52  ARG A NH1  1 
ATOM 579  N NH2  . ARG A 1 52  ? 26.876  -2.327  -2.037  1.00 0.00 ? 52  ARG A NH2  1 
ATOM 580  H H    . ARG A 1 52  ? 28.380  2.328   2.923   1.00 0.00 ? 52  ARG A H    1 
ATOM 581  H HA   . ARG A 1 52  ? 30.733  0.777   2.417   1.00 0.00 ? 52  ARG A HA   1 
ATOM 582  H HB2  . ARG A 1 52  ? 29.234  2.777   0.707   1.00 0.00 ? 52  ARG A HB2  1 
ATOM 583  H HB3  . ARG A 1 52  ? 30.618  1.869   0.120   1.00 0.00 ? 52  ARG A HB3  1 
ATOM 584  H HG2  . ARG A 1 52  ? 29.426  -0.237  0.511   1.00 0.00 ? 52  ARG A HG2  1 
ATOM 585  H HG3  . ARG A 1 52  ? 28.027  0.671   1.134   1.00 0.00 ? 52  ARG A HG3  1 
ATOM 586  H HD2  . ARG A 1 52  ? 27.833  1.803   -1.024  1.00 0.00 ? 52  ARG A HD2  1 
ATOM 587  H HD3  . ARG A 1 52  ? 29.187  0.825   -1.638  1.00 0.00 ? 52  ARG A HD3  1 
ATOM 588  H HE   . ARG A 1 52  ? 26.442  -0.033  -1.168  1.00 0.00 ? 52  ARG A HE   1 
ATOM 589  H HH11 . ARG A 1 52  ? 29.774  -1.017  -1.693  1.00 0.00 ? 52  ARG A HH11 1 
ATOM 590  H HH12 . ARG A 1 52  ? 29.344  -2.613  -2.263  1.00 0.00 ? 52  ARG A HH12 1 
ATOM 591  H HH21 . ARG A 1 52  ? 25.897  -2.109  -1.910  1.00 0.00 ? 52  ARG A HH21 1 
ATOM 592  H HH22 . ARG A 1 52  ? 27.150  -3.233  -2.386  1.00 0.00 ? 52  ARG A HH22 1 
ATOM 593  N N    . ILE A 1 53  ? 31.149  4.034   2.674   1.00 0.00 ? 53  ILE A N    1 
ATOM 594  C CA   . ILE A 1 53  ? 32.169  5.045   2.910   1.00 0.00 ? 53  ILE A CA   1 
ATOM 595  C C    . ILE A 1 53  ? 33.046  4.652   4.098   1.00 0.00 ? 53  ILE A C    1 
ATOM 596  O O    . ILE A 1 53  ? 34.286  4.709   4.010   1.00 0.00 ? 53  ILE A O    1 
ATOM 597  C CB   . ILE A 1 53  ? 31.531  6.423   3.168   1.00 0.00 ? 53  ILE A CB   1 
ATOM 598  C CG1  . ILE A 1 53  ? 30.885  6.959   1.888   1.00 0.00 ? 53  ILE A CG1  1 
ATOM 599  C CG2  . ILE A 1 53  ? 32.571  7.401   3.693   1.00 0.00 ? 53  ILE A CG2  1 
ATOM 600  C CD1  . ILE A 1 53  ? 29.976  8.145   2.113   1.00 0.00 ? 53  ILE A CD1  1 
ATOM 601  H H    . ILE A 1 53  ? 30.176  4.295   2.731   1.00 0.00 ? 53  ILE A H    1 
ATOM 602  H HA   . ILE A 1 53  ? 32.809  5.103   2.031   1.00 0.00 ? 53  ILE A HA   1 
ATOM 603  H HB   . ILE A 1 53  ? 30.735  6.323   3.904   1.00 0.00 ? 53  ILE A HB   1 
ATOM 604  H HG12 . ILE A 1 53  ? 31.663  7.254   1.183   1.00 0.00 ? 53  ILE A HG12 1 
ATOM 605  H HG13 . ILE A 1 53  ? 30.301  6.169   1.416   1.00 0.00 ? 53  ILE A HG13 1 
ATOM 606  H HG21 . ILE A 1 53  ? 32.103  8.369   3.868   1.00 0.00 ? 53  ILE A HG21 1 
ATOM 607  H HG22 . ILE A 1 53  ? 32.986  7.023   4.627   1.00 0.00 ? 53  ILE A HG22 1 
ATOM 608  H HG23 . ILE A 1 53  ? 33.370  7.511   2.959   1.00 0.00 ? 53  ILE A HG23 1 
ATOM 609  H HD11 . ILE A 1 53  ? 29.555  8.469   1.160   1.00 0.00 ? 53  ILE A HD11 1 
ATOM 610  H HD12 . ILE A 1 53  ? 29.168  7.862   2.789   1.00 0.00 ? 53  ILE A HD12 1 
ATOM 611  H HD13 . ILE A 1 53  ? 30.547  8.963   2.553   1.00 0.00 ? 53  ILE A HD13 1 
ATOM 612  N N    . PHE A 1 54  ? 32.420  4.227   5.194   1.00 0.00 ? 54  PHE A N    1 
ATOM 613  C CA   . PHE A 1 54  ? 33.191  3.802   6.362   1.00 0.00 ? 54  PHE A CA   1 
ATOM 614  C C    . PHE A 1 54  ? 34.014  2.546   6.059   1.00 0.00 ? 54  PHE A C    1 
ATOM 615  O O    . PHE A 1 54  ? 35.105  2.381   6.583   1.00 0.00 ? 54  PHE A O    1 
ATOM 616  C CB   . PHE A 1 54  ? 32.258  3.535   7.545   1.00 0.00 ? 54  PHE A CB   1 
ATOM 617  C CG   . PHE A 1 54  ? 31.748  4.783   8.210   1.00 0.00 ? 54  PHE A CG   1 
ATOM 618  C CD1  . PHE A 1 54  ? 30.388  5.044   8.276   1.00 0.00 ? 54  PHE A CD1  1 
ATOM 619  C CD2  . PHE A 1 54  ? 32.629  5.697   8.768   1.00 0.00 ? 54  PHE A CD2  1 
ATOM 620  C CE1  . PHE A 1 54  ? 29.918  6.191   8.887   1.00 0.00 ? 54  PHE A CE1  1 
ATOM 621  C CE2  . PHE A 1 54  ? 32.162  6.844   9.380   1.00 0.00 ? 54  PHE A CE2  1 
ATOM 622  C CZ   . PHE A 1 54  ? 30.805  7.091   9.439   1.00 0.00 ? 54  PHE A CZ   1 
ATOM 623  H H    . PHE A 1 54  ? 31.411  4.194   5.231   1.00 0.00 ? 54  PHE A H    1 
ATOM 624  H HA   . PHE A 1 54  ? 33.894  4.594   6.619   1.00 0.00 ? 54  PHE A HA   1 
ATOM 625  H HB2  . PHE A 1 54  ? 31.400  2.955   7.208   1.00 0.00 ? 54  PHE A HB2  1 
ATOM 626  H HB3  . PHE A 1 54  ? 32.781  2.941   8.294   1.00 0.00 ? 54  PHE A HB3  1 
ATOM 627  H HD1  . PHE A 1 54  ? 29.686  4.331   7.841   1.00 0.00 ? 54  PHE A HD1  1 
ATOM 628  H HD2  . PHE A 1 54  ? 33.701  5.502   8.722   1.00 0.00 ? 54  PHE A HD2  1 
ATOM 629  H HE1  . PHE A 1 54  ? 28.847  6.385   8.933   1.00 0.00 ? 54  PHE A HE1  1 
ATOM 630  H HE2  . PHE A 1 54  ? 32.864  7.554   9.816   1.00 0.00 ? 54  PHE A HE2  1 
ATOM 631  H HZ   . PHE A 1 54  ? 30.436  7.997   9.920   1.00 0.00 ? 54  PHE A HZ   1 
ATOM 632  N N    . LEU A 1 55  ? 33.509  1.668   5.199   1.00 0.00 ? 55  LEU A N    1 
ATOM 633  C CA   . LEU A 1 55  ? 34.283  0.483   4.829   1.00 0.00 ? 55  LEU A CA   1 
ATOM 634  C C    . LEU A 1 55  ? 35.520  0.839   4.035   1.00 0.00 ? 55  LEU A C    1 
ATOM 635  O O    . LEU A 1 55  ? 36.559  0.194   4.185   1.00 0.00 ? 55  LEU A O    1 
ATOM 636  C CB   . LEU A 1 55  ? 33.417  -0.481  4.011   1.00 0.00 ? 55  LEU A CB   1 
ATOM 637  C CG   . LEU A 1 55  ? 32.293  -1.185  4.782   1.00 0.00 ? 55  LEU A CG   1 
ATOM 638  C CD1  . LEU A 1 55  ? 31.412  -1.957  3.810   1.00 0.00 ? 55  LEU A CD1  1 
ATOM 639  C CD2  . LEU A 1 55  ? 32.899  -2.113  5.826   1.00 0.00 ? 55  LEU A CD2  1 
ATOM 640  H H    . LEU A 1 55  ? 32.594  1.806   4.793   1.00 0.00 ? 55  LEU A H    1 
ATOM 641  H HA   . LEU A 1 55  ? 34.613  -0.014  5.741   1.00 0.00 ? 55  LEU A HA   1 
ATOM 642  H HB2  . LEU A 1 55  ? 32.960  0.071   3.192   1.00 0.00 ? 55  LEU A HB2  1 
ATOM 643  H HB3  . LEU A 1 55  ? 34.060  -1.252  3.586   1.00 0.00 ? 55  LEU A HB3  1 
ATOM 644  H HG   . LEU A 1 55  ? 31.670  -0.440  5.277   1.00 0.00 ? 55  LEU A HG   1 
ATOM 645  H HD11 . LEU A 1 55  ? 30.615  -2.456  4.358   1.00 0.00 ? 55  LEU A HD11 1 
ATOM 646  H HD12 . LEU A 1 55  ? 30.978  -1.266  3.087   1.00 0.00 ? 55  LEU A HD12 1 
ATOM 647  H HD13 . LEU A 1 55  ? 32.013  -2.700  3.286   1.00 0.00 ? 55  LEU A HD13 1 
ATOM 648  H HD21 . LEU A 1 55  ? 32.100  -2.611  6.376   1.00 0.00 ? 55  LEU A HD21 1 
ATOM 649  H HD22 . LEU A 1 55  ? 33.520  -2.859  5.333   1.00 0.00 ? 55  LEU A HD22 1 
ATOM 650  H HD23 . LEU A 1 55  ? 33.508  -1.533  6.520   1.00 0.00 ? 55  LEU A HD23 1 
ATOM 651  N N    . THR A 1 56  ? 35.433  1.867   3.196   1.00 0.00 ? 56  THR A N    1 
ATOM 652  C CA   . THR A 1 56  ? 36.614  2.298   2.456   1.00 0.00 ? 56  THR A CA   1 
ATOM 653  C C    . THR A 1 56  ? 37.576  3.071   3.367   1.00 0.00 ? 56  THR A C    1 
ATOM 654  O O    . THR A 1 56  ? 38.784  3.082   3.123   1.00 0.00 ? 56  THR A O    1 
ATOM 655  C CB   . THR A 1 56  ? 36.221  3.170   1.249   1.00 0.00 ? 56  THR A CB   1 
ATOM 656  O OG1  . THR A 1 56  ? 35.511  4.329   1.703   1.00 0.00 ? 56  THR A OG1  1 
ATOM 657  C CG2  . THR A 1 56  ? 35.342  2.386   0.288   1.00 0.00 ? 56  THR A CG2  1 
ATOM 658  H H    . THR A 1 56  ? 34.560  2.358   3.062   1.00 0.00 ? 56  THR A H    1 
ATOM 659  H HA   . THR A 1 56  ? 37.147  1.413   2.112   1.00 0.00 ? 56  THR A HA   1 
ATOM 660  H HB   . THR A 1 56  ? 37.122  3.494   0.726   1.00 0.00 ? 56  THR A HB   1 
ATOM 661  H HG1  . THR A 1 56  ? 35.200  4.183   2.600   1.00 0.00 ? 56  THR A HG1  1 
ATOM 662  H HG21 . THR A 1 56  ? 35.075  3.017   -0.560  1.00 0.00 ? 56  THR A HG21 1 
ATOM 663  H HG22 . THR A 1 56  ? 35.883  1.509   -0.069  1.00 0.00 ? 56  THR A HG22 1 
ATOM 664  H HG23 . THR A 1 56  ? 34.435  2.067   0.801   1.00 0.00 ? 56  THR A HG23 1 
ATOM 665  N N    . LYS A 1 57  ? 37.038  3.685   4.418   1.00 0.00 ? 57  LYS A N    1 
ATOM 666  C CA   . LYS A 1 57  ? 37.846  4.320   5.460   1.00 0.00 ? 57  LYS A CA   1 
ATOM 667  C C    . LYS A 1 57  ? 38.472  3.294   6.399   1.00 0.00 ? 57  LYS A C    1 
ATOM 668  O O    . LYS A 1 57  ? 39.517  3.549   6.996   1.00 0.00 ? 57  LYS A O    1 
ATOM 669  C CB   . LYS A 1 57  ? 36.998  5.308   6.261   1.00 0.00 ? 57  LYS A CB   1 
ATOM 670  C CG   . LYS A 1 57  ? 36.615  6.571   5.499   1.00 0.00 ? 57  LYS A CG   1 
ATOM 671  C CD   . LYS A 1 57  ? 35.787  7.509   6.363   1.00 0.00 ? 57  LYS A CD   1 
ATOM 672  C CE   . LYS A 1 57  ? 35.491  8.815   5.639   1.00 0.00 ? 57  LYS A CE   1 
ATOM 673  N NZ   . LYS A 1 57  ? 34.675  9.740   6.471   1.00 0.00 ? 57  LYS A NZ   1 
ATOM 674  H H    . LYS A 1 57  ? 36.031  3.710   4.494   1.00 0.00 ? 57  LYS A H    1 
ATOM 675  H HA   . LYS A 1 57  ? 38.657  4.869   4.981   1.00 0.00 ? 57  LYS A HA   1 
ATOM 676  H HB2  . LYS A 1 57  ? 36.077  4.822   6.584   1.00 0.00 ? 57  LYS A HB2  1 
ATOM 677  H HB3  . LYS A 1 57  ? 37.540  5.611   7.157   1.00 0.00 ? 57  LYS A HB3  1 
ATOM 678  H HG2  . LYS A 1 57  ? 37.519  7.091   5.178   1.00 0.00 ? 57  LYS A HG2  1 
ATOM 679  H HG3  . LYS A 1 57  ? 36.040  6.302   4.614   1.00 0.00 ? 57  LYS A HG3  1 
ATOM 680  H HD2  . LYS A 1 57  ? 34.843  7.026   6.623   1.00 0.00 ? 57  LYS A HD2  1 
ATOM 681  H HD3  . LYS A 1 57  ? 36.328  7.729   7.283   1.00 0.00 ? 57  LYS A HD3  1 
ATOM 682  H HE2  . LYS A 1 57  ? 36.428  9.307   5.382   1.00 0.00 ? 57  LYS A HE2  1 
ATOM 683  H HE3  . LYS A 1 57  ? 34.952  8.604   4.716   1.00 0.00 ? 57  LYS A HE3  1 
ATOM 684  H HZ1  . LYS A 1 57  ? 34.501  10.592  5.957   1.00 0.00 ? 57  LYS A HZ1  1 
ATOM 685  H HZ2  . LYS A 1 57  ? 33.795  9.299   6.701   1.00 0.00 ? 57  LYS A HZ2  1 
ATOM 686  H HZ3  . LYS A 1 57  ? 35.174  9.957   7.323   1.00 0.00 ? 57  LYS A HZ3  1 
ATOM 687  N N    . GLY A 1 58  ? 37.827  2.141   6.531   1.00 0.00 ? 58  GLY A N    1 
ATOM 688  C CA   . GLY A 1 58  ? 38.317  1.080   7.389   1.00 0.00 ? 58  GLY A CA   1 
ATOM 689  C C    . GLY A 1 58  ? 37.671  1.037   8.758   1.00 0.00 ? 58  GLY A C    1 
ATOM 690  O O    . GLY A 1 58  ? 38.103  0.279   9.634   1.00 0.00 ? 58  GLY A O    1 
ATOM 691  H H    . GLY A 1 58  ? 36.970  2.002   6.018   1.00 0.00 ? 58  GLY A H    1 
ATOM 692  H HA2  . GLY A 1 58  ? 38.151  0.116   6.905   1.00 0.00 ? 58  GLY A HA2  1 
ATOM 693  H HA3  . GLY A 1 58  ? 39.392  1.189   7.525   1.00 0.00 ? 58  GLY A HA3  1 
ATOM 694  N N    . ASN A 1 59  ? 36.631  1.841   8.945   1.00 0.00 ? 59  ASN A N    1 
ATOM 695  C CA   . ASN A 1 59  ? 35.940  1.894   10.225  1.00 0.00 ? 59  ASN A CA   1 
ATOM 696  C C    . ASN A 1 59  ? 34.693  1.020   10.192  1.00 0.00 ? 59  ASN A C    1 
ATOM 697  O O    . ASN A 1 59  ? 33.580  1.515   9.971   1.00 0.00 ? 59  ASN A O    1 
ATOM 698  C CB   . ASN A 1 59  ? 35.589  3.325   10.588  1.00 0.00 ? 59  ASN A CB   1 
ATOM 699  C CG   . ASN A 1 59  ? 35.057  3.453   11.989  1.00 0.00 ? 59  ASN A CG   1 
ATOM 700  O OD1  . ASN A 1 59  ? 34.430  2.526   12.514  1.00 0.00 ? 59  ASN A OD1  1 
ATOM 701  N ND2  . ASN A 1 59  ? 35.298  4.582   12.604  1.00 0.00 ? 59  ASN A ND2  1 
ATOM 702  H H    . ASN A 1 59  ? 36.309  2.429   8.189   1.00 0.00 ? 59  ASN A H    1 
ATOM 703  H HA   . ASN A 1 59  ? 36.608  1.503   10.995  1.00 0.00 ? 59  ASN A HA   1 
ATOM 704  H HB2  . ASN A 1 59  ? 36.474  3.954   10.488  1.00 0.00 ? 59  ASN A HB2  1 
ATOM 705  H HB3  . ASN A 1 59  ? 34.838  3.703   9.892   1.00 0.00 ? 59  ASN A HB3  1 
ATOM 706  H HD21 . ASN A 1 59  ? 34.969  4.724   13.538  1.00 0.00 ? 59  ASN A HD21 1 
ATOM 707  H HD22 . ASN A 1 59  ? 35.810  5.305   12.140  1.00 0.00 ? 59  ASN A HD22 1 
ATOM 708  N N    . LYS A 1 60  ? 34.879  -0.277  10.419  1.00 0.00 ? 60  LYS A N    1 
ATOM 709  C CA   . LYS A 1 60  ? 33.796  -1.244  10.314  1.00 0.00 ? 60  LYS A CA   1 
ATOM 710  C C    . LYS A 1 60  ? 32.766  -1.044  11.418  1.00 0.00 ? 60  LYS A C    1 
ATOM 711  O O    . LYS A 1 60  ? 31.602  -1.408  11.259  1.00 0.00 ? 60  LYS A O    1 
ATOM 712  C CB   . LYS A 1 60  ? 34.347  -2.670  10.360  1.00 0.00 ? 60  LYS A CB   1 
ATOM 713  C CG   . LYS A 1 60  ? 35.142  -3.077  9.127   1.00 0.00 ? 60  LYS A CG   1 
ATOM 714  C CD   . LYS A 1 60  ? 35.658  -4.503  9.247   1.00 0.00 ? 60  LYS A CD   1 
ATOM 715  C CE   . LYS A 1 60  ? 36.446  -4.915  8.012   1.00 0.00 ? 60  LYS A CE   1 
ATOM 716  N NZ   . LYS A 1 60  ? 36.987  -6.295  8.132   1.00 0.00 ? 60  LYS A NZ   1 
ATOM 717  H H    . LYS A 1 60  ? 35.803  -0.598  10.671  1.00 0.00 ? 60  LYS A H    1 
ATOM 718  H HA   . LYS A 1 60  ? 33.293  -1.097  9.357   1.00 0.00 ? 60  LYS A HA   1 
ATOM 719  H HB2  . LYS A 1 60  ? 34.997  -2.781  11.228  1.00 0.00 ? 60  LYS A HB2  1 
ATOM 720  H HB3  . LYS A 1 60  ? 33.523  -3.375  10.474  1.00 0.00 ? 60  LYS A HB3  1 
ATOM 721  H HG2  . LYS A 1 60  ? 34.507  -3.003  8.243   1.00 0.00 ? 60  LYS A HG2  1 
ATOM 722  H HG3  . LYS A 1 60  ? 35.989  -2.403  9.001   1.00 0.00 ? 60  LYS A HG3  1 
ATOM 723  H HD2  . LYS A 1 60  ? 36.304  -4.584  10.123  1.00 0.00 ? 60  LYS A HD2  1 
ATOM 724  H HD3  . LYS A 1 60  ? 34.817  -5.185  9.373   1.00 0.00 ? 60  LYS A HD3  1 
ATOM 725  H HE2  . LYS A 1 60  ? 35.799  -4.866  7.136   1.00 0.00 ? 60  LYS A HE2  1 
ATOM 726  H HE3  . LYS A 1 60  ? 37.275  -4.224  7.862   1.00 0.00 ? 60  LYS A HE3  1 
ATOM 727  H HZ1  . LYS A 1 60  ? 37.502  -6.529  7.294   1.00 0.00 ? 60  LYS A HZ1  1 
ATOM 728  H HZ2  . LYS A 1 60  ? 37.604  -6.347  8.931   1.00 0.00 ? 60  LYS A HZ2  1 
ATOM 729  H HZ3  . LYS A 1 60  ? 36.226  -6.948  8.252   1.00 0.00 ? 60  LYS A HZ3  1 
ATOM 730  N N    . VAL A 1 61  ? 33.183  -0.462  12.539  1.00 0.00 ? 61  VAL A N    1 
ATOM 731  C CA   . VAL A 1 61  ? 32.251  -0.211  13.630  1.00 0.00 ? 61  VAL A CA   1 
ATOM 732  C C    . VAL A 1 61  ? 31.197  0.794   13.204  1.00 0.00 ? 61  VAL A C    1 
ATOM 733  O O    . VAL A 1 61  ? 30.002  0.564   13.381  1.00 0.00 ? 61  VAL A O    1 
ATOM 734  C CB   . VAL A 1 61  ? 32.997  0.320   14.869  1.00 0.00 ? 61  VAL A CB   1 
ATOM 735  C CG1  . VAL A 1 61  ? 32.008  0.767   15.935  1.00 0.00 ? 61  VAL A CG1  1 
ATOM 736  C CG2  . VAL A 1 61  ? 33.929  -0.752  15.411  1.00 0.00 ? 61  VAL A CG2  1 
ATOM 737  H H    . VAL A 1 61  ? 34.150  -0.188  12.645  1.00 0.00 ? 61  VAL A H    1 
ATOM 738  H HA   . VAL A 1 61  ? 31.757  -1.149  13.886  1.00 0.00 ? 61  VAL A HA   1 
ATOM 739  H HB   . VAL A 1 61  ? 33.579  1.197   14.582  1.00 0.00 ? 61  VAL A HB   1 
ATOM 740  H HG11 . VAL A 1 61  ? 32.552  1.140   16.803  1.00 0.00 ? 61  VAL A HG11 1 
ATOM 741  H HG12 . VAL A 1 61  ? 31.376  1.560   15.536  1.00 0.00 ? 61  VAL A HG12 1 
ATOM 742  H HG13 . VAL A 1 61  ? 31.388  -0.078  16.232  1.00 0.00 ? 61  VAL A HG13 1 
ATOM 743  H HG21 . VAL A 1 61  ? 34.454  -0.369  16.287  1.00 0.00 ? 61  VAL A HG21 1 
ATOM 744  H HG22 . VAL A 1 61  ? 33.347  -1.631  15.692  1.00 0.00 ? 61  VAL A HG22 1 
ATOM 745  H HG23 . VAL A 1 61  ? 34.654  -1.026  14.645  1.00 0.00 ? 61  VAL A HG23 1 
ATOM 746  N N    . MET A 1 62  ? 31.638  1.900   12.617  1.00 0.00 ? 62  MET A N    1 
ATOM 747  C CA   . MET A 1 62  ? 30.698  2.891   12.124  1.00 0.00 ? 62  MET A CA   1 
ATOM 748  C C    . MET A 1 62  ? 29.945  2.412   10.890  1.00 0.00 ? 62  MET A C    1 
ATOM 749  O O    . MET A 1 62  ? 28.802  2.807   10.691  1.00 0.00 ? 62  MET A O    1 
ATOM 750  C CB   . MET A 1 62  ? 31.434  4.195   11.819  1.00 0.00 ? 62  MET A CB   1 
ATOM 751  C CG   . MET A 1 62  ? 31.917  4.947   13.051  1.00 0.00 ? 62  MET A CG   1 
ATOM 752  S SD   . MET A 1 62  ? 30.576  5.353   14.188  1.00 0.00 ? 62  MET A SD   1 
ATOM 753  C CE   . MET A 1 62  ? 29.618  6.490   13.192  1.00 0.00 ? 62  MET A CE   1 
ATOM 754  H H    . MET A 1 62  ? 32.628  2.065   12.507  1.00 0.00 ? 62  MET A H    1 
ATOM 755  H HA   . MET A 1 62  ? 29.942  3.063   12.889  1.00 0.00 ? 62  MET A HA   1 
ATOM 756  H HB2  . MET A 1 62  ? 32.301  3.986   11.195  1.00 0.00 ? 62  MET A HB2  1 
ATOM 757  H HB3  . MET A 1 62  ? 30.778  4.860   11.257  1.00 0.00 ? 62  MET A HB3  1 
ATOM 758  H HG2  . MET A 1 62  ? 32.649  4.342   13.584  1.00 0.00 ? 62  MET A HG2  1 
ATOM 759  H HG3  . MET A 1 62  ? 32.400  5.875   12.745  1.00 0.00 ? 62  MET A HG3  1 
ATOM 760  H HE1  . MET A 1 62  ? 28.752  6.831   13.758  1.00 0.00 ? 62  MET A HE1  1 
ATOM 761  H HE2  . MET A 1 62  ? 30.237  7.347   12.922  1.00 0.00 ? 62  MET A HE2  1 
ATOM 762  H HE3  . MET A 1 62  ? 29.283  5.986   12.285  1.00 0.00 ? 62  MET A HE3  1 
ATOM 763  N N    . ALA A 1 63  ? 30.573  1.570   10.075  1.00 0.00 ? 63  ALA A N    1 
ATOM 764  C CA   . ALA A 1 63  ? 29.884  0.959   8.934   1.00 0.00 ? 63  ALA A CA   1 
ATOM 765  C C    . ALA A 1 63  ? 28.712  0.099   9.412   1.00 0.00 ? 63  ALA A C    1 
ATOM 766  O O    . ALA A 1 63  ? 27.620  0.168   8.835   1.00 0.00 ? 63  ALA A O    1 
ATOM 767  C CB   . ALA A 1 63  ? 30.844  0.142   8.107   1.00 0.00 ? 63  ALA A CB   1 
ATOM 768  H H    . ALA A 1 63  ? 31.543  1.342   10.242  1.00 0.00 ? 63  ALA A H    1 
ATOM 769  H HA   . ALA A 1 63  ? 29.482  1.761   8.315   1.00 0.00 ? 63  ALA A HA   1 
ATOM 770  H HB1  . ALA A 1 63  ? 30.313  -0.302  7.265   1.00 0.00 ? 63  ALA A HB1  1 
ATOM 771  H HB2  . ALA A 1 63  ? 31.642  0.784   7.734   1.00 0.00 ? 63  ALA A HB2  1 
ATOM 772  H HB3  . ALA A 1 63  ? 31.273  -0.648  8.722   1.00 0.00 ? 63  ALA A HB3  1 
ATOM 773  N N    . LYS A 1 64  ? 28.925  -0.694  10.464  1.00 0.00 ? 64  LYS A N    1 
ATOM 774  C CA   . LYS A 1 64  ? 27.847  -1.506  11.027  1.00 0.00 ? 64  LYS A CA   1 
ATOM 775  C C    . LYS A 1 64  ? 26.758  -0.613  11.619  1.00 0.00 ? 64  LYS A C    1 
ATOM 776  O O    . LYS A 1 64  ? 25.557  -0.883  11.460  1.00 0.00 ? 64  LYS A O    1 
ATOM 777  C CB   . LYS A 1 64  ? 28.389  -2.461  12.092  1.00 0.00 ? 64  LYS A CB   1 
ATOM 778  C CG   . LYS A 1 64  ? 29.230  -3.606  11.542  1.00 0.00 ? 64  LYS A CG   1 
ATOM 779  C CD   . LYS A 1 64  ? 29.771  -4.481  12.663  1.00 0.00 ? 64  LYS A CD   1 
ATOM 780  C CE   . LYS A 1 64  ? 30.625  -5.615  12.116  1.00 0.00 ? 64  LYS A CE   1 
ATOM 781  N NZ   . LYS A 1 64  ? 31.179  -6.468  13.202  1.00 0.00 ? 64  LYS A NZ   1 
ATOM 782  H H    . LYS A 1 64  ? 29.843  -0.736  10.883  1.00 0.00 ? 64  LYS A H    1 
ATOM 783  H HA   . LYS A 1 64  ? 27.404  -2.096  10.223  1.00 0.00 ? 64  LYS A HA   1 
ATOM 784  H HB2  . LYS A 1 64  ? 29.002  -1.905  12.800  1.00 0.00 ? 64  LYS A HB2  1 
ATOM 785  H HB3  . LYS A 1 64  ? 27.557  -2.894  12.648  1.00 0.00 ? 64  LYS A HB3  1 
ATOM 786  H HG2  . LYS A 1 64  ? 28.620  -4.218  10.876  1.00 0.00 ? 64  LYS A HG2  1 
ATOM 787  H HG3  . LYS A 1 64  ? 30.066  -3.201  10.972  1.00 0.00 ? 64  LYS A HG3  1 
ATOM 788  H HD2  . LYS A 1 64  ? 30.376  -3.875  13.339  1.00 0.00 ? 64  LYS A HD2  1 
ATOM 789  H HD3  . LYS A 1 64  ? 28.941  -4.905  13.227  1.00 0.00 ? 64  LYS A HD3  1 
ATOM 790  H HE2  . LYS A 1 64  ? 30.024  -6.237  11.454  1.00 0.00 ? 64  LYS A HE2  1 
ATOM 791  H HE3  . LYS A 1 64  ? 31.453  -5.203  11.539  1.00 0.00 ? 64  LYS A HE3  1 
ATOM 792  H HZ1  . LYS A 1 64  ? 31.738  -7.207  12.799  1.00 0.00 ? 64  LYS A HZ1  1 
ATOM 793  H HZ2  . LYS A 1 64  ? 31.755  -5.906  13.812  1.00 0.00 ? 64  LYS A HZ2  1 
ATOM 794  H HZ3  . LYS A 1 64  ? 30.421  -6.872  13.733  1.00 0.00 ? 64  LYS A HZ3  1 
ATOM 795  N N    . ASN A 1 65  ? 27.171  0.465   12.277  1.00 0.00 ? 65  ASN A N    1 
ATOM 796  C CA   . ASN A 1 65  ? 26.199  1.421   12.809  1.00 0.00 ? 65  ASN A CA   1 
ATOM 797  C C    . ASN A 1 65  ? 25.374  2.103   11.701  1.00 0.00 ? 65  ASN A C    1 
ATOM 798  O O    . ASN A 1 65  ? 24.178  2.332   11.861  1.00 0.00 ? 65  ASN A O    1 
ATOM 799  C CB   . ASN A 1 65  ? 26.907  2.461   13.659  1.00 0.00 ? 65  ASN A CB   1 
ATOM 800  C CG   . ASN A 1 65  ? 27.371  1.910   14.979  1.00 0.00 ? 65  ASN A CG   1 
ATOM 801  O OD1  . ASN A 1 65  ? 26.869  0.882   15.447  1.00 0.00 ? 65  ASN A OD1  1 
ATOM 802  N ND2  . ASN A 1 65  ? 28.321  2.574   15.588  1.00 0.00 ? 65  ASN A ND2  1 
ATOM 803  H H    . ASN A 1 65  ? 28.157  0.636   12.417  1.00 0.00 ? 65  ASN A H    1 
ATOM 804  H HA   . ASN A 1 65  ? 25.482  0.878   13.426  1.00 0.00 ? 65  ASN A HA   1 
ATOM 805  H HB2  . ASN A 1 65  ? 27.769  2.850   13.116  1.00 0.00 ? 65  ASN A HB2  1 
ATOM 806  H HB3  . ASN A 1 65  ? 26.233  3.298   13.845  1.00 0.00 ? 65  ASN A HB3  1 
ATOM 807  H HD21 . ASN A 1 65  ? 28.670  2.254   16.468  1.00 0.00 ? 65  ASN A HD21 1 
ATOM 808  H HD22 . ASN A 1 65  ? 28.697  3.401   15.171  1.00 0.00 ? 65  ASN A HD22 1 
ATOM 809  N N    . ALA A 1 66  ? 25.998  2.408   10.570  1.00 0.00 ? 66  ALA A N    1 
ATOM 810  C CA   . ALA A 1 66  ? 25.237  2.914   9.437   1.00 0.00 ? 66  ALA A CA   1 
ATOM 811  C C    . ALA A 1 66  ? 24.285  1.850   8.907   1.00 0.00 ? 66  ALA A C    1 
ATOM 812  O O    . ALA A 1 66  ? 23.186  2.184   8.454   1.00 0.00 ? 66  ALA A O    1 
ATOM 813  C CB   . ALA A 1 66  ? 26.163  3.390   8.342   1.00 0.00 ? 66  ALA A CB   1 
ATOM 814  H H    . ALA A 1 66  ? 26.998  2.295   10.480  1.00 0.00 ? 66  ALA A H    1 
ATOM 815  H HA   . ALA A 1 66  ? 24.639  3.758   9.781   1.00 0.00 ? 66  ALA A HA   1 
ATOM 816  H HB1  . ALA A 1 66  ? 25.574  3.764   7.505   1.00 0.00 ? 66  ALA A HB1  1 
ATOM 817  H HB2  . ALA A 1 66  ? 26.798  4.189   8.725   1.00 0.00 ? 66  ALA A HB2  1 
ATOM 818  H HB3  . ALA A 1 66  ? 26.785  2.561   8.007   1.00 0.00 ? 66  ALA A HB3  1 
ATOM 819  N N    . LEU A 1 67  ? 24.692  0.581   8.922   1.00 0.00 ? 67  LEU A N    1 
ATOM 820  C CA   . LEU A 1 67  ? 23.783  -0.495  8.506   1.00 0.00 ? 67  LEU A CA   1 
ATOM 821  C C    . LEU A 1 67  ? 22.635  -0.681  9.512   1.00 0.00 ? 67  LEU A C    1 
ATOM 822  O O    . LEU A 1 67  ? 21.507  -1.037  9.121   1.00 0.00 ? 67  LEU A O    1 
ATOM 823  C CB   . LEU A 1 67  ? 24.557  -1.812  8.358   1.00 0.00 ? 67  LEU A CB   1 
ATOM 824  C CG   . LEU A 1 67  ? 25.560  -1.866  7.197   1.00 0.00 ? 67  LEU A CG   1 
ATOM 825  C CD1  . LEU A 1 67  ? 26.363  -3.157  7.281   1.00 0.00 ? 67  LEU A CD1  1 
ATOM 826  C CD2  . LEU A 1 67  ? 24.813  -1.772  5.876   1.00 0.00 ? 67  LEU A CD2  1 
ATOM 827  H H    . LEU A 1 67  ? 25.628  0.348   9.219   1.00 0.00 ? 67  LEU A H    1 
ATOM 828  H HA   . LEU A 1 67  ? 23.320  -0.213  7.561   1.00 0.00 ? 67  LEU A HA   1 
ATOM 829  H HB2  . LEU A 1 67  ? 25.105  -1.998  9.279   1.00 0.00 ? 67  LEU A HB2  1 
ATOM 830  H HB3  . LEU A 1 67  ? 23.841  -2.622  8.214   1.00 0.00 ? 67  LEU A HB3  1 
ATOM 831  H HG   . LEU A 1 67  ? 26.258  -1.032  7.281   1.00 0.00 ? 67  LEU A HG   1 
ATOM 832  H HD11 . LEU A 1 67  ? 27.077  -3.195  6.458   1.00 0.00 ? 67  LEU A HD11 1 
ATOM 833  H HD12 . LEU A 1 67  ? 26.903  -3.188  8.228   1.00 0.00 ? 67  LEU A HD12 1 
ATOM 834  H HD13 . LEU A 1 67  ? 25.690  -4.009  7.218   1.00 0.00 ? 67  LEU A HD13 1 
ATOM 835  H HD21 . LEU A 1 67  ? 25.526  -1.810  5.052   1.00 0.00 ? 67  LEU A HD21 1 
ATOM 836  H HD22 . LEU A 1 67  ? 24.116  -2.606  5.791   1.00 0.00 ? 67  LEU A HD22 1 
ATOM 837  H HD23 . LEU A 1 67  ? 24.261  -0.833  5.834   1.00 0.00 ? 67  LEU A HD23 1 
ATOM 838  N N    . LYS A 1 68  ? 22.901  -0.411  10.789  1.00 0.00 ? 68  LYS A N    1 
ATOM 839  C CA   . LYS A 1 68  ? 21.839  -0.412  11.806  1.00 0.00 ? 68  LYS A CA   1 
ATOM 840  C C    . LYS A 1 68  ? 20.818  0.679   11.497  1.00 0.00 ? 68  LYS A C    1 
ATOM 841  O O    . LYS A 1 68  ? 19.604  0.460   11.597  1.00 0.00 ? 68  LYS A O    1 
ATOM 842  C CB   . LYS A 1 68  ? 22.420  -0.209  13.206  1.00 0.00 ? 68  LYS A CB   1 
ATOM 843  C CG   . LYS A 1 68  ? 23.214  -1.397  13.735  1.00 0.00 ? 68  LYS A CG   1 
ATOM 844  C CD   . LYS A 1 68  ? 23.821  -1.094  15.096  1.00 0.00 ? 68  LYS A CD   1 
ATOM 845  C CE   . LYS A 1 68  ? 24.676  -2.251  15.592  1.00 0.00 ? 68  LYS A CE   1 
ATOM 846  N NZ   . LYS A 1 68  ? 25.317  -1.949  16.901  1.00 0.00 ? 68  LYS A NZ   1 
ATOM 847  H H    . LYS A 1 68  ? 23.848  -0.201  11.069  1.00 0.00 ? 68  LYS A H    1 
ATOM 848  H HA   . LYS A 1 68  ? 21.335  -1.378  11.779  1.00 0.00 ? 68  LYS A HA   1 
ATOM 849  H HB2  . LYS A 1 68  ? 23.078  0.659   13.205  1.00 0.00 ? 68  LYS A HB2  1 
ATOM 850  H HB3  . LYS A 1 68  ? 21.613  -0.008  13.910  1.00 0.00 ? 68  LYS A HB3  1 
ATOM 851  H HG2  . LYS A 1 68  ? 22.558  -2.264  13.822  1.00 0.00 ? 68  LYS A HG2  1 
ATOM 852  H HG3  . LYS A 1 68  ? 24.014  -1.639  13.035  1.00 0.00 ? 68  LYS A HG3  1 
ATOM 853  H HD2  . LYS A 1 68  ? 24.440  -0.198  15.028  1.00 0.00 ? 68  LYS A HD2  1 
ATOM 854  H HD3  . LYS A 1 68  ? 23.024  -0.910  15.817  1.00 0.00 ? 68  LYS A HD3  1 
ATOM 855  H HE2  . LYS A 1 68  ? 24.057  -3.140  15.701  1.00 0.00 ? 68  LYS A HE2  1 
ATOM 856  H HE3  . LYS A 1 68  ? 25.456  -2.466  14.861  1.00 0.00 ? 68  LYS A HE3  1 
ATOM 857  H HZ1  . LYS A 1 68  ? 25.874  -2.739  17.193  1.00 0.00 ? 68  LYS A HZ1  1 
ATOM 858  H HZ2  . LYS A 1 68  ? 25.909  -1.136  16.807  1.00 0.00 ? 68  LYS A HZ2  1 
ATOM 859  H HZ3  . LYS A 1 68  ? 24.603  -1.767  17.591  1.00 0.00 ? 68  LYS A HZ3  1 
ATOM 860  N N    . LYS A 1 69  ? 21.303  1.849   11.098  1.00 0.00 ? 69  LYS A N    1 
ATOM 861  C CA   . LYS A 1 69  ? 20.411  2.924   10.653  1.00 0.00 ? 69  LYS A CA   1 
ATOM 862  C C    . LYS A 1 69  ? 19.683  2.580   9.354   1.00 0.00 ? 69  LYS A C    1 
ATOM 863  O O    . LYS A 1 69  ? 18.513  2.924   9.169   1.00 0.00 ? 69  LYS A O    1 
ATOM 864  C CB   . LYS A 1 69  ? 21.200  4.223   10.476  1.00 0.00 ? 69  LYS A CB   1 
ATOM 865  C CG   . LYS A 1 69  ? 21.682  4.850   11.778  1.00 0.00 ? 69  LYS A CG   1 
ATOM 866  C CD   . LYS A 1 69  ? 22.227  6.252   11.547  1.00 0.00 ? 69  LYS A CD   1 
ATOM 867  C CE   . LYS A 1 69  ? 23.591  6.211   10.874  1.00 0.00 ? 69  LYS A CE   1 
ATOM 868  N NZ   . LYS A 1 69  ? 24.159  7.575   10.687  1.00 0.00 ? 69  LYS A NZ   1 
ATOM 869  H H    . LYS A 1 69  ? 22.301  2.007   11.100  1.00 0.00 ? 69  LYS A H    1 
ATOM 870  H HA   . LYS A 1 69  ? 19.642  3.072   11.413  1.00 0.00 ? 69  LYS A HA   1 
ATOM 871  H HB2  . LYS A 1 69  ? 22.074  4.037   9.851   1.00 0.00 ? 69  LYS A HB2  1 
ATOM 872  H HB3  . LYS A 1 69  ? 20.580  4.957   9.960   1.00 0.00 ? 69  LYS A HB3  1 
ATOM 873  H HG2  . LYS A 1 69  ? 20.853  4.904   12.484  1.00 0.00 ? 69  LYS A HG2  1 
ATOM 874  H HG3  . LYS A 1 69  ? 22.466  4.231   12.211  1.00 0.00 ? 69  LYS A HG3  1 
ATOM 875  H HD2  . LYS A 1 69  ? 21.536  6.812   10.916  1.00 0.00 ? 69  LYS A HD2  1 
ATOM 876  H HD3  . LYS A 1 69  ? 22.319  6.768   12.502  1.00 0.00 ? 69  LYS A HD3  1 
ATOM 877  H HE2  . LYS A 1 69  ? 24.279  5.625   11.482  1.00 0.00 ? 69  LYS A HE2  1 
ATOM 878  H HE3  . LYS A 1 69  ? 23.503  5.732   9.900   1.00 0.00 ? 69  LYS A HE3  1 
ATOM 879  H HZ1  . LYS A 1 69  ? 25.063  7.504   10.239  1.00 0.00 ? 69  LYS A HZ1  1 
ATOM 880  H HZ2  . LYS A 1 69  ? 23.538  8.122   10.109  1.00 0.00 ? 69  LYS A HZ2  1 
ATOM 881  H HZ3  . LYS A 1 69  ? 24.265  8.022   11.586  1.00 0.00 ? 69  LYS A HZ3  1 
ATOM 882  N N    . LYS A 1 70  ? 20.369  1.902   8.441   1.00 0.00 ? 70  LYS A N    1 
ATOM 883  C CA   . LYS A 1 70  ? 19.733  1.386   7.223   1.00 0.00 ? 70  LYS A CA   1 
ATOM 884  C C    . LYS A 1 70  ? 18.534  0.488   7.568   1.00 0.00 ? 70  LYS A C    1 
ATOM 885  O O    . LYS A 1 70  ? 17.421  0.673   7.049   1.00 0.00 ? 70  LYS A O    1 
ATOM 886  C CB   . LYS A 1 70  ? 20.746  0.613   6.376   1.00 0.00 ? 70  LYS A CB   1 
ATOM 887  C CG   . LYS A 1 70  ? 20.189  0.075   5.065   1.00 0.00 ? 70  LYS A CG   1 
ATOM 888  C CD   . LYS A 1 70  ? 21.240  -0.716  4.301   1.00 0.00 ? 70  LYS A CD   1 
ATOM 889  C CE   . LYS A 1 70  ? 20.663  -1.323  3.031   1.00 0.00 ? 70  LYS A CE   1 
ATOM 890  N NZ   . LYS A 1 70  ? 21.650  -2.187  2.329   1.00 0.00 ? 70  LYS A NZ   1 
ATOM 891  H H    . LYS A 1 70  ? 21.355  1.739   8.589   1.00 0.00 ? 70  LYS A H    1 
ATOM 892  H HA   . LYS A 1 70  ? 19.361  2.230   6.642   1.00 0.00 ? 70  LYS A HA   1 
ATOM 893  H HB2  . LYS A 1 70  ? 21.591  1.260   6.139   1.00 0.00 ? 70  LYS A HB2  1 
ATOM 894  H HB3  . LYS A 1 70  ? 21.130  -0.231  6.949   1.00 0.00 ? 70  LYS A HB3  1 
ATOM 895  H HG2  . LYS A 1 70  ? 19.336  -0.574  5.271   1.00 0.00 ? 70  LYS A HG2  1 
ATOM 896  H HG3  . LYS A 1 70  ? 19.849  0.905   4.446   1.00 0.00 ? 70  LYS A HG3  1 
ATOM 897  H HD2  . LYS A 1 70  ? 22.069  -0.058  4.036   1.00 0.00 ? 70  LYS A HD2  1 
ATOM 898  H HD3  . LYS A 1 70  ? 21.623  -1.517  4.934   1.00 0.00 ? 70  LYS A HD3  1 
ATOM 899  H HE2  . LYS A 1 70  ? 19.787  -1.920  3.279   1.00 0.00 ? 70  LYS A HE2  1 
ATOM 900  H HE3  . LYS A 1 70  ? 20.352  -0.526  2.356   1.00 0.00 ? 70  LYS A HE3  1 
ATOM 901  H HZ1  . LYS A 1 70  ? 21.229  -2.570  1.493   1.00 0.00 ? 70  LYS A HZ1  1 
ATOM 902  H HZ2  . LYS A 1 70  ? 22.460  -1.639  2.076   1.00 0.00 ? 70  LYS A HZ2  1 
ATOM 903  H HZ3  . LYS A 1 70  ? 21.931  -2.942  2.939   1.00 0.00 ? 70  LYS A HZ3  1 
ATOM 904  N N    . LYS A 1 71  ? 18.752  -0.457  8.470   1.00 0.00 ? 71  LYS A N    1 
ATOM 905  C CA   . LYS A 1 71  ? 17.700  -1.375  8.924   1.00 0.00 ? 71  LYS A CA   1 
ATOM 906  C C    . LYS A 1 71  ? 16.544  -0.635  9.597   1.00 0.00 ? 71  LYS A C    1 
ATOM 907  O O    . LYS A 1 71  ? 15.372  -0.983  9.413   1.00 0.00 ? 71  LYS A O    1 
ATOM 908  C CB   . LYS A 1 71  ? 18.281  -2.415  9.884   1.00 0.00 ? 71  LYS A CB   1 
ATOM 909  C CG   . LYS A 1 71  ? 19.195  -3.438  9.225   1.00 0.00 ? 71  LYS A CG   1 
ATOM 910  C CD   . LYS A 1 71  ? 19.775  -4.403  10.249  1.00 0.00 ? 71  LYS A CD   1 
ATOM 911  C CE   . LYS A 1 71  ? 20.711  -5.409  9.596   1.00 0.00 ? 71  LYS A CE   1 
ATOM 912  N NZ   . LYS A 1 71  ? 21.309  -6.339  10.591  1.00 0.00 ? 71  LYS A NZ   1 
ATOM 913  H H    . LYS A 1 71  ? 19.681  -0.544  8.856   1.00 0.00 ? 71  LYS A H    1 
ATOM 914  H HA   . LYS A 1 71  ? 17.283  -1.882  8.052   1.00 0.00 ? 71  LYS A HA   1 
ATOM 915  H HB2  . LYS A 1 71  ? 18.850  -1.911  10.665  1.00 0.00 ? 71  LYS A HB2  1 
ATOM 916  H HB3  . LYS A 1 71  ? 17.468  -2.956  10.370  1.00 0.00 ? 71  LYS A HB3  1 
ATOM 917  H HG2  . LYS A 1 71  ? 18.632  -4.006  8.483   1.00 0.00 ? 71  LYS A HG2  1 
ATOM 918  H HG3  . LYS A 1 71  ? 20.012  -2.924  8.719   1.00 0.00 ? 71  LYS A HG3  1 
ATOM 919  H HD2  . LYS A 1 71  ? 20.327  -3.842  11.004  1.00 0.00 ? 71  LYS A HD2  1 
ATOM 920  H HD3  . LYS A 1 71  ? 18.966  -4.941  10.741  1.00 0.00 ? 71  LYS A HD3  1 
ATOM 921  H HE2  . LYS A 1 71  ? 20.162  -5.990  8.857   1.00 0.00 ? 71  LYS A HE2  1 
ATOM 922  H HE3  . LYS A 1 71  ? 21.515  -4.879  9.084   1.00 0.00 ? 71  LYS A HE3  1 
ATOM 923  H HZ1  . LYS A 1 71  ? 21.922  -6.989  10.119  1.00 0.00 ? 71  LYS A HZ1  1 
ATOM 924  H HZ2  . LYS A 1 71  ? 21.838  -5.812  11.271  1.00 0.00 ? 71  LYS A HZ2  1 
ATOM 925  H HZ3  . LYS A 1 71  ? 20.574  -6.851  11.058  1.00 0.00 ? 71  LYS A HZ3  1 
ATOM 926  N N    . THR A 1 72  ? 16.872  0.405   10.359  1.00 0.00 ? 72  THR A N    1 
ATOM 927  C CA   . THR A 1 72  ? 15.848  1.261   10.966  1.00 0.00 ? 72  THR A CA   1 
ATOM 928  C C    . THR A 1 72  ? 14.947  1.881   9.907   1.00 0.00 ? 72  THR A C    1 
ATOM 929  O O    . THR A 1 72  ? 13.715  1.904   10.050  1.00 0.00 ? 72  THR A O    1 
ATOM 930  C CB   . THR A 1 72  ? 16.486  2.375   11.815  1.00 0.00 ? 72  THR A CB   1 
ATOM 931  O OG1  . THR A 1 72  ? 17.239  1.792   12.887  1.00 0.00 ? 72  THR A OG1  1 
ATOM 932  C CG2  . THR A 1 72  ? 15.414  3.288   12.390  1.00 0.00 ? 72  THR A CG2  1 
ATOM 933  H H    . THR A 1 72  ? 17.847  0.612   10.523  1.00 0.00 ? 72  THR A H    1 
ATOM 934  H HA   . THR A 1 72  ? 15.231  0.648   11.624  1.00 0.00 ? 72  THR A HA   1 
ATOM 935  H HB   . THR A 1 72  ? 17.162  2.964   11.194  1.00 0.00 ? 72  THR A HB   1 
ATOM 936  H HG1  . THR A 1 72  ? 17.994  1.321   12.528  1.00 0.00 ? 72  THR A HG1  1 
ATOM 937  H HG21 . THR A 1 72  ? 15.884  4.070   12.986  1.00 0.00 ? 72  THR A HG21 1 
ATOM 938  H HG22 . THR A 1 72  ? 14.848  3.742   11.577  1.00 0.00 ? 72  THR A HG22 1 
ATOM 939  H HG23 . THR A 1 72  ? 14.741  2.707   13.020  1.00 0.00 ? 72  THR A HG23 1 
ATOM 940  N N    . ILE A 1 73  ? 15.543  2.372   8.831   1.00 0.00 ? 73  ILE A N    1 
ATOM 941  C CA   . ILE A 1 73  ? 14.743  2.946   7.747   1.00 0.00 ? 73  ILE A CA   1 
ATOM 942  C C    . ILE A 1 73  ? 13.951  1.859   7.029   1.00 0.00 ? 73  ILE A C    1 
ATOM 943  O O    . ILE A 1 73  ? 12.788  2.070   6.656   1.00 0.00 ? 73  ILE A O    1 
ATOM 944  C CB   . ILE A 1 73  ? 15.634  3.689   6.735   1.00 0.00 ? 73  ILE A CB   1 
ATOM 945  C CG1  . ILE A 1 73  ? 16.360  4.852   7.415   1.00 0.00 ? 73  ILE A CG1  1 
ATOM 946  C CG2  . ILE A 1 73  ? 14.804  4.188   5.562   1.00 0.00 ? 73  ILE A CG2  1 
ATOM 947  C CD1  . ILE A 1 73  ? 15.433  5.880   8.022   1.00 0.00 ? 73  ILE A CD1  1 
ATOM 948  H H    . ILE A 1 73  ? 16.549  2.357   8.745   1.00 0.00 ? 73  ILE A H    1 
ATOM 949  H HA   . ILE A 1 73  ? 14.032  3.649   8.177   1.00 0.00 ? 73  ILE A HA   1 
ATOM 950  H HB   . ILE A 1 73  ? 16.402  3.012   6.361   1.00 0.00 ? 73  ILE A HB   1 
ATOM 951  H HG12 . ILE A 1 73  ? 17.006  4.466   8.203   1.00 0.00 ? 73  ILE A HG12 1 
ATOM 952  H HG13 . ILE A 1 73  ? 16.998  5.357   6.689   1.00 0.00 ? 73  ILE A HG13 1 
ATOM 953  H HG21 . ILE A 1 73  ? 15.448  4.712   4.856   1.00 0.00 ? 73  ILE A HG21 1 
ATOM 954  H HG22 . ILE A 1 73  ? 14.332  3.342   5.064   1.00 0.00 ? 73  ILE A HG22 1 
ATOM 955  H HG23 . ILE A 1 73  ? 14.035  4.870   5.925   1.00 0.00 ? 73  ILE A HG23 1 
ATOM 956  H HD11 . ILE A 1 73  ? 16.022  6.672   8.485   1.00 0.00 ? 73  ILE A HD11 1 
ATOM 957  H HD12 . ILE A 1 73  ? 14.801  6.305   7.242   1.00 0.00 ? 73  ILE A HD12 1 
ATOM 958  H HD13 . ILE A 1 73  ? 14.808  5.404   8.777   1.00 0.00 ? 73  ILE A HD13 1 
ATOM 959  N N    . GLU A 1 74  ? 14.546  0.680   6.876   1.00 0.00 ? 74  GLU A N    1 
ATOM 960  C CA   . GLU A 1 74  ? 13.843  -0.445  6.245   1.00 0.00 ? 74  GLU A CA   1 
ATOM 961  C C    . GLU A 1 74  ? 12.591  -0.822  7.028   1.00 0.00 ? 74  GLU A C    1 
ATOM 962  O O    . GLU A 1 74  ? 11.541  -1.151  6.440   1.00 0.00 ? 74  GLU A O    1 
ATOM 963  C CB   . GLU A 1 74  ? 14.767  -1.660  6.133   1.00 0.00 ? 74  GLU A CB   1 
ATOM 964  C CG   . GLU A 1 74  ? 15.879  -1.511  5.104   1.00 0.00 ? 74  GLU A CG   1 
ATOM 965  C CD   . GLU A 1 74  ? 16.842  -2.666  5.113   1.00 0.00 ? 74  GLU A CD   1 
ATOM 966  O OE1  . GLU A 1 74  ? 16.790  -3.451  6.028   1.00 0.00 ? 74  GLU A OE1  1 
ATOM 967  O OE2  . GLU A 1 74  ? 17.630  -2.763  4.201   1.00 0.00 ? 74  GLU A OE2  1 
ATOM 968  H H    . GLU A 1 74  ? 15.494  0.550   7.198   1.00 0.00 ? 74  GLU A H    1 
ATOM 969  H HA   . GLU A 1 74  ? 13.533  -0.142  5.244   1.00 0.00 ? 74  GLU A HA   1 
ATOM 970  H HB2  . GLU A 1 74  ? 15.230  -1.855  7.100   1.00 0.00 ? 74  GLU A HB2  1 
ATOM 971  H HB3  . GLU A 1 74  ? 14.180  -2.539  5.868   1.00 0.00 ? 74  GLU A HB3  1 
ATOM 972  H HG2  . GLU A 1 74  ? 15.434  -1.432  4.113   1.00 0.00 ? 74  GLU A HG2  1 
ATOM 973  H HG3  . GLU A 1 74  ? 16.423  -0.589  5.304   1.00 0.00 ? 74  GLU A HG3  1 
ATOM 974  N N    . GLN A 1 75  ? 12.686  -0.768  8.351   1.00 0.00 ? 75  GLN A N    1 
ATOM 975  C CA   . GLN A 1 75  ? 11.519  -1.028  9.192   1.00 0.00 ? 75  GLN A CA   1 
ATOM 976  C C    . GLN A 1 75  ? 10.433  0.045   8.979   1.00 0.00 ? 75  GLN A C    1 
ATOM 977  O O    . GLN A 1 75  ? 9.237   -0.262  8.874   1.00 0.00 ? 75  GLN A O    1 
ATOM 978  C CB   . GLN A 1 75  ? 11.927  -1.085  10.667  1.00 0.00 ? 75  GLN A CB   1 
ATOM 979  C CG   . GLN A 1 75  ? 12.757  -2.301  11.037  1.00 0.00 ? 75  GLN A CG   1 
ATOM 980  C CD   . GLN A 1 75  ? 13.219  -2.269  12.481  1.00 0.00 ? 75  GLN A CD   1 
ATOM 981  O OE1  . GLN A 1 75  ? 13.099  -1.248  13.163  1.00 0.00 ? 75  GLN A OE1  1 
ATOM 982  N NE2  . GLN A 1 75  ? 13.750  -3.390  12.957  1.00 0.00 ? 75  GLN A NE2  1 
ATOM 983  H H    . GLN A 1 75  ? 13.568  -0.544  8.790   1.00 0.00 ? 75  GLN A H    1 
ATOM 984  H HA   . GLN A 1 75  ? 11.088  -1.986  8.898   1.00 0.00 ? 75  GLN A HA   1 
ATOM 985  H HB2  . GLN A 1 75  ? 12.503  -0.195  10.919  1.00 0.00 ? 75  GLN A HB2  1 
ATOM 986  H HB3  . GLN A 1 75  ? 11.033  -1.084  11.291  1.00 0.00 ? 75  GLN A HB3  1 
ATOM 987  H HG2  . GLN A 1 75  ? 12.155  -3.199  10.890  1.00 0.00 ? 75  GLN A HG2  1 
ATOM 988  H HG3  . GLN A 1 75  ? 13.640  -2.335  10.397  1.00 0.00 ? 75  GLN A HG3  1 
ATOM 989  H HE21 . GLN A 1 75  ? 14.072  -3.429  13.904  1.00 0.00 ? 75  GLN A HE21 1 
ATOM 990  H HE22 . GLN A 1 75  ? 13.828  -4.195  12.369  1.00 0.00 ? 75  GLN A HE22 1 
ATOM 991  N N    . LEU A 1 76  ? 10.856  1.303   8.896   1.00 0.00 ? 76  LEU A N    1 
ATOM 992  C CA   . LEU A 1 76  ? 9.919   2.403   8.604   1.00 0.00 ? 76  LEU A CA   1 
ATOM 993  C C    . LEU A 1 76  ? 9.281   2.263   7.206   1.00 0.00 ? 76  LEU A C    1 
ATOM 994  O O    . LEU A 1 76  ? 8.078   2.560   7.030   1.00 0.00 ? 76  LEU A O    1 
ATOM 995  C CB   . LEU A 1 76  ? 10.646  3.750   8.704   1.00 0.00 ? 76  LEU A CB   1 
ATOM 996  C CG   . LEU A 1 76  ? 11.094  4.162   10.112  1.00 0.00 ? 76  LEU A CG   1 
ATOM 997  C CD1  . LEU A 1 76  ? 11.943  5.423   10.027  1.00 0.00 ? 76  LEU A CD1  1 
ATOM 998  C CD2  . LEU A 1 76  ? 9.870   4.386   10.989  1.00 0.00 ? 76  LEU A CD2  1 
ATOM 999  H H    . LEU A 1 76  ? 11.834  1.515   9.035   1.00 0.00 ? 76  LEU A H    1 
ATOM 1000 H HA   . LEU A 1 76  ? 9.102   2.360   9.322   1.00 0.00 ? 76  LEU A HA   1 
ATOM 1001 H HB2  . LEU A 1 76  ? 11.532  3.714   8.072   1.00 0.00 ? 76  LEU A HB2  1 
ATOM 1002 H HB3  . LEU A 1 76  ? 9.986   4.530   8.325   1.00 0.00 ? 76  LEU A HB3  1 
ATOM 1003 H HG   . LEU A 1 76  ? 11.710  3.373   10.543  1.00 0.00 ? 76  LEU A HG   1 
ATOM 1004 H HD11 . LEU A 1 76  ? 12.261  5.716   11.028  1.00 0.00 ? 76  LEU A HD11 1 
ATOM 1005 H HD12 . LEU A 1 76  ? 12.821  5.229   9.410   1.00 0.00 ? 76  LEU A HD12 1 
ATOM 1006 H HD13 . LEU A 1 76  ? 11.357  6.227   9.583   1.00 0.00 ? 76  LEU A HD13 1 
ATOM 1007 H HD21 . LEU A 1 76  ? 10.189  4.677   11.990  1.00 0.00 ? 76  LEU A HD21 1 
ATOM 1008 H HD22 . LEU A 1 76  ? 9.253   5.175   10.559  1.00 0.00 ? 76  LEU A HD22 1 
ATOM 1009 H HD23 . LEU A 1 76  ? 9.291   3.464   11.046  1.00 0.00 ? 76  LEU A HD23 1 
ATOM 1010 N N    . LEU A 1 77  ? 10.062  1.803   6.222   1.00 0.00 ? 77  LEU A N    1 
ATOM 1011 C CA   . LEU A 1 77  ? 9.546   1.573   4.881   1.00 0.00 ? 77  LEU A CA   1 
ATOM 1012 C C    . LEU A 1 77  ? 8.463   0.498   4.936   1.00 0.00 ? 77  LEU A C    1 
ATOM 1013 O O    . LEU A 1 77  ? 7.380   0.672   4.385   1.00 0.00 ? 77  LEU A O    1 
ATOM 1014 C CB   . LEU A 1 77  ? 10.675  1.143   3.935   1.00 0.00 ? 77  LEU A CB   1 
ATOM 1015 C CG   . LEU A 1 77  ? 10.256  0.860   2.486   1.00 0.00 ? 77  LEU A CG   1 
ATOM 1016 C CD1  . LEU A 1 77  ? 9.686   2.128   1.865   1.00 0.00 ? 77  LEU A CD1  1 
ATOM 1017 C CD2  . LEU A 1 77  ? 11.457  0.358   1.700   1.00 0.00 ? 77  LEU A CD2  1 
ATOM 1018 H H    . LEU A 1 77  ? 11.034  1.613   6.415   1.00 0.00 ? 77  LEU A H    1 
ATOM 1019 H HA   . LEU A 1 77  ? 9.108   2.501   4.515   1.00 0.00 ? 77  LEU A HA   1 
ATOM 1020 H HB2  . LEU A 1 77  ? 11.429  1.928   3.914   1.00 0.00 ? 77  LEU A HB2  1 
ATOM 1021 H HB3  . LEU A 1 77  ? 11.133  0.237   4.330   1.00 0.00 ? 77  LEU A HB3  1 
ATOM 1022 H HG   . LEU A 1 77  ? 9.472   0.102   2.475   1.00 0.00 ? 77  LEU A HG   1 
ATOM 1023 H HD11 . LEU A 1 77  ? 9.388   1.928   0.836   1.00 0.00 ? 77  LEU A HD11 1 
ATOM 1024 H HD12 . LEU A 1 77  ? 8.817   2.455   2.436   1.00 0.00 ? 77  LEU A HD12 1 
ATOM 1025 H HD13 . LEU A 1 77  ? 10.444  2.912   1.878   1.00 0.00 ? 77  LEU A HD13 1 
ATOM 1026 H HD21 . LEU A 1 77  ? 11.159  0.157   0.670   1.00 0.00 ? 77  LEU A HD21 1 
ATOM 1027 H HD22 . LEU A 1 77  ? 12.241  1.116   1.708   1.00 0.00 ? 77  LEU A HD22 1 
ATOM 1028 H HD23 . LEU A 1 77  ? 11.833  -0.558  2.155   1.00 0.00 ? 77  LEU A HD23 1 
ATOM 1029 N N    . SER A 1 78  ? 8.735   -0.587  5.660   1.00 0.00 ? 78  SER A N    1 
ATOM 1030 C CA   . SER A 1 78  ? 7.747   -1.661  5.805   1.00 0.00 ? 78  SER A CA   1 
ATOM 1031 C C    . SER A 1 78  ? 6.440   -1.120  6.404   1.00 0.00 ? 78  SER A C    1 
ATOM 1032 O O    . SER A 1 78  ? 5.339   -1.509  5.988   1.00 0.00 ? 78  SER A O    1 
ATOM 1033 C CB   . SER A 1 78  ? 8.301   -2.767  6.682   1.00 0.00 ? 78  SER A CB   1 
ATOM 1034 O OG   . SER A 1 78  ? 9.395   -3.394  6.070   1.00 0.00 ? 78  SER A OG   1 
ATOM 1035 H H    . SER A 1 78  ? 9.631   -0.677  6.117   1.00 0.00 ? 78  SER A H    1 
ATOM 1036 H HA   . SER A 1 78  ? 7.516   -2.055  4.814   1.00 0.00 ? 78  SER A HA   1 
ATOM 1037 H HB2  . SER A 1 78  ? 8.608   -2.352  7.642   1.00 0.00 ? 78  SER A HB2  1 
ATOM 1038 H HB3  . SER A 1 78  ? 7.522   -3.502  6.877   1.00 0.00 ? 78  SER A HB3  1 
ATOM 1039 H HG   . SER A 1 78  ? 10.124  -2.773  6.132   1.00 0.00 ? 78  SER A HG   1 
ATOM 1040 N N    . LYS A 1 79  ? 6.561   -0.215  7.364   1.00 0.00 ? 79  LYS A N    1 
ATOM 1041 C CA   . LYS A 1 79  ? 5.373   0.395   7.973   1.00 0.00 ? 79  LYS A CA   1 
ATOM 1042 C C    . LYS A 1 79  ? 4.578   1.211   6.965   1.00 0.00 ? 79  LYS A C    1 
ATOM 1043 O O    . LYS A 1 79  ? 3.336   1.154   6.943   1.00 0.00 ? 79  LYS A O    1 
ATOM 1044 C CB   . LYS A 1 79  ? 5.771   1.280   9.155   1.00 0.00 ? 79  LYS A CB   1 
ATOM 1045 C CG   . LYS A 1 79  ? 6.275   0.515   10.372  1.00 0.00 ? 79  LYS A CG   1 
ATOM 1046 C CD   . LYS A 1 79  ? 6.685   1.463   11.490  1.00 0.00 ? 79  LYS A CD   1 
ATOM 1047 C CE   . LYS A 1 79  ? 7.205   0.700   12.699  1.00 0.00 ? 79  LYS A CE   1 
ATOM 1048 N NZ   . LYS A 1 79  ? 7.612   1.616   13.801  1.00 0.00 ? 79  LYS A NZ   1 
ATOM 1049 H H    . LYS A 1 79  ? 7.477   0.062   7.687   1.00 0.00 ? 79  LYS A H    1 
ATOM 1050 H HA   . LYS A 1 79  ? 4.714   -0.401  8.321   1.00 0.00 ? 79  LYS A HA   1 
ATOM 1051 H HB2  . LYS A 1 79  ? 6.557   1.970   8.845   1.00 0.00 ? 79  LYS A HB2  1 
ATOM 1052 H HB3  . LYS A 1 79  ? 4.915   1.879   9.467   1.00 0.00 ? 79  LYS A HB3  1 
ATOM 1053 H HG2  . LYS A 1 79  ? 5.489   -0.146  10.738  1.00 0.00 ? 79  LYS A HG2  1 
ATOM 1054 H HG3  . LYS A 1 79  ? 7.134   -0.092  10.090  1.00 0.00 ? 79  LYS A HG3  1 
ATOM 1055 H HD2  . LYS A 1 79  ? 7.465   2.135   11.131  1.00 0.00 ? 79  LYS A HD2  1 
ATOM 1056 H HD3  . LYS A 1 79  ? 5.825   2.062   11.792  1.00 0.00 ? 79  LYS A HD3  1 
ATOM 1057 H HE2  . LYS A 1 79  ? 6.430   0.030   13.068  1.00 0.00 ? 79  LYS A HE2  1 
ATOM 1058 H HE3  . LYS A 1 79  ? 8.066   0.098   12.408  1.00 0.00 ? 79  LYS A HE3  1 
ATOM 1059 H HZ1  . LYS A 1 79  ? 7.952   1.072   14.582  1.00 0.00 ? 79  LYS A HZ1  1 
ATOM 1060 H HZ2  . LYS A 1 79  ? 8.345   2.230   13.475  1.00 0.00 ? 79  LYS A HZ2  1 
ATOM 1061 H HZ3  . LYS A 1 79  ? 6.817   2.165   14.094  1.00 0.00 ? 79  LYS A HZ3  1 
ATOM 1062 N N    . VAL A 1 80  ? 5.268   1.972   6.125   1.00 0.00 ? 80  VAL A N    1 
ATOM 1063 C CA   . VAL A 1 80  ? 4.582   2.789   5.119   1.00 0.00 ? 80  VAL A CA   1 
ATOM 1064 C C    . VAL A 1 80  ? 3.935   1.893   4.074   1.00 0.00 ? 80  VAL A C    1 
ATOM 1065 O O    . VAL A 1 80  ? 2.768   2.092   3.704   1.00 0.00 ? 80  VAL A O    1 
ATOM 1066 C CB   . VAL A 1 80  ? 5.570   3.750   4.432   1.00 0.00 ? 80  VAL A CB   1 
ATOM 1067 C CG1  . VAL A 1 80  ? 4.908   4.437   3.247   1.00 0.00 ? 80  VAL A CG1  1 
ATOM 1068 C CG2  . VAL A 1 80  ? 6.078   4.775   5.436   1.00 0.00 ? 80  VAL A CG2  1 
ATOM 1069 H H    . VAL A 1 80  ? 6.277   1.994   6.174   1.00 0.00 ? 80  VAL A H    1 
ATOM 1070 H HA   . VAL A 1 80  ? 3.808   3.372   5.617   1.00 0.00 ? 80  VAL A HA   1 
ATOM 1071 H HB   . VAL A 1 80  ? 6.410   3.176   4.042   1.00 0.00 ? 80  VAL A HB   1 
ATOM 1072 H HG11 . VAL A 1 80  ? 5.620   5.113   2.773   1.00 0.00 ? 80  VAL A HG11 1 
ATOM 1073 H HG12 . VAL A 1 80  ? 4.584   3.687   2.526   1.00 0.00 ? 80  VAL A HG12 1 
ATOM 1074 H HG13 . VAL A 1 80  ? 4.045   5.006   3.593   1.00 0.00 ? 80  VAL A HG13 1 
ATOM 1075 H HG21 . VAL A 1 80  ? 6.776   5.450   4.942   1.00 0.00 ? 80  VAL A HG21 1 
ATOM 1076 H HG22 . VAL A 1 80  ? 5.238   5.346   5.829   1.00 0.00 ? 80  VAL A HG22 1 
ATOM 1077 H HG23 . VAL A 1 80  ? 6.585   4.263   6.253   1.00 0.00 ? 80  VAL A HG23 1 
ATOM 1078 N N    . GLU A 1 81  ? 4.679   0.897   3.595   1.00 0.00 ? 81  GLU A N    1 
ATOM 1079 C CA   . GLU A 1 81  ? 4.156   0.000   2.567   1.00 0.00 ? 81  GLU A CA   1 
ATOM 1080 C C    . GLU A 1 81  ? 2.995   -0.851  3.096   1.00 0.00 ? 81  GLU A C    1 
ATOM 1081 O O    . GLU A 1 81  ? 1.990   -1.048  2.391   1.00 0.00 ? 81  GLU A O    1 
ATOM 1082 C CB   . GLU A 1 81  ? 5.269   -0.911  2.044   1.00 0.00 ? 81  GLU A CB   1 
ATOM 1083 C CG   . GLU A 1 81  ? 6.324   -0.198  1.209   1.00 0.00 ? 81  GLU A CG   1 
ATOM 1084 C CD   . GLU A 1 81  ? 7.375   -1.130  0.675   1.00 0.00 ? 81  GLU A CD   1 
ATOM 1085 O OE1  . GLU A 1 81  ? 7.504   -2.211  1.197   1.00 0.00 ? 81  GLU A OE1  1 
ATOM 1086 O OE2  . GLU A 1 81  ? 8.051   -0.759  -0.256  1.00 0.00 ? 81  GLU A OE2  1 
ATOM 1087 H H    . GLU A 1 81  ? 5.616   0.753   3.942   1.00 0.00 ? 81  GLU A H    1 
ATOM 1088 H HA   . GLU A 1 81  ? 3.734   0.604   1.763   1.00 0.00 ? 81  GLU A HA   1 
ATOM 1089 H HB2  . GLU A 1 81  ? 5.774   -1.387  2.884   1.00 0.00 ? 81  GLU A HB2  1 
ATOM 1090 H HB3  . GLU A 1 81  ? 4.836   -1.701  1.431   1.00 0.00 ? 81  GLU A HB3  1 
ATOM 1091 H HG2  . GLU A 1 81  ? 5.833   0.298   0.370   1.00 0.00 ? 81  GLU A HG2  1 
ATOM 1092 H HG3  . GLU A 1 81  ? 6.799   0.568   1.820   1.00 0.00 ? 81  GLU A HG3  1 
ATOM 1093 N N    . GLY A 1 82  ? 3.092   -1.289  4.348   1.00 0.00 ? 82  GLY A N    1 
ATOM 1094 C CA   . GLY A 1 82  ? 2.002   -2.014  4.982   1.00 0.00 ? 82  GLY A CA   1 
ATOM 1095 C C    . GLY A 1 82  ? 0.758   -1.165  5.176   1.00 0.00 ? 82  GLY A C    1 
ATOM 1096 O O    . GLY A 1 82  ? -0.363  -1.670  5.080   1.00 0.00 ? 82  GLY A O    1 
ATOM 1097 H H    . GLY A 1 82  ? 3.938   -1.116  4.872   1.00 0.00 ? 82  GLY A H    1 
ATOM 1098 H HA2  . GLY A 1 82  ? 1.743   -2.883  4.377   1.00 0.00 ? 82  GLY A HA2  1 
ATOM 1099 H HA3  . GLY A 1 82  ? 2.329   -2.385  5.953   1.00 0.00 ? 82  GLY A HA3  1 
ATOM 1100 N N    . THR A 1 83  ? 0.952   0.123   5.456   1.00 0.00 ? 83  THR A N    1 
ATOM 1101 C CA   . THR A 1 83  ? -0.160  1.069   5.580   1.00 0.00 ? 83  THR A CA   1 
ATOM 1102 C C    . THR A 1 83  ? -0.900  1.245   4.239   1.00 0.00 ? 83  THR A C    1 
ATOM 1103 O O    . THR A 1 83  ? -2.144  1.290   4.171   1.00 0.00 ? 83  THR A O    1 
ATOM 1104 C CB   . THR A 1 83  ? 0.336   2.437   6.083   1.00 0.00 ? 83  THR A CB   1 
ATOM 1105 O OG1  . THR A 1 83  ? 0.961   2.279   7.364   1.00 0.00 ? 83  THR A OG1  1 
ATOM 1106 C CG2  . THR A 1 83  ? -0.825  3.413   6.206   1.00 0.00 ? 83  THR A CG2  1 
ATOM 1107 H H    . THR A 1 83  ? 1.897   0.454   5.585   1.00 0.00 ? 83  THR A H    1 
ATOM 1108 H HA   . THR A 1 83  ? -0.873  0.672   6.302   1.00 0.00 ? 83  THR A HA   1 
ATOM 1109 H HB   . THR A 1 83  ? 1.068   2.839   5.384   1.00 0.00 ? 83  THR A HB   1 
ATOM 1110 H HG1  . THR A 1 83  ? 1.825   1.876   7.250   1.00 0.00 ? 83  THR A HG1  1 
ATOM 1111 H HG21 . THR A 1 83  ? -0.455  4.374   6.563   1.00 0.00 ? 83  THR A HG21 1 
ATOM 1112 H HG22 . THR A 1 83  ? -1.295  3.543   5.232   1.00 0.00 ? 83  THR A HG22 1 
ATOM 1113 H HG23 . THR A 1 83  ? -1.556  3.020   6.912   1.00 0.00 ? 83  THR A HG23 1 
ATOM 1114 N N    . MET A 1 84  ? -0.129  1.348   3.167   1.00 0.00 ? 84  MET A N    1 
ATOM 1115 C CA   . MET A 1 84  ? -0.698  1.435   1.832   1.00 0.00 ? 84  MET A CA   1 
ATOM 1116 C C    . MET A 1 84  ? -1.474  0.177   1.479   1.00 0.00 ? 84  MET A C    1 
ATOM 1117 O O    . MET A 1 84  ? -2.552  0.259   0.877   1.00 0.00 ? 84  MET A O    1 
ATOM 1118 C CB   . MET A 1 84  ? 0.403   1.687   0.804   1.00 0.00 ? 84  MET A CB   1 
ATOM 1119 C CG   . MET A 1 84  ? 0.987   3.092   0.837   1.00 0.00 ? 84  MET A CG   1 
ATOM 1120 S SD   . MET A 1 84  ? 2.040   3.442   -0.584  1.00 0.00 ? 84  MET A SD   1 
ATOM 1121 C CE   . MET A 1 84  ? 3.494   2.481   -0.172  1.00 0.00 ? 84  MET A CE   1 
ATOM 1122 H H    . MET A 1 84  ? 0.876   1.367   3.275   1.00 0.00 ? 84  MET A H    1 
ATOM 1123 H HA   . MET A 1 84  ? -1.396  2.272   1.808   1.00 0.00 ? 84  MET A HA   1 
ATOM 1124 H HB2  . MET A 1 84  ? 1.218   0.984   0.965   1.00 0.00 ? 84  MET A HB2  1 
ATOM 1125 H HB3  . MET A 1 84  ? 0.012   1.511   -0.199  1.00 0.00 ? 84  MET A HB3  1 
ATOM 1126 H HG2  . MET A 1 84  ? 0.178   3.822   0.854   1.00 0.00 ? 84  MET A HG2  1 
ATOM 1127 H HG3  . MET A 1 84  ? 1.578   3.219   1.743   1.00 0.00 ? 84  MET A HG3  1 
ATOM 1128 H HE1  . MET A 1 84  ? 4.240   2.595   -0.958  1.00 0.00 ? 84  MET A HE1  1 
ATOM 1129 H HE2  . MET A 1 84  ? 3.906   2.833   0.774   1.00 0.00 ? 84  MET A HE2  1 
ATOM 1130 H HE3  . MET A 1 84  ? 3.221   1.429   -0.080  1.00 0.00 ? 84  MET A HE3  1 
ATOM 1131 N N    . GLU A 1 85  ? -0.938  -0.982  1.865   1.00 0.00 ? 85  GLU A N    1 
ATOM 1132 C CA   . GLU A 1 85  ? -1.657  -2.245  1.688   1.00 0.00 ? 85  GLU A CA   1 
ATOM 1133 C C    . GLU A 1 85  ? -3.034  -2.209  2.352   1.00 0.00 ? 85  GLU A C    1 
ATOM 1134 O O    . GLU A 1 85  ? -4.027  -2.581  1.724   1.00 0.00 ? 85  GLU A O    1 
ATOM 1135 C CB   . GLU A 1 85  ? -0.840  -3.406  2.258   1.00 0.00 ? 85  GLU A CB   1 
ATOM 1136 C CG   . GLU A 1 85  ? -1.495  -4.772  2.102   1.00 0.00 ? 85  GLU A CG   1 
ATOM 1137 C CD   . GLU A 1 85  ? -0.662  -5.887  2.672   1.00 0.00 ? 85  GLU A CD   1 
ATOM 1138 O OE1  . GLU A 1 85  ? 0.406   -5.614  3.165   1.00 0.00 ? 85  GLU A OE1  1 
ATOM 1139 O OE2  . GLU A 1 85  ? -1.094  -7.015  2.611   1.00 0.00 ? 85  GLU A OE2  1 
ATOM 1140 H H    . GLU A 1 85  ? -0.021  -0.994  2.288   1.00 0.00 ? 85  GLU A H    1 
ATOM 1141 H HA   . GLU A 1 85  ? -1.814  -2.408  0.621   1.00 0.00 ? 85  GLU A HA   1 
ATOM 1142 H HB2  . GLU A 1 85  ? 0.132   -3.443  1.765   1.00 0.00 ? 85  GLU A HB2  1 
ATOM 1143 H HB3  . GLU A 1 85  ? -0.662  -3.239  3.320   1.00 0.00 ? 85  GLU A HB3  1 
ATOM 1144 H HG2  . GLU A 1 85  ? -2.459  -4.760  2.608   1.00 0.00 ? 85  GLU A HG2  1 
ATOM 1145 H HG3  . GLU A 1 85  ? -1.672  -4.960  1.045   1.00 0.00 ? 85  GLU A HG3  1 
ATOM 1146 N N    . SER A 1 86  ? -3.079  -1.781  3.613   1.00 0.00 ? 86  SER A N    1 
ATOM 1147 C CA   . SER A 1 86  ? -4.340  -1.621  4.354   1.00 0.00 ? 86  SER A CA   1 
ATOM 1148 C C    . SER A 1 86  ? -5.305  -0.692  3.629   1.00 0.00 ? 86  SER A C    1 
ATOM 1149 O O    . SER A 1 86  ? -6.505  -0.992  3.512   1.00 0.00 ? 86  SER A O    1 
ATOM 1150 C CB   . SER A 1 86  ? -4.065  -1.080  5.744   1.00 0.00 ? 86  SER A CB   1 
ATOM 1151 O OG   . SER A 1 86  ? -5.257  -0.913  6.462   1.00 0.00 ? 86  SER A OG   1 
ATOM 1152 H H    . SER A 1 86  ? -2.207  -1.559  4.072   1.00 0.00 ? 86  SER A H    1 
ATOM 1153 H HA   . SER A 1 86  ? -4.820  -2.597  4.435   1.00 0.00 ? 86  SER A HA   1 
ATOM 1154 H HB2  . SER A 1 86  ? -3.409  -1.767  6.278   1.00 0.00 ? 86  SER A HB2  1 
ATOM 1155 H HB3  . SER A 1 86  ? -3.547  -0.126  5.667   1.00 0.00 ? 86  SER A HB3  1 
ATOM 1156 H HG   . SER A 1 86  ? -5.495  -1.785  6.787   1.00 0.00 ? 86  SER A HG   1 
ATOM 1157 N N    . MET A 1 87  ? -4.800  0.436   3.143   1.00 0.00 ? 87  MET A N    1 
ATOM 1158 C CA   . MET A 1 87  ? -5.647  1.362   2.397   1.00 0.00 ? 87  MET A CA   1 
ATOM 1159 C C    . MET A 1 87  ? -6.145  0.751   1.082   1.00 0.00 ? 87  MET A C    1 
ATOM 1160 O O    . MET A 1 87  ? -7.296  0.974   0.692   1.00 0.00 ? 87  MET A O    1 
ATOM 1161 C CB   . MET A 1 87  ? -4.886  2.657   2.126   1.00 0.00 ? 87  MET A CB   1 
ATOM 1162 C CG   . MET A 1 87  ? -4.533  3.454   3.375   1.00 0.00 ? 87  MET A CG   1 
ATOM 1163 S SD   . MET A 1 87  ? -5.989  3.955   4.314   1.00 0.00 ? 87  MET A SD   1 
ATOM 1164 C CE   . MET A 1 87  ? -6.039  2.677   5.568   1.00 0.00 ? 87  MET A CE   1 
ATOM 1165 H H    . MET A 1 87  ? -3.827  0.665   3.286   1.00 0.00 ? 87  MET A H    1 
ATOM 1166 H HA   . MET A 1 87  ? -6.533  1.577   2.994   1.00 0.00 ? 87  MET A HA   1 
ATOM 1167 H HB2  . MET A 1 87  ? -3.958  2.431   1.602   1.00 0.00 ? 87  MET A HB2  1 
ATOM 1168 H HB3  . MET A 1 87  ? -5.481  3.301   1.477   1.00 0.00 ? 87  MET A HB3  1 
ATOM 1169 H HG2  . MET A 1 87  ? -3.896  2.852   4.022   1.00 0.00 ? 87  MET A HG2  1 
ATOM 1170 H HG3  . MET A 1 87  ? -3.981  4.351   3.091   1.00 0.00 ? 87  MET A HG3  1 
ATOM 1171 H HE1  . MET A 1 87  ? -6.888  2.849   6.229   1.00 0.00 ? 87  MET A HE1  1 
ATOM 1172 H HE2  . MET A 1 87  ? -6.142  1.702   5.089   1.00 0.00 ? 87  MET A HE2  1 
ATOM 1173 H HE3  . MET A 1 87  ? -5.117  2.701   6.148   1.00 0.00 ? 87  MET A HE3  1 
ATOM 1174 N N    . GLU A 1 88  ? -5.304  -0.028  0.405   1.00 0.00 ? 88  GLU A N    1 
ATOM 1175 C CA   . GLU A 1 88  ? -5.744  -0.709  -0.808  1.00 0.00 ? 88  GLU A CA   1 
ATOM 1176 C C    . GLU A 1 88  ? -6.790  -1.796  -0.499  1.00 0.00 ? 88  GLU A C    1 
ATOM 1177 O O    . GLU A 1 88  ? -7.736  -1.993  -1.282  1.00 0.00 ? 88  GLU A O    1 
ATOM 1178 C CB   . GLU A 1 88  ? -4.544  -1.329  -1.528  1.00 0.00 ? 88  GLU A CB   1 
ATOM 1179 C CG   . GLU A 1 88  ? -3.608  -0.318  -2.175  1.00 0.00 ? 88  GLU A CG   1 
ATOM 1180 C CD   . GLU A 1 88  ? -2.415  -0.959  -2.827  1.00 0.00 ? 88  GLU A CD   1 
ATOM 1181 O OE1  . GLU A 1 88  ? -2.224  -2.136  -2.646  1.00 0.00 ? 88  GLU A OE1  1 
ATOM 1182 O OE2  . GLU A 1 88  ? -1.693  -0.268  -3.508  1.00 0.00 ? 88  GLU A OE2  1 
ATOM 1183 H H    . GLU A 1 88  ? -4.354  -0.157  0.725   1.00 0.00 ? 88  GLU A H    1 
ATOM 1184 H HA   . GLU A 1 88  ? -6.219  0.022   -1.462  1.00 0.00 ? 88  GLU A HA   1 
ATOM 1185 H HB2  . GLU A 1 88  ? -3.960  -1.920  -0.821  1.00 0.00 ? 88  GLU A HB2  1 
ATOM 1186 H HB3  . GLU A 1 88  ? -4.895  -2.005  -2.307  1.00 0.00 ? 88  GLU A HB3  1 
ATOM 1187 H HG2  . GLU A 1 88  ? -4.161  0.244   -2.927  1.00 0.00 ? 88  GLU A HG2  1 
ATOM 1188 H HG3  . GLU A 1 88  ? -3.267  0.384   -1.414  1.00 0.00 ? 88  GLU A HG3  1 
ATOM 1189 N N    . GLN A 1 89  ? -6.631  -2.496  0.627   1.00 0.00 ? 89  GLN A N    1 
ATOM 1190 C CA   . GLN A 1 89  ? -7.592  -3.539  1.018   1.00 0.00 ? 89  GLN A CA   1 
ATOM 1191 C C    . GLN A 1 89  ? -8.960  -2.917  1.261   1.00 0.00 ? 89  GLN A C    1 
ATOM 1192 O O    . GLN A 1 89  ? -9.992  -3.455  0.839   1.00 0.00 ? 89  GLN A O    1 
ATOM 1193 C CB   . GLN A 1 89  ? -7.121  -4.280  2.272   1.00 0.00 ? 89  GLN A CB   1 
ATOM 1194 C CG   . GLN A 1 89  ? -5.922  -5.185  2.047   1.00 0.00 ? 89  GLN A CG   1 
ATOM 1195 C CD   . GLN A 1 89  ? -5.387  -5.769  3.341   1.00 0.00 ? 89  GLN A CD   1 
ATOM 1196 O OE1  . GLN A 1 89  ? -5.658  -5.256  4.429   1.00 0.00 ? 89  GLN A OE1  1 
ATOM 1197 N NE2  . GLN A 1 89  ? -4.622  -6.849  3.228   1.00 0.00 ? 89  GLN A NE2  1 
ATOM 1198 H H    . GLN A 1 89  ? -5.837  -2.309  1.224   1.00 0.00 ? 89  GLN A H    1 
ATOM 1199 H HA   . GLN A 1 89  ? -7.672  -4.258  0.203   1.00 0.00 ? 89  GLN A HA   1 
ATOM 1200 H HB2  . GLN A 1 89  ? -6.858  -3.558  3.044   1.00 0.00 ? 89  GLN A HB2  1 
ATOM 1201 H HB3  . GLN A 1 89  ? -7.936  -4.892  2.661   1.00 0.00 ? 89  GLN A HB3  1 
ATOM 1202 H HG2  . GLN A 1 89  ? -6.218  -6.008  1.396   1.00 0.00 ? 89  GLN A HG2  1 
ATOM 1203 H HG3  . GLN A 1 89  ? -5.126  -4.607  1.578   1.00 0.00 ? 89  GLN A HG3  1 
ATOM 1204 H HE21 . GLN A 1 89  ? -4.240  -7.279  4.048   1.00 0.00 ? 89  GLN A HE21 1 
ATOM 1205 H HE22 . GLN A 1 89  ? -4.427  -7.234  2.326   1.00 0.00 ? 89  GLN A HE22 1 
ATOM 1206 N N    . GLN A 1 90  ? -8.976  -1.769  1.927   1.00 0.00 ? 90  GLN A N    1 
ATOM 1207 C CA   . GLN A 1 90  ? -10.224 -1.046  2.172   1.00 0.00 ? 90  GLN A CA   1 
ATOM 1208 C C    . GLN A 1 90  ? -10.808 -0.529  0.860   1.00 0.00 ? 90  GLN A C    1 
ATOM 1209 O O    . GLN A 1 90  ? -12.019 -0.635  0.610   1.00 0.00 ? 90  GLN A O    1 
ATOM 1210 C CB   . GLN A 1 90  ? -9.997  0.117   3.142   1.00 0.00 ? 90  GLN A CB   1 
ATOM 1211 C CG   . GLN A 1 90  ? -11.259 0.878   3.508   1.00 0.00 ? 90  GLN A CG   1 
ATOM 1212 C CD   . GLN A 1 90  ? -12.257 0.017   4.258   1.00 0.00 ? 90  GLN A CD   1 
ATOM 1213 O OE1  . GLN A 1 90  ? -11.909 -0.653  5.235   1.00 0.00 ? 90  GLN A OE1  1 
ATOM 1214 N NE2  . GLN A 1 90  ? -13.506 0.028   3.805   1.00 0.00 ? 90  GLN A NE2  1 
ATOM 1215 H H    . GLN A 1 90  ? -8.109  -1.383  2.274   1.00 0.00 ? 90  GLN A H    1 
ATOM 1216 H HA   . GLN A 1 90  ? -10.945 -1.738  2.606   1.00 0.00 ? 90  GLN A HA   1 
ATOM 1217 H HB2  . GLN A 1 90  ? -9.551  -0.259  4.063   1.00 0.00 ? 90  GLN A HB2  1 
ATOM 1218 H HB3  . GLN A 1 90  ? -9.293  0.824   2.703   1.00 0.00 ? 90  GLN A HB3  1 
ATOM 1219 H HG2  . GLN A 1 90  ? -10.990 1.723   4.143   1.00 0.00 ? 90  GLN A HG2  1 
ATOM 1220 H HG3  . GLN A 1 90  ? -11.734 1.234   2.594   1.00 0.00 ? 90  GLN A HG3  1 
ATOM 1221 H HE21 . GLN A 1 90  ? -14.208 -0.520  4.261   1.00 0.00 ? 90  GLN A HE21 1 
ATOM 1222 H HE22 . GLN A 1 90  ? -13.744 0.586   3.011   1.00 0.00 ? 90  GLN A HE22 1 
ATOM 1223 N N    . LEU A 1 91  ? -9.939  0.001   0.001   1.00 0.00 ? 91  LEU A N    1 
ATOM 1224 C CA   . LEU A 1 91  ? -10.340 0.521   -1.288  1.00 0.00 ? 91  LEU A CA   1 
ATOM 1225 C C    . LEU A 1 91  ? -10.974 -0.592  -2.116  1.00 0.00 ? 91  LEU A C    1 
ATOM 1226 O O    . LEU A 1 91  ? -12.068 -0.418  -2.640  1.00 0.00 ? 91  LEU A O    1 
ATOM 1227 C CB   . LEU A 1 91  ? -9.133  1.112   -2.027  1.00 0.00 ? 91  LEU A CB   1 
ATOM 1228 C CG   . LEU A 1 91  ? -9.451  1.866   -3.324  1.00 0.00 ? 91  LEU A CG   1 
ATOM 1229 C CD1  . LEU A 1 91  ? -8.344  2.873   -3.610  1.00 0.00 ? 91  LEU A CD1  1 
ATOM 1230 C CD2  . LEU A 1 91  ? -9.594  0.873   -4.468  1.00 0.00 ? 91  LEU A CD2  1 
ATOM 1231 H H    . LEU A 1 91  ? -8.965  0.040   0.266   1.00 0.00 ? 91  LEU A H    1 
ATOM 1232 H HA   . LEU A 1 91  ? -11.083 1.302   -1.130  1.00 0.00 ? 91  LEU A HA   1 
ATOM 1233 H HB2  . LEU A 1 91  ? -8.621  1.803   -1.359  1.00 0.00 ? 91  LEU A HB2  1 
ATOM 1234 H HB3  . LEU A 1 91  ? -8.446  0.302   -2.275  1.00 0.00 ? 91  LEU A HB3  1 
ATOM 1235 H HG   . LEU A 1 91  ? -10.382 2.420   -3.204  1.00 0.00 ? 91  LEU A HG   1 
ATOM 1236 H HD11 . LEU A 1 91  ? -8.570  3.410   -4.532  1.00 0.00 ? 91  LEU A HD11 1 
ATOM 1237 H HD12 . LEU A 1 91  ? -8.276  3.583   -2.786  1.00 0.00 ? 91  LEU A HD12 1 
ATOM 1238 H HD13 . LEU A 1 91  ? -7.395  2.350   -3.719  1.00 0.00 ? 91  LEU A HD13 1 
ATOM 1239 H HD21 . LEU A 1 91  ? -9.821  1.409   -5.389  1.00 0.00 ? 91  LEU A HD21 1 
ATOM 1240 H HD22 . LEU A 1 91  ? -8.663  0.320   -4.589  1.00 0.00 ? 91  LEU A HD22 1 
ATOM 1241 H HD23 . LEU A 1 91  ? -10.403 0.177   -4.244  1.00 0.00 ? 91  LEU A HD23 1 
ATOM 1242 N N    . PHE A 1 92  ? -10.297 -1.739  -2.198  1.00 0.00 ? 92  PHE A N    1 
ATOM 1243 C CA   . PHE A 1 92  ? -10.761 -2.879  -3.008  1.00 0.00 ? 92  PHE A CA   1 
ATOM 1244 C C    . PHE A 1 92  ? -12.038 -3.466  -2.427  1.00 0.00 ? 92  PHE A C    1 
ATOM 1245 O O    . PHE A 1 92  ? -12.894 -3.977  -3.164  1.00 0.00 ? 92  PHE A O    1 
ATOM 1246 C CB   . PHE A 1 92  ? -9.687  -3.965  -3.084  1.00 0.00 ? 92  PHE A CB   1 
ATOM 1247 C CG   . PHE A 1 92  ? -8.463  -3.555  -3.852  1.00 0.00 ? 92  PHE A CG   1 
ATOM 1248 C CD1  . PHE A 1 92  ? -8.548  -2.617  -4.871  1.00 0.00 ? 92  PHE A CD1  1 
ATOM 1249 C CD2  . PHE A 1 92  ? -7.224  -4.106  -3.559  1.00 0.00 ? 92  PHE A CD2  1 
ATOM 1250 C CE1  . PHE A 1 92  ? -7.422  -2.239  -5.579  1.00 0.00 ? 92  PHE A CE1  1 
ATOM 1251 C CE2  . PHE A 1 92  ? -6.097  -3.728  -4.264  1.00 0.00 ? 92  PHE A CE2  1 
ATOM 1252 C CZ   . PHE A 1 92  ? -6.197  -2.794  -5.275  1.00 0.00 ? 92  PHE A CZ   1 
ATOM 1253 H H    . PHE A 1 92  ? -9.432  -1.822  -1.683  1.00 0.00 ? 92  PHE A H    1 
ATOM 1254 H HA   . PHE A 1 92  ? -10.966 -2.524  -4.019  1.00 0.00 ? 92  PHE A HA   1 
ATOM 1255 H HB2  . PHE A 1 92  ? -9.379  -4.243  -2.078  1.00 0.00 ? 92  PHE A HB2  1 
ATOM 1256 H HB3  . PHE A 1 92  ? -10.102 -4.854  -3.557  1.00 0.00 ? 92  PHE A HB3  1 
ATOM 1257 H HD1  . PHE A 1 92  ? -9.516  -2.177  -5.111  1.00 0.00 ? 92  PHE A HD1  1 
ATOM 1258 H HD2  . PHE A 1 92  ? -7.146  -4.844  -2.760  1.00 0.00 ? 92  PHE A HD2  1 
ATOM 1259 H HE1  . PHE A 1 92  ? -7.503  -1.502  -6.376  1.00 0.00 ? 92  PHE A HE1  1 
ATOM 1260 H HE2  . PHE A 1 92  ? -5.130  -4.168  -4.022  1.00 0.00 ? 92  PHE A HE2  1 
ATOM 1261 H HZ   . PHE A 1 92  ? -5.310  -2.498  -5.833  1.00 0.00 ? 92  PHE A HZ   1 
ATOM 1262 N N    . SER A 1 93  ? -12.152 -3.416  -1.108  1.00 0.00 ? 93  SER A N    1 
ATOM 1263 C CA   . SER A 1 93  ? -13.354 -3.892  -0.426  1.00 0.00 ? 93  SER A CA   1 
ATOM 1264 C C    . SER A 1 93  ? -14.552 -3.049  -0.835  1.00 0.00 ? 93  SER A C    1 
ATOM 1265 O O    . SER A 1 93  ? -15.649 -3.581  -1.066  1.00 0.00 ? 93  SER A O    1 
ATOM 1266 C CB   . SER A 1 93  ? -13.171 -3.839  1.079   1.00 0.00 ? 93  SER A CB   1 
ATOM 1267 O OG   . SER A 1 93  ? -12.189 -4.747  1.496   1.00 0.00 ? 93  SER A OG   1 
ATOM 1268 H H    . SER A 1 93  ? -11.391 -3.041  -0.559  1.00 0.00 ? 93  SER A H    1 
ATOM 1269 H HA   . SER A 1 93  ? -13.536 -4.926  -0.724  1.00 0.00 ? 93  SER A HA   1 
ATOM 1270 H HB2  . SER A 1 93  ? -12.887 -2.830  1.374   1.00 0.00 ? 93  SER A HB2  1 
ATOM 1271 H HB3  . SER A 1 93  ? -14.116 -4.070  1.568   1.00 0.00 ? 93  SER A HB3  1 
ATOM 1272 H HG   . SER A 1 93  ? -11.349 -4.375  1.219   1.00 0.00 ? 93  SER A HG   1 
ATOM 1273 N N    . ILE A 1 94  ? -14.345 -1.739  -0.937  1.00 0.00 ? 94  ILE A N    1 
ATOM 1274 C CA   . ILE A 1 94  ? -15.406 -0.833  -1.384  1.00 0.00 ? 94  ILE A CA   1 
ATOM 1275 C C    . ILE A 1 94  ? -15.837 -1.123  -2.826  1.00 0.00 ? 94  ILE A C    1 
ATOM 1276 O O    . ILE A 1 94  ? -17.025 -1.207  -3.130  1.00 0.00 ? 94  ILE A O    1 
ATOM 1277 C CB   . ILE A 1 94  ? -14.951 0.634   -1.274  1.00 0.00 ? 94  ILE A CB   1 
ATOM 1278 C CG1  . ILE A 1 94  ? -14.772 1.029   0.195   1.00 0.00 ? 94  ILE A CG1  1 
ATOM 1279 C CG2  . ILE A 1 94  ? -15.952 1.553   -1.957  1.00 0.00 ? 94  ILE A CG2  1 
ATOM 1280 C CD1  . ILE A 1 94  ? -14.045 2.339   0.390   1.00 0.00 ? 94  ILE A CD1  1 
ATOM 1281 H H    . ILE A 1 94  ? -13.438 -1.358  -0.704  1.00 0.00 ? 94  ILE A H    1 
ATOM 1282 H HA   . ILE A 1 94  ? -16.278 -0.982  -0.748  1.00 0.00 ? 94  ILE A HA   1 
ATOM 1283 H HB   . ILE A 1 94  ? -13.979 0.751   -1.752  1.00 0.00 ? 94  ILE A HB   1 
ATOM 1284 H HG12 . ILE A 1 94  ? -15.748 1.104   0.673   1.00 0.00 ? 94  ILE A HG12 1 
ATOM 1285 H HG13 . ILE A 1 94  ? -14.214 0.249   0.716   1.00 0.00 ? 94  ILE A HG13 1 
ATOM 1286 H HG21 . ILE A 1 94  ? -15.616 2.586   -1.868  1.00 0.00 ? 94  ILE A HG21 1 
ATOM 1287 H HG22 . ILE A 1 94  ? -16.031 1.287   -3.009  1.00 0.00 ? 94  ILE A HG22 1 
ATOM 1288 H HG23 . ILE A 1 94  ? -16.927 1.448   -1.481  1.00 0.00 ? 94  ILE A HG23 1 
ATOM 1289 H HD11 . ILE A 1 94  ? -13.956 2.550   1.456   1.00 0.00 ? 94  ILE A HD11 1 
ATOM 1290 H HD12 . ILE A 1 94  ? -13.049 2.272   -0.051  1.00 0.00 ? 94  ILE A HD12 1 
ATOM 1291 H HD13 . ILE A 1 94  ? -14.603 3.140   -0.092  1.00 0.00 ? 94  ILE A HD13 1 
ATOM 1292 N N    . GLU A 1 95  ? -14.860 -1.287  -3.717  1.00 0.00 ? 95  GLU A N    1 
ATOM 1293 C CA   . GLU A 1 95  ? -15.117 -1.605  -5.108  1.00 0.00 ? 95  GLU A CA   1 
ATOM 1294 C C    . GLU A 1 95  ? -15.787 -2.975  -5.239  1.00 0.00 ? 95  GLU A C    1 
ATOM 1295 O O    . GLU A 1 95  ? -16.697 -3.151  -6.044  1.00 0.00 ? 95  GLU A O    1 
ATOM 1296 C CB   . GLU A 1 95  ? -13.814 -1.577  -5.908  1.00 0.00 ? 95  GLU A CB   1 
ATOM 1297 C CG   . GLU A 1 95  ? -13.225 -0.187  -6.102  1.00 0.00 ? 95  GLU A CG   1 
ATOM 1298 C CD   . GLU A 1 95  ? -11.970 -0.193  -6.931  1.00 0.00 ? 95  GLU A CD   1 
ATOM 1299 O OE1  . GLU A 1 95  ? -11.418 -1.248  -7.131  1.00 0.00 ? 95  GLU A OE1  1 
ATOM 1300 O OE2  . GLU A 1 95  ? -11.565 0.859   -7.366  1.00 0.00 ? 95  GLU A OE2  1 
ATOM 1301 H H    . GLU A 1 95  ? -13.905 -1.185  -3.404  1.00 0.00 ? 95  GLU A H    1 
ATOM 1302 H HA   . GLU A 1 95  ? -15.816 -0.869  -5.507  1.00 0.00 ? 95  GLU A HA   1 
ATOM 1303 H HB2  . GLU A 1 95  ? -13.065 -2.190  -5.406  1.00 0.00 ? 95  GLU A HB2  1 
ATOM 1304 H HB3  . GLU A 1 95  ? -13.982 -2.009  -6.895  1.00 0.00 ? 95  GLU A HB3  1 
ATOM 1305 H HG2  . GLU A 1 95  ? -13.966 0.446   -6.589  1.00 0.00 ? 95  GLU A HG2  1 
ATOM 1306 H HG3  . GLU A 1 95  ? -13.007 0.243   -5.125  1.00 0.00 ? 95  GLU A HG3  1 
ATOM 1307 N N    . SER A 1 96  ? -15.337 -3.930  -4.426  1.00 0.00 ? 96  SER A N    1 
ATOM 1308 C CA   . SER A 1 96  ? -15.912 -5.263  -4.411  1.00 0.00 ? 96  SER A CA   1 
ATOM 1309 C C    . SER A 1 96  ? -17.371 -5.235  -3.957  1.00 0.00 ? 96  SER A C    1 
ATOM 1310 O O    . SER A 1 96  ? -18.223 -5.958  -4.496  1.00 0.00 ? 96  SER A O    1 
ATOM 1311 C CB   . SER A 1 96  ? -15.103 -6.163  -3.497  1.00 0.00 ? 96  SER A CB   1 
ATOM 1312 O OG   . SER A 1 96  ? -13.808 -6.354  -3.997  1.00 0.00 ? 96  SER A OG   1 
ATOM 1313 H H    . SER A 1 96  ? -14.572 -3.716  -3.802  1.00 0.00 ? 96  SER A H    1 
ATOM 1314 H HA   . SER A 1 96  ? -15.873 -5.668  -5.423  1.00 0.00 ? 96  SER A HA   1 
ATOM 1315 H HB2  . SER A 1 96  ? -15.051 -5.720  -2.503  1.00 0.00 ? 96  SER A HB2  1 
ATOM 1316 H HB3  . SER A 1 96  ? -15.604 -7.126  -3.399  1.00 0.00 ? 96  SER A HB3  1 
ATOM 1317 H HG   . SER A 1 96  ? -13.329 -5.544  -3.806  1.00 0.00 ? 96  SER A HG   1 
ATOM 1318 N N    . ALA A 1 97  ? -17.651 -4.412  -2.954  1.00 0.00 ? 97  ALA A N    1 
ATOM 1319 C CA   . ALA A 1 97  ? -19.026 -4.235  -2.468  1.00 0.00 ? 97  ALA A CA   1 
ATOM 1320 C C    . ALA A 1 97  ? -19.929 -3.724  -3.575  1.00 0.00 ? 97  ALA A C    1 
ATOM 1321 O O    . ALA A 1 97  ? -21.065 -4.211  -3.763  1.00 0.00 ? 97  ALA A O    1 
ATOM 1322 C CB   . ALA A 1 97  ? -19.039 -3.281  -1.291  1.00 0.00 ? 97  ALA A CB   1 
ATOM 1323 H H    . ALA A 1 97  ? -16.903 -3.895  -2.514  1.00 0.00 ? 97  ALA A H    1 
ATOM 1324 H HA   . ALA A 1 97  ? -19.399 -5.207  -2.143  1.00 0.00 ? 97  ALA A HA   1 
ATOM 1325 H HB1  . ALA A 1 97  ? -20.061 -3.155  -0.935  1.00 0.00 ? 97  ALA A HB1  1 
ATOM 1326 H HB2  . ALA A 1 97  ? -18.423 -3.685  -0.487  1.00 0.00 ? 97  ALA A HB2  1 
ATOM 1327 H HB3  . ALA A 1 97  ? -18.641 -2.316  -1.601  1.00 0.00 ? 97  ALA A HB3  1 
ATOM 1328 N N    . ASN A 1 98  ? -19.433 -2.753  -4.332  1.00 0.00 ? 98  ASN A N    1 
ATOM 1329 C CA   . ASN A 1 98  ? -20.173 -2.244  -5.499  1.00 0.00 ? 98  ASN A CA   1 
ATOM 1330 C C    . ASN A 1 98  ? -20.400 -3.287  -6.595  1.00 0.00 ? 98  ASN A C    1 
ATOM 1331 O O    . ASN A 1 98  ? -21.465 -3.326  -7.215  1.00 0.00 ? 98  ASN A O    1 
ATOM 1332 C CB   . ASN A 1 98  ? -19.458 -1.038  -6.079  1.00 0.00 ? 98  ASN A CB   1 
ATOM 1333 C CG   . ASN A 1 98  ? -19.595 0.185   -5.216  1.00 0.00 ? 98  ASN A CG   1 
ATOM 1334 O OD1  . ASN A 1 98  ? -20.506 0.276   -4.386  1.00 0.00 ? 98  ASN A OD1  1 
ATOM 1335 N ND2  . ASN A 1 98  ? -18.705 1.129   -5.396  1.00 0.00 ? 98  ASN A ND2  1 
ATOM 1336 H H    . ASN A 1 98  ? -18.533 -2.353  -4.109  1.00 0.00 ? 98  ASN A H    1 
ATOM 1337 H HA   . ASN A 1 98  ? -21.165 -1.933  -5.170  1.00 0.00 ? 98  ASN A HA   1 
ATOM 1338 H HB2  . ASN A 1 98  ? -18.398 -1.267  -6.200  1.00 0.00 ? 98  ASN A HB2  1 
ATOM 1339 H HB3  . ASN A 1 98  ? -19.860 -0.818  -7.068  1.00 0.00 ? 98  ASN A HB3  1 
ATOM 1340 H HD21 . ASN A 1 98  ? -18.747 1.966   -4.849  1.00 0.00 ? 98  ASN A HD21 1 
ATOM 1341 H HD22 . ASN A 1 98  ? -17.985 1.013   -6.078  1.00 0.00 ? 98  ASN A HD22 1 
ATOM 1342 N N    . LEU A 1 99  ? -19.402 -4.130  -6.833  1.00 0.00 ? 99  LEU A N    1 
ATOM 1343 C CA   . LEU A 1 99  ? -19.538 -5.229  -7.783  1.00 0.00 ? 99  LEU A CA   1 
ATOM 1344 C C    . LEU A 1 99  ? -20.540 -6.262  -7.291  1.00 0.00 ? 99  LEU A C    1 
ATOM 1345 O O    . LEU A 1 99  ? -21.260 -6.882  -8.089  1.00 0.00 ? 99  LEU A O    1 
ATOM 1346 C CB   . LEU A 1 99  ? -18.179 -5.898  -8.017  1.00 0.00 ? 99  LEU A CB   1 
ATOM 1347 C CG   . LEU A 1 99  ? -17.141 -5.053  -8.768  1.00 0.00 ? 99  LEU A CG   1 
ATOM 1348 C CD1  . LEU A 1 99  ? -15.799 -5.771  -8.760  1.00 0.00 ? 99  LEU A CD1  1 
ATOM 1349 C CD2  . LEU A 1 99  ? -17.621 -4.807  -10.190 1.00 0.00 ? 99  LEU A CD2  1 
ATOM 1350 H H    . LEU A 1 99  ? -18.526 -4.008  -6.345  1.00 0.00 ? 99  LEU A H    1 
ATOM 1351 H HA   . LEU A 1 99  ? -19.905 -4.826  -8.727  1.00 0.00 ? 99  LEU A HA   1 
ATOM 1352 H HB2  . LEU A 1 99  ? -17.751 -6.166  -7.052  1.00 0.00 ? 99  LEU A HB2  1 
ATOM 1353 H HB3  . LEU A 1 99  ? -18.335 -6.814  -8.587  1.00 0.00 ? 99  LEU A HB3  1 
ATOM 1354 H HG   . LEU A 1 99  ? -17.011 -4.098  -8.257  1.00 0.00 ? 99  LEU A HG   1 
ATOM 1355 H HD11 . LEU A 1 99  ? -15.062 -5.171  -9.294  1.00 0.00 ? 99  LEU A HD11 1 
ATOM 1356 H HD12 . LEU A 1 99  ? -15.471 -5.918  -7.731  1.00 0.00 ? 99  LEU A HD12 1 
ATOM 1357 H HD13 . LEU A 1 99  ? -15.901 -6.739  -9.250  1.00 0.00 ? 99  LEU A HD13 1 
ATOM 1358 H HD21 . LEU A 1 99  ? -16.884 -4.205  -10.724 1.00 0.00 ? 99  LEU A HD21 1 
ATOM 1359 H HD22 . LEU A 1 99  ? -17.750 -5.760  -10.701 1.00 0.00 ? 99  LEU A HD22 1 
ATOM 1360 H HD23 . LEU A 1 99  ? -18.573 -4.275  -10.166 1.00 0.00 ? 99  LEU A HD23 1 
ATOM 1361 N N    . ASN A 1 100 ? -20.568 -6.468  -5.977  1.00 0.00 ? 100 ASN A N    1 
ATOM 1362 C CA   . ASN A 1 100 ? -21.547 -7.376  -5.364  1.00 0.00 ? 100 ASN A CA   1 
ATOM 1363 C C    . ASN A 1 100 ? -22.962 -6.801  -5.483  1.00 0.00 ? 100 ASN A C    1 
ATOM 1364 O O    . ASN A 1 100 ? -23.906 -7.557  -5.689  1.00 0.00 ? 100 ASN A O    1 
ATOM 1365 C CB   . ASN A 1 100 ? -21.200 -7.646  -3.911  1.00 0.00 ? 100 ASN A CB   1 
ATOM 1366 C CG   . ASN A 1 100 ? -20.005 -8.545  -3.761  1.00 0.00 ? 100 ASN A CG   1 
ATOM 1367 O OD1  . ASN A 1 100 ? -19.657 -9.296  -4.681  1.00 0.00 ? 100 ASN A OD1  1 
ATOM 1368 N ND2  . ASN A 1 100 ? -19.368 -8.486  -2.619  1.00 0.00 ? 100 ASN A ND2  1 
ATOM 1369 H H    . ASN A 1 100 ? -19.902 -5.991  -5.386  1.00 0.00 ? 100 ASN A H    1 
ATOM 1370 H HA   . ASN A 1 100 ? -21.537 -8.319  -5.912  1.00 0.00 ? 100 ASN A HA   1 
ATOM 1371 H HB2  . ASN A 1 100 ? -20.995 -6.702  -3.405  1.00 0.00 ? 100 ASN A HB2  1 
ATOM 1372 H HB3  . ASN A 1 100 ? -22.052 -8.108  -3.413  1.00 0.00 ? 100 ASN A HB3  1 
ATOM 1373 H HD21 . ASN A 1 100 ? -18.566 -9.062  -2.463  1.00 0.00 ? 100 ASN A HD21 1 
ATOM 1374 H HD22 . ASN A 1 100 ? -19.685 -7.864  -1.903  1.00 0.00 ? 100 ASN A HD22 1 
ATOM 1375 N N    . LEU A 1 101 ? -23.107 -5.481  -5.398  1.00 0.00 ? 101 LEU A N    1 
ATOM 1376 C CA   . LEU A 1 101 ? -24.415 -4.842  -5.598  1.00 0.00 ? 101 LEU A CA   1 
ATOM 1377 C C    . LEU A 1 101 ? -24.881 -4.989  -7.041  1.00 0.00 ? 101 LEU A C    1 
ATOM 1378 O O    . LEU A 1 101 ? -26.067 -5.200  -7.286  1.00 0.00 ? 101 LEU A O    1 
ATOM 1379 C CB   . LEU A 1 101 ? -24.346 -3.355  -5.229  1.00 0.00 ? 101 LEU A CB   1 
ATOM 1380 C CG   . LEU A 1 101 ? -24.167 -3.047  -3.736  1.00 0.00 ? 101 LEU A CG   1 
ATOM 1381 C CD1  . LEU A 1 101 ? -23.913 -1.558  -3.551  1.00 0.00 ? 101 LEU A CD1  1 
ATOM 1382 C CD2  . LEU A 1 101 ? -25.408 -3.489  -2.975  1.00 0.00 ? 101 LEU A CD2  1 
ATOM 1383 H H    . LEU A 1 101 ? -22.303 -4.904  -5.191  1.00 0.00 ? 101 LEU A H    1 
ATOM 1384 H HA   . LEU A 1 101 ? -25.143 -5.338  -4.958  1.00 0.00 ? 101 LEU A HA   1 
ATOM 1385 H HB2  . LEU A 1 101 ? -23.511 -2.903  -5.762  1.00 0.00 ? 101 LEU A HB2  1 
ATOM 1386 H HB3  . LEU A 1 101 ? -25.266 -2.872  -5.559  1.00 0.00 ? 101 LEU A HB3  1 
ATOM 1387 H HG   . LEU A 1 101 ? -23.298 -3.585  -3.356  1.00 0.00 ? 101 LEU A HG   1 
ATOM 1388 H HD11 . LEU A 1 101 ? -23.786 -1.340  -2.491  1.00 0.00 ? 101 LEU A HD11 1 
ATOM 1389 H HD12 . LEU A 1 101 ? -23.009 -1.273  -4.090  1.00 0.00 ? 101 LEU A HD12 1 
ATOM 1390 H HD13 . LEU A 1 101 ? -24.760 -0.993  -3.939  1.00 0.00 ? 101 LEU A HD13 1 
ATOM 1391 H HD21 . LEU A 1 101 ? -25.281 -3.271  -1.915  1.00 0.00 ? 101 LEU A HD21 1 
ATOM 1392 H HD22 . LEU A 1 101 ? -26.278 -2.952  -3.354  1.00 0.00 ? 101 LEU A HD22 1 
ATOM 1393 H HD23 . LEU A 1 101 ? -25.556 -4.560  -3.110  1.00 0.00 ? 101 LEU A HD23 1 
ATOM 1394 N N    . GLU A 1 102 ? -23.952 -4.900  -7.990  1.00 0.00 ? 102 GLU A N    1 
ATOM 1395 C CA   . GLU A 1 102 ? -24.285 -5.114  -9.399  1.00 0.00 ? 102 GLU A CA   1 
ATOM 1396 C C    . GLU A 1 102 ? -24.594 -6.591  -9.672  1.00 0.00 ? 102 GLU A C    1 
ATOM 1397 O O    . GLU A 1 102 ? -25.479 -6.898  -10.468 1.00 0.00 ? 102 GLU A O    1 
ATOM 1398 C CB   . GLU A 1 102 ? -23.138 -4.644  -10.296 1.00 0.00 ? 102 GLU A CB   1 
ATOM 1399 C CG   . GLU A 1 102 ? -22.951 -3.134  -10.340 1.00 0.00 ? 102 GLU A CG   1 
ATOM 1400 C CD   . GLU A 1 102 ? -24.158 -2.411  -10.870 1.00 0.00 ? 102 GLU A CD   1 
ATOM 1401 O OE1  . GLU A 1 102 ? -24.742 -2.883  -11.816 1.00 0.00 ? 102 GLU A OE1  1 
ATOM 1402 O OE2  . GLU A 1 102 ? -24.497 -1.386  -10.328 1.00 0.00 ? 102 GLU A OE2  1 
ATOM 1403 H H    . GLU A 1 102 ? -22.998 -4.681  -7.739  1.00 0.00 ? 102 GLU A H    1 
ATOM 1404 H HA   . GLU A 1 102 ? -25.181 -4.538  -9.633  1.00 0.00 ? 102 GLU A HA   1 
ATOM 1405 H HB2  . GLU A 1 102 ? -22.203 -5.088  -9.952  1.00 0.00 ? 102 GLU A HB2  1 
ATOM 1406 H HB3  . GLU A 1 102 ? -23.308 -4.991  -11.315 1.00 0.00 ? 102 GLU A HB3  1 
ATOM 1407 H HG2  . GLU A 1 102 ? -22.740 -2.775  -9.333  1.00 0.00 ? 102 GLU A HG2  1 
ATOM 1408 H HG3  . GLU A 1 102 ? -22.091 -2.904  -10.967 1.00 0.00 ? 102 GLU A HG3  1 
ATOM 1409 N N    . THR A 1 103 ? -23.880 -7.497  -9.003  1.00 0.00 ? 103 THR A N    1 
ATOM 1410 C CA   . THR A 1 103 ? -24.182 -8.930  -9.115  1.00 0.00 ? 103 THR A CA   1 
ATOM 1411 C C    . THR A 1 103 ? -25.570 -9.221  -8.554  1.00 0.00 ? 103 THR A C    1 
ATOM 1412 O O    . THR A 1 103 ? -26.345 -9.964  -9.158  1.00 0.00 ? 103 THR A O    1 
ATOM 1413 C CB   . THR A 1 103 ? -23.133 -9.787  -8.382  1.00 0.00 ? 103 THR A CB   1 
ATOM 1414 O OG1  . THR A 1 103 ? -21.840 -9.561  -8.959  1.00 0.00 ? 103 THR A OG1  1 
ATOM 1415 C CG2  . THR A 1 103 ? -23.481 -11.263 -8.490  1.00 0.00 ? 103 THR A CG2  1 
ATOM 1416 H H    . THR A 1 103 ? -23.121 -7.199  -8.408  1.00 0.00 ? 103 THR A H    1 
ATOM 1417 H HA   . THR A 1 103 ? -24.159 -9.206  -10.169 1.00 0.00 ? 103 THR A HA   1 
ATOM 1418 H HB   . THR A 1 103 ? -23.102 -9.502  -7.330  1.00 0.00 ? 103 THR A HB   1 
ATOM 1419 H HG1  . THR A 1 103 ? -21.537 -8.679  -8.730  1.00 0.00 ? 103 THR A HG1  1 
ATOM 1420 H HG21 . THR A 1 103 ? -22.730 -11.854 -7.965  1.00 0.00 ? 103 THR A HG21 1 
ATOM 1421 H HG22 . THR A 1 103 ? -24.459 -11.440 -8.042  1.00 0.00 ? 103 THR A HG22 1 
ATOM 1422 H HG23 . THR A 1 103 ? -23.505 -11.556 -9.538  1.00 0.00 ? 103 THR A HG23 1 
ATOM 1423 N N    . MET A 1 104 ? -25.874 -8.629  -7.402  1.00 0.00 ? 104 MET A N    1 
ATOM 1424 C CA   . MET A 1 104 ? -27.223 -8.705  -6.838  1.00 0.00 ? 104 MET A CA   1 
ATOM 1425 C C    . MET A 1 104 ? -28.297 -8.202  -7.806  1.00 0.00 ? 104 MET A C    1 
ATOM 1426 O O    . MET A 1 104 ? -29.304 -8.885  -8.022  1.00 0.00 ? 104 MET A O    1 
ATOM 1427 C CB   . MET A 1 104 ? -27.283 -7.912  -5.533  1.00 0.00 ? 104 MET A CB   1 
ATOM 1428 C CG   . MET A 1 104 ? -28.656 -7.885  -4.876  1.00 0.00 ? 104 MET A CG   1 
ATOM 1429 S SD   . MET A 1 104 ? -28.720 -6.784  -3.448  1.00 0.00 ? 104 MET A SD   1 
ATOM 1430 C CE   . MET A 1 104 ? -28.612 -5.187  -4.249  1.00 0.00 ? 104 MET A CE   1 
ATOM 1431 H H    . MET A 1 104 ? -25.160 -8.118  -6.904  1.00 0.00 ? 104 MET A H    1 
ATOM 1432 H HA   . MET A 1 104 ? -27.455 -9.749  -6.633  1.00 0.00 ? 104 MET A HA   1 
ATOM 1433 H HB2  . MET A 1 104 ? -26.579 -8.336  -4.819  1.00 0.00 ? 104 MET A HB2  1 
ATOM 1434 H HB3  . MET A 1 104 ? -26.982 -6.880  -5.720  1.00 0.00 ? 104 MET A HB3  1 
ATOM 1435 H HG2  . MET A 1 104 ? -29.400 -7.556  -5.599  1.00 0.00 ? 104 MET A HG2  1 
ATOM 1436 H HG3  . MET A 1 104 ? -28.921 -8.891  -4.547  1.00 0.00 ? 104 MET A HG3  1 
ATOM 1437 H HE1  . MET A 1 104 ? -28.640 -4.399  -3.495  1.00 0.00 ? 104 MET A HE1  1 
ATOM 1438 H HE2  . MET A 1 104 ? -27.678 -5.121  -4.808  1.00 0.00 ? 104 MET A HE2  1 
ATOM 1439 H HE3  . MET A 1 104 ? -29.453 -5.064  -4.933  1.00 0.00 ? 104 MET A HE3  1 
ATOM 1440 N N    . ARG A 1 105 ? -28.087 -7.020  -8.386  1.00 0.00 ? 105 ARG A N    1 
ATOM 1441 C CA   . ARG A 1 105 ? -29.043 -6.505  -9.388  1.00 0.00 ? 105 ARG A CA   1 
ATOM 1442 C C    . ARG A 1 105 ? -29.250 -7.488  -10.546 1.00 0.00 ? 105 ARG A C    1 
ATOM 1443 O O    . ARG A 1 105 ? -30.380 -7.720  -10.995 1.00 0.00 ? 105 ARG A O    1 
ATOM 1444 C CB   . ARG A 1 105 ? -28.562 -5.175  -9.948  1.00 0.00 ? 105 ARG A CB   1 
ATOM 1445 C CG   . ARG A 1 105 ? -29.477 -4.551  -10.991 1.00 0.00 ? 105 ARG A CG   1 
ATOM 1446 C CD   . ARG A 1 105 ? -28.959 -3.242  -11.463 1.00 0.00 ? 105 ARG A CD   1 
ATOM 1447 N NE   . ARG A 1 105 ? -27.664 -3.372  -12.112 1.00 0.00 ? 105 ARG A NE   1 
ATOM 1448 C CZ   . ARG A 1 105 ? -27.482 -3.804  -13.375 1.00 0.00 ? 105 ARG A CZ   1 
ATOM 1449 N NH1  . ARG A 1 105 ? -28.517 -4.144  -14.109 1.00 0.00 ? 105 ARG A NH1  1 
ATOM 1450 N NH2  . ARG A 1 105 ? -26.262 -3.887  -13.874 1.00 0.00 ? 105 ARG A NH2  1 
ATOM 1451 H H    . ARG A 1 105 ? -27.278 -6.466  -8.149  1.00 0.00 ? 105 ARG A H    1 
ATOM 1452 H HA   . ARG A 1 105 ? -30.012 -6.374  -8.906  1.00 0.00 ? 105 ARG A HA   1 
ATOM 1453 H HB2  . ARG A 1 105 ? -28.452 -4.457  -9.136  1.00 0.00 ? 105 ARG A HB2  1 
ATOM 1454 H HB3  . ARG A 1 105 ? -27.581 -5.305  -10.405 1.00 0.00 ? 105 ARG A HB3  1 
ATOM 1455 H HG2  . ARG A 1 105 ? -29.556 -5.219  -11.850 1.00 0.00 ? 105 ARG A HG2  1 
ATOM 1456 H HG3  . ARG A 1 105 ? -30.466 -4.395  -10.560 1.00 0.00 ? 105 ARG A HG3  1 
ATOM 1457 H HD2  . ARG A 1 105 ? -29.658 -2.811  -12.178 1.00 0.00 ? 105 ARG A HD2  1 
ATOM 1458 H HD3  . ARG A 1 105 ? -28.848 -2.567  -10.614 1.00 0.00 ? 105 ARG A HD3  1 
ATOM 1459 H HE   . ARG A 1 105 ? -26.844 -3.119  -11.578 1.00 0.00 ? 105 ARG A HE   1 
ATOM 1460 H HH11 . ARG A 1 105 ? -29.450 -4.081  -13.727 1.00 0.00 ? 105 ARG A HH11 1 
ATOM 1461 H HH12 . ARG A 1 105 ? -28.381 -4.468  -15.056 1.00 0.00 ? 105 ARG A HH12 1 
ATOM 1462 H HH21 . ARG A 1 105 ? -25.465 -3.626  -13.310 1.00 0.00 ? 105 ARG A HH21 1 
ATOM 1463 H HH22 . ARG A 1 105 ? -26.124 -4.211  -14.821 1.00 0.00 ? 105 ARG A HH22 1 
ATOM 1464 N N    . ALA A 1 106 ? -28.164 -8.071  -11.036 1.00 0.00 ? 106 ALA A N    1 
ATOM 1465 C CA   . ALA A 1 106 ? -28.240 -9.046  -12.110 1.00 0.00 ? 106 ALA A CA   1 
ATOM 1466 C C    . ALA A 1 106 ? -29.087 -10.249 -11.700 1.00 0.00 ? 106 ALA A C    1 
ATOM 1467 O O    . ALA A 1 106 ? -29.918 -10.741 -12.479 1.00 0.00 ? 106 ALA A O    1 
ATOM 1468 C CB   . ALA A 1 106 ? -26.830 -9.492  -12.517 1.00 0.00 ? 106 ALA A CB   1 
ATOM 1469 H H    . ALA A 1 106 ? -27.261 -7.831  -10.652 1.00 0.00 ? 106 ALA A H    1 
ATOM 1470 H HA   . ALA A 1 106 ? -28.724 -8.573  -12.964 1.00 0.00 ? 106 ALA A HA   1 
ATOM 1471 H HB1  . ALA A 1 106 ? -26.897 -10.223 -13.323 1.00 0.00 ? 106 ALA A HB1  1 
ATOM 1472 H HB2  . ALA A 1 106 ? -26.261 -8.627  -12.858 1.00 0.00 ? 106 ALA A HB2  1 
ATOM 1473 H HB3  . ALA A 1 106 ? -26.330 -9.940  -11.661 1.00 0.00 ? 106 ALA A HB3  1 
ATOM 1474 N N    . MET A 1 107 ? -28.880 -10.713 -10.472 1.00 0.00 ? 107 MET A N    1 
ATOM 1475 C CA   . MET A 1 107 ? -29.649 -11.834 -9.948  1.00 0.00 ? 107 MET A CA   1 
ATOM 1476 C C    . MET A 1 107 ? -31.105 -11.445 -9.752  1.00 0.00 ? 107 MET A C    1 
ATOM 1477 O O    . MET A 1 107 ? -32.004 -12.262 -9.955  1.00 0.00 ? 107 MET A O    1 
ATOM 1478 C CB   . MET A 1 107 ? -29.045 -12.327 -8.634  1.00 0.00 ? 107 MET A CB   1 
ATOM 1479 C CG   . MET A 1 107 ? -27.703 -13.029 -8.782  1.00 0.00 ? 107 MET A CG   1 
ATOM 1480 S SD   . MET A 1 107 ? -27.169 -13.836 -7.259  1.00 0.00 ? 107 MET A SD   1 
ATOM 1481 C CE   . MET A 1 107 ? -26.793 -12.413 -6.238  1.00 0.00 ? 107 MET A CE   1 
ATOM 1482 H H    . MET A 1 107 ? -28.178 -10.283 -9.887  1.00 0.00 ? 107 MET A H    1 
ATOM 1483 H HA   . MET A 1 107 ? -29.605 -12.650 -10.670 1.00 0.00 ? 107 MET A HA   1 
ATOM 1484 H HB2  . MET A 1 107 ? -28.908 -11.483 -7.960  1.00 0.00 ? 107 MET A HB2  1 
ATOM 1485 H HB3  . MET A 1 107 ? -29.735 -13.021 -8.154  1.00 0.00 ? 107 MET A HB3  1 
ATOM 1486 H HG2  . MET A 1 107 ? -27.771 -13.784 -9.565  1.00 0.00 ? 107 MET A HG2  1 
ATOM 1487 H HG3  . MET A 1 107 ? -26.943 -12.305 -9.072  1.00 0.00 ? 107 MET A HG3  1 
ATOM 1488 H HE1  . MET A 1 107 ? -26.448 -12.749 -5.260  1.00 0.00 ? 107 MET A HE1  1 
ATOM 1489 H HE2  . MET A 1 107 ? -26.011 -11.819 -6.714  1.00 0.00 ? 107 MET A HE2  1 
ATOM 1490 H HE3  . MET A 1 107 ? -27.690 -11.804 -6.117  1.00 0.00 ? 107 MET A HE3  1 
ATOM 1491 N N    . GLN A 1 108 ? -31.347 -10.203 -9.345  1.00 0.00 ? 108 GLN A N    1 
ATOM 1492 C CA   . GLN A 1 108 ? -32.730 -9.745  -9.224  1.00 0.00 ? 108 GLN A CA   1 
ATOM 1493 C C    . GLN A 1 108 ? -33.404 -9.701  -10.593 1.00 0.00 ? 108 GLN A C    1 
ATOM 1494 O O    . GLN A 1 108 ? -34.561 -10.082 -10.708 1.00 0.00 ? 108 GLN A O    1 
ATOM 1495 C CB   . GLN A 1 108 ? -32.786 -8.363  -8.567  1.00 0.00 ? 108 GLN A CB   1 
ATOM 1496 C CG   . GLN A 1 108 ? -32.412 -8.359  -7.095  1.00 0.00 ? 108 GLN A CG   1 
ATOM 1497 C CD   . GLN A 1 108 ? -32.329 -6.957  -6.522  1.00 0.00 ? 108 GLN A CD   1 
ATOM 1498 O OE1  . GLN A 1 108 ? -32.125 -5.983  -7.254  1.00 0.00 ? 108 GLN A OE1  1 
ATOM 1499 N NE2  . GLN A 1 108 ? -32.486 -6.844  -5.209  1.00 0.00 ? 108 GLN A NE2  1 
ATOM 1500 H H    . GLN A 1 108 ? -30.597 -9.567  -9.116  1.00 0.00 ? 108 GLN A H    1 
ATOM 1501 H HA   . GLN A 1 108 ? -33.283 -10.468 -8.625  1.00 0.00 ? 108 GLN A HA   1 
ATOM 1502 H HB2  . GLN A 1 108 ? -32.110 -7.685  -9.087  1.00 0.00 ? 108 GLN A HB2  1 
ATOM 1503 H HB3  . GLN A 1 108 ? -33.793 -7.957  -8.660  1.00 0.00 ? 108 GLN A HB3  1 
ATOM 1504 H HG2  . GLN A 1 108 ? -33.168 -8.912  -6.537  1.00 0.00 ? 108 GLN A HG2  1 
ATOM 1505 H HG3  . GLN A 1 108 ? -31.438 -8.834  -6.977  1.00 0.00 ? 108 GLN A HG3  1 
ATOM 1506 H HE21 . GLN A 1 108 ? -32.443 -5.944  -4.774  1.00 0.00 ? 108 GLN A HE21 1 
ATOM 1507 H HE22 . GLN A 1 108 ? -32.649 -7.659  -4.653  1.00 0.00 ? 108 GLN A HE22 1 
ATOM 1508 N N    . GLU A 1 109 ? -32.707 -9.286  -11.648 1.00 0.00 ? 109 GLU A N    1 
ATOM 1509 C CA   . GLU A 1 109 ? -33.361 -9.325  -12.958 1.00 0.00 ? 109 GLU A CA   1 
ATOM 1510 C C    . GLU A 1 109 ? -33.601 -10.766 -13.440 1.00 0.00 ? 109 GLU A C    1 
ATOM 1511 O O    . GLU A 1 109 ? -34.590 -11.034 -14.113 1.00 0.00 ? 109 GLU A O    1 
ATOM 1512 C CB   . GLU A 1 109 ? -32.520 -8.568  -13.987 1.00 0.00 ? 109 GLU A CB   1 
ATOM 1513 C CG   . GLU A 1 109 ? -32.427 -7.068  -13.744 1.00 0.00 ? 109 GLU A CG   1 
ATOM 1514 C CD   . GLU A 1 109 ? -33.765 -6.384  -13.794 1.00 0.00 ? 109 GLU A CD   1 
ATOM 1515 O OE1  . GLU A 1 109 ? -34.505 -6.634  -14.714 1.00 0.00 ? 109 GLU A OE1  1 
ATOM 1516 O OE2  . GLU A 1 109 ? -34.048 -5.612  -12.909 1.00 0.00 ? 109 GLU A OE2  1 
ATOM 1517 H H    . GLU A 1 109 ? -31.757 -8.949  -11.582 1.00 0.00 ? 109 GLU A H    1 
ATOM 1518 H HA   . GLU A 1 109 ? -34.342 -8.858  -12.869 1.00 0.00 ? 109 GLU A HA   1 
ATOM 1519 H HB2  . GLU A 1 109 ? -31.506 -8.968  -13.994 1.00 0.00 ? 109 GLU A HB2  1 
ATOM 1520 H HB3  . GLU A 1 109 ? -32.938 -8.720  -14.982 1.00 0.00 ? 109 GLU A HB3  1 
ATOM 1521 H HG2  . GLU A 1 109 ? -31.981 -6.896  -12.765 1.00 0.00 ? 109 GLU A HG2  1 
ATOM 1522 H HG3  . GLU A 1 109 ? -31.772 -6.629  -14.495 1.00 0.00 ? 109 GLU A HG3  1 
ATOM 1523 N N    . GLY A 1 110 ? -32.698 -11.683 -13.099 1.00 0.00 ? 110 GLY A N    1 
ATOM 1524 C CA   . GLY A 1 110 ? -32.899 -13.091 -13.373 1.00 0.00 ? 110 GLY A CA   1 
ATOM 1525 C C    . GLY A 1 110 ? -34.129 -13.621 -12.659 1.00 0.00 ? 110 GLY A C    1 
ATOM 1526 O O    . GLY A 1 110 ? -34.911 -14.388 -13.218 1.00 0.00 ? 110 GLY A O    1 
ATOM 1527 H H    . GLY A 1 110 ? -31.850 -11.387 -12.637 1.00 0.00 ? 110 GLY A H    1 
ATOM 1528 H HA2  . GLY A 1 110 ? -33.004 -13.242 -14.448 1.00 0.00 ? 110 GLY A HA2  1 
ATOM 1529 H HA3  . GLY A 1 110 ? -32.020 -13.652 -13.055 1.00 0.00 ? 110 GLY A HA3  1 
ATOM 1530 N N    . ALA A 1 111 ? -34.301 -13.211 -11.408 1.00 0.00 ? 111 ALA A N    1 
ATOM 1531 C CA   . ALA A 1 111 ? -35.490 -13.590 -10.648 1.00 0.00 ? 111 ALA A CA   1 
ATOM 1532 C C    . ALA A 1 111 ? -36.747 -13.053 -11.321 1.00 0.00 ? 111 ALA A C    1 
ATOM 1533 O O    . ALA A 1 111 ? -37.764 -13.751 -11.391 1.00 0.00 ? 111 ALA A O    1 
ATOM 1534 C CB   . ALA A 1 111 ? -35.397 -13.085 -9.211  1.00 0.00 ? 111 ALA A CB   1 
ATOM 1535 H H    . ALA A 1 111 ? -33.601 -12.628 -10.971 1.00 0.00 ? 111 ALA A H    1 
ATOM 1536 H HA   . ALA A 1 111 ? -35.549 -14.678 -10.633 1.00 0.00 ? 111 ALA A HA   1 
ATOM 1537 H HB1  . ALA A 1 111 ? -36.291 -13.378 -8.664  1.00 0.00 ? 111 ALA A HB1  1 
ATOM 1538 H HB2  . ALA A 1 111 ? -34.518 -13.518 -8.730  1.00 0.00 ? 111 ALA A HB2  1 
ATOM 1539 H HB3  . ALA A 1 111 ? -35.311 -12.000 -9.213  1.00 0.00 ? 111 ALA A HB3  1 
ATOM 1540 N N    . LYS A 1 112 ? -36.682 -11.825 -11.829 1.00 0.00 ? 112 LYS A N    1 
ATOM 1541 C CA   . LYS A 1 112 ? -37.821 -11.250 -12.551 1.00 0.00 ? 112 LYS A CA   1 
ATOM 1542 C C    . LYS A 1 112 ? -38.188 -12.084 -13.782 1.00 0.00 ? 112 LYS A C    1 
ATOM 1543 O O    . LYS A 1 112 ? -39.380 -12.284 -14.087 1.00 0.00 ? 112 LYS A O    1 
ATOM 1544 C CB   . LYS A 1 112 ? -37.518 -9.809  -12.967 1.00 0.00 ? 112 LYS A CB   1 
ATOM 1545 C CG   . LYS A 1 112 ? -37.460 -8.820  -11.811 1.00 0.00 ? 112 LYS A CG   1 
ATOM 1546 C CD   . LYS A 1 112 ? -37.092 -7.425  -12.295 1.00 0.00 ? 112 LYS A CD   1 
ATOM 1547 C CE   . LYS A 1 112 ? -36.919 -6.463  -11.130 1.00 0.00 ? 112 LYS A CE   1 
ATOM 1548 N NZ   . LYS A 1 112 ? -36.486 -5.113  -11.583 1.00 0.00 ? 112 LYS A NZ   1 
ATOM 1549 H H    . LYS A 1 112 ? -35.841 -11.275 -11.720 1.00 0.00 ? 112 LYS A H    1 
ATOM 1550 H HA   . LYS A 1 112 ? -38.686 -11.249 -11.888 1.00 0.00 ? 112 LYS A HA   1 
ATOM 1551 H HB2  . LYS A 1 112 ? -36.559 -9.775  -13.486 1.00 0.00 ? 112 LYS A HB2  1 
ATOM 1552 H HB3  . LYS A 1 112 ? -38.281 -9.465  -13.665 1.00 0.00 ? 112 LYS A HB3  1 
ATOM 1553 H HG2  . LYS A 1 112 ? -38.432 -8.780  -11.318 1.00 0.00 ? 112 LYS A HG2  1 
ATOM 1554 H HG3  . LYS A 1 112 ? -36.718 -9.152  -11.085 1.00 0.00 ? 112 LYS A HG3  1 
ATOM 1555 H HD2  . LYS A 1 112 ? -36.160 -7.471  -12.860 1.00 0.00 ? 112 LYS A HD2  1 
ATOM 1556 H HD3  . LYS A 1 112 ? -37.876 -7.049  -12.951 1.00 0.00 ? 112 LYS A HD3  1 
ATOM 1557 H HE2  . LYS A 1 112 ? -37.863 -6.366  -10.594 1.00 0.00 ? 112 LYS A HE2  1 
ATOM 1558 H HE3  . LYS A 1 112 ? -36.174 -6.856  -10.440 1.00 0.00 ? 112 LYS A HE3  1 
ATOM 1559 H HZ1  . LYS A 1 112 ? -36.383 -4.505  -10.783 1.00 0.00 ? 112 LYS A HZ1  1 
ATOM 1560 H HZ2  . LYS A 1 112 ? -35.602 -5.187  -12.066 1.00 0.00 ? 112 LYS A HZ2  1 
ATOM 1561 H HZ3  . LYS A 1 112 ? -37.180 -4.729  -12.209 1.00 0.00 ? 112 LYS A HZ3  1 
ATOM 1562 N N    . ALA A 1 113 ? -37.170 -12.579 -14.488 1.00 0.00 ? 113 ALA A N    1 
ATOM 1563 C CA   . ALA A 1 113 ? -37.383 -13.447 -15.636 1.00 0.00 ? 113 ALA A CA   1 
ATOM 1564 C C    . ALA A 1 113 ? -38.078 -14.733 -15.206 1.00 0.00 ? 113 ALA A C    1 
ATOM 1565 O O    . ALA A 1 113 ? -38.964 -15.216 -15.893 1.00 0.00 ? 113 ALA A O    1 
ATOM 1566 C CB   . ALA A 1 113 ? -36.059 -13.767 -16.336 1.00 0.00 ? 113 ALA A CB   1 
ATOM 1567 H H    . ALA A 1 113 ? -36.225 -12.345 -14.218 1.00 0.00 ? 113 ALA A H    1 
ATOM 1568 H HA   . ALA A 1 113 ? -38.032 -12.925 -16.339 1.00 0.00 ? 113 ALA A HA   1 
ATOM 1569 H HB1  . ALA A 1 113 ? -36.247 -14.417 -17.191 1.00 0.00 ? 113 ALA A HB1  1 
ATOM 1570 H HB2  . ALA A 1 113 ? -35.596 -12.841 -16.679 1.00 0.00 ? 113 ALA A HB2  1 
ATOM 1571 H HB3  . ALA A 1 113 ? -35.390 -14.269 -15.639 1.00 0.00 ? 113 ALA A HB3  1 
ATOM 1572 N N    . MET A 1 114 ? -37.665 -15.283 -14.067 1.00 0.00 ? 114 MET A N    1 
ATOM 1573 C CA   . MET A 1 114 ? -38.278 -16.505 -13.548 1.00 0.00 ? 114 MET A CA   1 
ATOM 1574 C C    . MET A 1 114 ? -39.726 -16.251 -13.133 1.00 0.00 ? 114 MET A C    1 
ATOM 1575 O O    . MET A 1 114 ? -40.601 -17.098 -13.322 1.00 0.00 ? 114 MET A O    1 
ATOM 1576 C CB   . MET A 1 114 ? -37.470 -17.046 -12.371 1.00 0.00 ? 114 MET A CB   1 
ATOM 1577 C CG   . MET A 1 114 ? -36.106 -17.608 -12.748 1.00 0.00 ? 114 MET A CG   1 
ATOM 1578 S SD   . MET A 1 114 ? -36.214 -18.934 -13.966 1.00 0.00 ? 114 MET A SD   1 
ATOM 1579 C CE   . MET A 1 114 ? -37.121 -20.170 -13.042 1.00 0.00 ? 114 MET A CE   1 
ATOM 1580 H H    . MET A 1 114 ? -36.913 -14.852 -13.548 1.00 0.00 ? 114 MET A H    1 
ATOM 1581 H HA   . MET A 1 114 ? -38.279 -17.255 -14.339 1.00 0.00 ? 114 MET A HA   1 
ATOM 1582 H HB2  . MET A 1 114 ? -37.313 -16.252 -11.642 1.00 0.00 ? 114 MET A HB2  1 
ATOM 1583 H HB3  . MET A 1 114 ? -38.033 -17.838 -11.876 1.00 0.00 ? 114 MET A HB3  1 
ATOM 1584 H HG2  . MET A 1 114 ? -35.486 -16.811 -13.158 1.00 0.00 ? 114 MET A HG2  1 
ATOM 1585 H HG3  . MET A 1 114 ? -35.615 -17.998 -11.857 1.00 0.00 ? 114 MET A HG3  1 
ATOM 1586 H HE1  . MET A 1 114 ? -37.266 -21.054 -13.664 1.00 0.00 ? 114 MET A HE1  1 
ATOM 1587 H HE2  . MET A 1 114 ? -36.557 -20.443 -12.148 1.00 0.00 ? 114 MET A HE2  1 
ATOM 1588 H HE3  . MET A 1 114 ? -38.091 -19.767 -12.751 1.00 0.00 ? 114 MET A HE3  1 
ATOM 1589 N N    . LYS A 1 115 ? -39.976 -15.077 -12.565 1.00 0.00 ? 115 LYS A N    1 
ATOM 1590 C CA   . LYS A 1 115 ? -41.330 -14.694 -12.188 1.00 0.00 ? 115 LYS A CA   1 
ATOM 1591 C C    . LYS A 1 115 ? -42.232 -14.642 -13.415 1.00 0.00 ? 115 LYS A C    1 
ATOM 1592 O O    . LYS A 1 115 ? -43.371 -15.100 -13.371 1.00 0.00 ? 115 LYS A O    1 
ATOM 1593 C CB   . LYS A 1 115 ? -41.329 -13.343 -11.472 1.00 0.00 ? 115 LYS A CB   1 
ATOM 1594 C CG   . LYS A 1 115 ? -40.741 -13.376 -10.067 1.00 0.00 ? 115 LYS A CG   1 
ATOM 1595 C CD   . LYS A 1 115 ? -40.737 -11.991 -9.437  1.00 0.00 ? 115 LYS A CD   1 
ATOM 1596 C CE   . LYS A 1 115 ? -40.142 -12.020 -8.038  1.00 0.00 ? 115 LYS A CE   1 
ATOM 1597 N NZ   . LYS A 1 115 ? -40.138 -10.673 -7.406  1.00 0.00 ? 115 LYS A NZ   1 
ATOM 1598 H H    . LYS A 1 115 ? -39.217 -14.435 -12.389 1.00 0.00 ? 115 LYS A H    1 
ATOM 1599 H HA   . LYS A 1 115 ? -41.728 -15.452 -11.511 1.00 0.00 ? 115 LYS A HA   1 
ATOM 1600 H HB2  . LYS A 1 115 ? -40.758 -12.621 -12.056 1.00 0.00 ? 115 LYS A HB2  1 
ATOM 1601 H HB3  . LYS A 1 115 ? -42.350 -12.969 -11.398 1.00 0.00 ? 115 LYS A HB3  1 
ATOM 1602 H HG2  . LYS A 1 115 ? -41.330 -14.048 -9.442  1.00 0.00 ? 115 LYS A HG2  1 
ATOM 1603 H HG3  . LYS A 1 115 ? -39.719 -13.749 -10.109 1.00 0.00 ? 115 LYS A HG3  1 
ATOM 1604 H HD2  . LYS A 1 115 ? -40.152 -11.310 -10.057 1.00 0.00 ? 115 LYS A HD2  1 
ATOM 1605 H HD3  . LYS A 1 115 ? -41.758 -11.614 -9.380  1.00 0.00 ? 115 LYS A HD3  1 
ATOM 1606 H HE2  . LYS A 1 115 ? -40.718 -12.700 -7.412  1.00 0.00 ? 115 LYS A HE2  1 
ATOM 1607 H HE3  . LYS A 1 115 ? -39.117 -12.387 -8.085  1.00 0.00 ? 115 LYS A HE3  1 
ATOM 1608 H HZ1  . LYS A 1 115 ? -39.736 -10.734 -6.481  1.00 0.00 ? 115 LYS A HZ1  1 
ATOM 1609 H HZ2  . LYS A 1 115 ? -39.590 -10.037 -7.969  1.00 0.00 ? 115 LYS A HZ2  1 
ATOM 1610 H HZ3  . LYS A 1 115 ? -41.085 -10.329 -7.338  1.00 0.00 ? 115 LYS A HZ3  1 
ATOM 1611 N N    . THR A 1 116 ? -41.710 -14.099 -14.511 1.00 0.00 ? 116 THR A N    1 
ATOM 1612 C CA   . THR A 1 116 ? -42.413 -14.109 -15.798 1.00 0.00 ? 116 THR A CA   1 
ATOM 1613 C C    . THR A 1 116 ? -42.645 -15.524 -16.341 1.00 0.00 ? 116 THR A C    1 
ATOM 1614 O O    . THR A 1 116 ? -43.716 -15.825 -16.874 1.00 0.00 ? 116 THR A O    1 
ATOM 1615 C CB   . THR A 1 116 ? -41.639 -13.287 -16.844 1.00 0.00 ? 116 THR A CB   1 
ATOM 1616 O OG1  . THR A 1 116 ? -41.544 -11.923 -16.410 1.00 0.00 ? 116 THR A OG1  1 
ATOM 1617 C CG2  . THR A 1 116 ? -42.345 -13.337 -18.191 1.00 0.00 ? 116 THR A CG2  1 
ATOM 1618 H H    . THR A 1 116 ? -40.799 -13.666 -14.451 1.00 0.00 ? 116 THR A H    1 
ATOM 1619 H HA   . THR A 1 116 ? -43.394 -13.655 -15.660 1.00 0.00 ? 116 THR A HA   1 
ATOM 1620 H HB   . THR A 1 116 ? -40.633 -13.689 -16.953 1.00 0.00 ? 116 THR A HB   1 
ATOM 1621 H HG1  . THR A 1 116 ? -40.905 -11.860 -15.696 1.00 0.00 ? 116 THR A HG1  1 
ATOM 1622 H HG21 . THR A 1 116 ? -41.783 -12.750 -18.918 1.00 0.00 ? 116 THR A HG21 1 
ATOM 1623 H HG22 . THR A 1 116 ? -42.408 -14.371 -18.530 1.00 0.00 ? 116 THR A HG22 1 
ATOM 1624 H HG23 . THR A 1 116 ? -43.348 -12.927 -18.092 1.00 0.00 ? 116 THR A HG23 1 
ATOM 1625 N N    . ILE A 1 117 ? -41.649 -16.392 -16.212 1.00 0.00 ? 117 ILE A N    1 
ATOM 1626 C CA   . ILE A 1 117 ? -41.814 -17.783 -16.630 1.00 0.00 ? 117 ILE A CA   1 
ATOM 1627 C C    . ILE A 1 117 ? -42.919 -18.487 -15.839 1.00 0.00 ? 117 ILE A C    1 
ATOM 1628 O O    . ILE A 1 117 ? -43.733 -19.222 -16.400 1.00 0.00 ? 117 ILE A O    1 
ATOM 1629 C CB   . ILE A 1 117 ? -40.495 -18.559 -16.467 1.00 0.00 ? 117 ILE A CB   1 
ATOM 1630 C CG1  . ILE A 1 117 ? -39.455 -18.062 -17.475 1.00 0.00 ? 117 ILE A CG1  1 
ATOM 1631 C CG2  . ILE A 1 117 ? -40.732 -20.052 -16.633 1.00 0.00 ? 117 ILE A CG2  1 
ATOM 1632 C CD1  . ILE A 1 117 ? -38.052 -18.552 -17.196 1.00 0.00 ? 117 ILE A CD1  1 
ATOM 1633 H H    . ILE A 1 117 ? -40.766 -16.096 -15.822 1.00 0.00 ? 117 ILE A H    1 
ATOM 1634 H HA   . ILE A 1 117 ? -42.104 -17.796 -17.679 1.00 0.00 ? 117 ILE A HA   1 
ATOM 1635 H HB   . ILE A 1 117 ? -40.084 -18.373 -15.474 1.00 0.00 ? 117 ILE A HB   1 
ATOM 1636 H HG12 . ILE A 1 117 ? -39.736 -18.385 -18.477 1.00 0.00 ? 117 ILE A HG12 1 
ATOM 1637 H HG13 . ILE A 1 117 ? -39.441 -16.972 -17.475 1.00 0.00 ? 117 ILE A HG13 1 
ATOM 1638 H HG21 . ILE A 1 117 ? -39.788 -20.585 -16.515 1.00 0.00 ? 117 ILE A HG21 1 
ATOM 1639 H HG22 . ILE A 1 117 ? -41.439 -20.394 -15.878 1.00 0.00 ? 117 ILE A HG22 1 
ATOM 1640 H HG23 . ILE A 1 117 ? -41.138 -20.247 -17.626 1.00 0.00 ? 117 ILE A HG23 1 
ATOM 1641 H HD11 . ILE A 1 117 ? -37.373 -18.158 -17.952 1.00 0.00 ? 117 ILE A HD11 1 
ATOM 1642 H HD12 . ILE A 1 117 ? -37.735 -18.210 -16.211 1.00 0.00 ? 117 ILE A HD12 1 
ATOM 1643 H HD13 . ILE A 1 117 ? -38.035 -19.641 -17.226 1.00 0.00 ? 117 ILE A HD13 1 
ATOM 1644 N N    . HIS A 1 118 ? -42.956 -18.248 -14.533 1.00 0.00 ? 118 HIS A N    1 
ATOM 1645 C CA   . HIS A 1 118 ? -43.939 -18.907 -13.681 1.00 0.00 ? 118 HIS A CA   1 
ATOM 1646 C C    . HIS A 1 118 ? -45.312 -18.273 -13.836 1.00 0.00 ? 118 HIS A C    1 
ATOM 1647 O O    . HIS A 1 118 ? -46.330 -18.944 -13.681 1.00 0.00 ? 118 HIS A O    1 
ATOM 1648 C CB   . HIS A 1 118 ? -43.510 -18.851 -12.211 1.00 0.00 ? 118 HIS A CB   1 
ATOM 1649 C CG   . HIS A 1 118 ? -42.327 -19.713 -11.897 1.00 0.00 ? 118 HIS A CG   1 
ATOM 1650 N ND1  . HIS A 1 118 ? -42.338 -21.082 -12.065 1.00 0.00 ? 118 HIS A ND1  1 
ATOM 1651 C CD2  . HIS A 1 118 ? -41.096 -19.402 -11.425 1.00 0.00 ? 118 HIS A CD2  1 
ATOM 1652 C CE1  . HIS A 1 118 ? -41.165 -21.576 -11.709 1.00 0.00 ? 118 HIS A CE1  1 
ATOM 1653 N NE2  . HIS A 1 118 ? -40.394 -20.577 -11.318 1.00 0.00 ? 118 HIS A NE2  1 
ATOM 1654 H H    . HIS A 1 118 ? -42.299 -17.604 -14.118 1.00 0.00 ? 118 HIS A H    1 
ATOM 1655 H HA   . HIS A 1 118 ? -44.039 -19.950 -13.980 1.00 0.00 ? 118 HIS A HA   1 
ATOM 1656 H HB2  . HIS A 1 118 ? -43.264 -17.823 -11.942 1.00 0.00 ? 118 HIS A HB2  1 
ATOM 1657 H HB3  . HIS A 1 118 ? -44.338 -19.165 -11.578 1.00 0.00 ? 118 HIS A HB3  1 
ATOM 1658 H HD1  . HIS A 1 118 ? -43.077 -21.622 -12.470 1.00 0.00 ? 118 HIS A HD1  1 
ATOM 1659 H HD2  . HIS A 1 118 ? -40.628 -18.458 -11.146 1.00 0.00 ? 118 HIS A HD2  1 
ATOM 1660 H HE1  . HIS A 1 118 ? -40.972 -22.647 -11.770 1.00 0.00 ? 118 HIS A HE1  1 
ATOM 1661 N N    . SER A 1 119 ? -45.331 -16.983 -14.151 1.00 0.00 ? 119 SER A N    1 
ATOM 1662 C CA   . SER A 1 119 ? -46.585 -16.270 -14.355 1.00 0.00 ? 119 SER A CA   1 
ATOM 1663 C C    . SER A 1 119 ? -47.021 -16.441 -15.804 1.00 0.00 ? 119 SER A C    1 
ATOM 1664 O O    . SER A 1 119 ? -47.838 -15.671 -16.312 1.00 0.00 ? 119 SER A O    1 
ATOM 1665 C CB   . SER A 1 119 ? -46.426 -14.799 -14.021 1.00 0.00 ? 119 SER A CB   1 
ATOM 1666 O OG   . SER A 1 119 ? -47.595 -14.088 -14.318 1.00 0.00 ? 119 SER A OG   1 
ATOM 1667 H H    . SER A 1 119 ? -44.459 -16.484 -14.252 1.00 0.00 ? 119 SER A H    1 
ATOM 1668 H HA   . SER A 1 119 ? -47.340 -16.702 -13.697 1.00 0.00 ? 119 SER A HA   1 
ATOM 1669 H HB2  . SER A 1 119 ? -46.191 -14.690 -12.962 1.00 0.00 ? 119 SER A HB2  1 
ATOM 1670 H HB3  . SER A 1 119 ? -45.591 -14.386 -14.585 1.00 0.00 ? 119 SER A HB3  1 
ATOM 1671 H HG   . SER A 1 119 ? -47.347 -13.434 -14.976 1.00 0.00 ? 119 SER A HG   1 
# 
